data_2ASR
# 
_entry.id   2ASR 
# 
_audit_conform.dict_name       mmcif_pdbx.dic 
_audit_conform.dict_version    5.387 
_audit_conform.dict_location   http://mmcif.pdb.org/dictionaries/ascii/mmcif_pdbx.dic 
# 
loop_
_database_2.database_id 
_database_2.database_code 
_database_2.pdbx_database_accession 
_database_2.pdbx_DOI 
PDB   2ASR         pdb_00002asr 10.2210/pdb2asr/pdb 
WWPDB D_1000177778 ?            ?                   
# 
loop_
_pdbx_audit_revision_history.ordinal 
_pdbx_audit_revision_history.data_content_type 
_pdbx_audit_revision_history.major_revision 
_pdbx_audit_revision_history.minor_revision 
_pdbx_audit_revision_history.revision_date 
1 'Structure model' 1 0 1994-11-01 
2 'Structure model' 1 1 2008-03-24 
3 'Structure model' 1 2 2011-07-13 
4 'Structure model' 1 3 2024-02-14 
# 
_pdbx_audit_revision_details.ordinal             1 
_pdbx_audit_revision_details.revision_ordinal    1 
_pdbx_audit_revision_details.data_content_type   'Structure model' 
_pdbx_audit_revision_details.provider            repository 
_pdbx_audit_revision_details.type                'Initial release' 
_pdbx_audit_revision_details.description         ? 
_pdbx_audit_revision_details.details             ? 
# 
loop_
_pdbx_audit_revision_group.ordinal 
_pdbx_audit_revision_group.revision_ordinal 
_pdbx_audit_revision_group.data_content_type 
_pdbx_audit_revision_group.group 
1 2 'Structure model' 'Version format compliance' 
2 3 'Structure model' 'Derived calculations'      
3 3 'Structure model' 'Version format compliance' 
4 4 'Structure model' 'Data collection'           
5 4 'Structure model' 'Database references'       
6 4 'Structure model' 'Derived calculations'      
7 4 'Structure model' Other                       
# 
loop_
_pdbx_audit_revision_category.ordinal 
_pdbx_audit_revision_category.revision_ordinal 
_pdbx_audit_revision_category.data_content_type 
_pdbx_audit_revision_category.category 
1 4 'Structure model' chem_comp_atom       
2 4 'Structure model' chem_comp_bond       
3 4 'Structure model' database_2           
4 4 'Structure model' pdbx_database_status 
5 4 'Structure model' struct_site          
# 
loop_
_pdbx_audit_revision_item.ordinal 
_pdbx_audit_revision_item.revision_ordinal 
_pdbx_audit_revision_item.data_content_type 
_pdbx_audit_revision_item.item 
1 4 'Structure model' '_database_2.pdbx_DOI'                
2 4 'Structure model' '_database_2.pdbx_database_accession' 
3 4 'Structure model' '_pdbx_database_status.process_site'  
4 4 'Structure model' '_struct_site.pdbx_auth_asym_id'      
5 4 'Structure model' '_struct_site.pdbx_auth_comp_id'      
6 4 'Structure model' '_struct_site.pdbx_auth_seq_id'       
# 
_pdbx_database_status.status_code                     REL 
_pdbx_database_status.entry_id                        2ASR 
_pdbx_database_status.recvd_initial_deposition_date   1994-08-23 
_pdbx_database_status.deposit_site                    ? 
_pdbx_database_status.process_site                    BNL 
_pdbx_database_status.status_code_sf                  REL 
_pdbx_database_status.status_code_mr                  ? 
_pdbx_database_status.SG_entry                        . 
_pdbx_database_status.pdb_format_compatible           Y 
_pdbx_database_status.status_code_cs                  ? 
_pdbx_database_status.status_code_nmr_data            ? 
_pdbx_database_status.methods_development_category    ? 
# 
loop_
_audit_author.name 
_audit_author.pdbx_ordinal 
'Bowie, J.U.'  1 
'Pakula, A.A.' 2 
'Simon, M.I.'  3 
# 
_citation.id                        primary 
_citation.title                     'The three-dimensional structure of the aspartate receptor from Escherichia coli.' 
_citation.journal_abbrev            'Acta Crystallogr.,Sect.D' 
_citation.journal_volume            51 
_citation.page_first                145 
_citation.page_last                 154 
_citation.year                      1995 
_citation.journal_id_ASTM           ABCRE6 
_citation.country                   DK 
_citation.journal_id_ISSN           0907-4449 
_citation.journal_id_CSD            0766 
_citation.book_publisher            ? 
_citation.pdbx_database_id_PubMed   15299315 
_citation.pdbx_database_id_DOI      10.1107/S0907444994010498 
# 
loop_
_citation_author.citation_id 
_citation_author.name 
_citation_author.ordinal 
_citation_author.identifier_ORCID 
primary 'Bowie, J.U.'  1 ? 
primary 'Pakula, A.A.' 2 ? 
primary 'Simon, M.I.'  3 ? 
# 
loop_
_entity.id 
_entity.type 
_entity.src_method 
_entity.pdbx_description 
_entity.formula_weight 
_entity.pdbx_number_of_molecules 
_entity.pdbx_ec 
_entity.pdbx_mutation 
_entity.pdbx_fragment 
_entity.details 
1 polymer     man 'ASPARTATE RECEPTOR' 16277.374 1   ? ? ? ? 
2 non-polymer syn 'SULFATE ION'        96.063    2   ? ? ? ? 
3 water       nat water                18.015    108 ? ? ? ? 
# 
_entity_poly.entity_id                      1 
_entity_poly.type                           'polypeptide(L)' 
_entity_poly.nstd_linkage                   no 
_entity_poly.nstd_monomer                   no 
_entity_poly.pdbx_seq_one_letter_code       
;KSFVVSNQLREQQGELTSTWDLMLQTRINLSRSAVRMMMDSSNQQSNAKVELLDSARKTLAQAATHYKKFKSMAPLPEMV
ATSRNIDEKYKNYYTALTELIDYLDYGNTGAYFAQPTQGMQNAMGERFAQYALSSEKLYRDI
;
_entity_poly.pdbx_seq_one_letter_code_can   
;KSFVVSNQLREQQGELTSTWDLMLQTRINLSRSAVRMMMDSSNQQSNAKVELLDSARKTLAQAATHYKKFKSMAPLPEMV
ATSRNIDEKYKNYYTALTELIDYLDYGNTGAYFAQPTQGMQNAMGERFAQYALSSEKLYRDI
;
_entity_poly.pdbx_strand_id                 A 
_entity_poly.pdbx_target_identifier         ? 
# 
loop_
_pdbx_entity_nonpoly.entity_id 
_pdbx_entity_nonpoly.name 
_pdbx_entity_nonpoly.comp_id 
2 'SULFATE ION' SO4 
3 water         HOH 
# 
loop_
_entity_poly_seq.entity_id 
_entity_poly_seq.num 
_entity_poly_seq.mon_id 
_entity_poly_seq.hetero 
1 1   LYS n 
1 2   SER n 
1 3   PHE n 
1 4   VAL n 
1 5   VAL n 
1 6   SER n 
1 7   ASN n 
1 8   GLN n 
1 9   LEU n 
1 10  ARG n 
1 11  GLU n 
1 12  GLN n 
1 13  GLN n 
1 14  GLY n 
1 15  GLU n 
1 16  LEU n 
1 17  THR n 
1 18  SER n 
1 19  THR n 
1 20  TRP n 
1 21  ASP n 
1 22  LEU n 
1 23  MET n 
1 24  LEU n 
1 25  GLN n 
1 26  THR n 
1 27  ARG n 
1 28  ILE n 
1 29  ASN n 
1 30  LEU n 
1 31  SER n 
1 32  ARG n 
1 33  SER n 
1 34  ALA n 
1 35  VAL n 
1 36  ARG n 
1 37  MET n 
1 38  MET n 
1 39  MET n 
1 40  ASP n 
1 41  SER n 
1 42  SER n 
1 43  ASN n 
1 44  GLN n 
1 45  GLN n 
1 46  SER n 
1 47  ASN n 
1 48  ALA n 
1 49  LYS n 
1 50  VAL n 
1 51  GLU n 
1 52  LEU n 
1 53  LEU n 
1 54  ASP n 
1 55  SER n 
1 56  ALA n 
1 57  ARG n 
1 58  LYS n 
1 59  THR n 
1 60  LEU n 
1 61  ALA n 
1 62  GLN n 
1 63  ALA n 
1 64  ALA n 
1 65  THR n 
1 66  HIS n 
1 67  TYR n 
1 68  LYS n 
1 69  LYS n 
1 70  PHE n 
1 71  LYS n 
1 72  SER n 
1 73  MET n 
1 74  ALA n 
1 75  PRO n 
1 76  LEU n 
1 77  PRO n 
1 78  GLU n 
1 79  MET n 
1 80  VAL n 
1 81  ALA n 
1 82  THR n 
1 83  SER n 
1 84  ARG n 
1 85  ASN n 
1 86  ILE n 
1 87  ASP n 
1 88  GLU n 
1 89  LYS n 
1 90  TYR n 
1 91  LYS n 
1 92  ASN n 
1 93  TYR n 
1 94  TYR n 
1 95  THR n 
1 96  ALA n 
1 97  LEU n 
1 98  THR n 
1 99  GLU n 
1 100 LEU n 
1 101 ILE n 
1 102 ASP n 
1 103 TYR n 
1 104 LEU n 
1 105 ASP n 
1 106 TYR n 
1 107 GLY n 
1 108 ASN n 
1 109 THR n 
1 110 GLY n 
1 111 ALA n 
1 112 TYR n 
1 113 PHE n 
1 114 ALA n 
1 115 GLN n 
1 116 PRO n 
1 117 THR n 
1 118 GLN n 
1 119 GLY n 
1 120 MET n 
1 121 GLN n 
1 122 ASN n 
1 123 ALA n 
1 124 MET n 
1 125 GLY n 
1 126 GLU n 
1 127 ARG n 
1 128 PHE n 
1 129 ALA n 
1 130 GLN n 
1 131 TYR n 
1 132 ALA n 
1 133 LEU n 
1 134 SER n 
1 135 SER n 
1 136 GLU n 
1 137 LYS n 
1 138 LEU n 
1 139 TYR n 
1 140 ARG n 
1 141 ASP n 
1 142 ILE n 
# 
_entity_src_gen.entity_id                          1 
_entity_src_gen.pdbx_src_id                        1 
_entity_src_gen.pdbx_alt_source_flag               sample 
_entity_src_gen.pdbx_seq_type                      ? 
_entity_src_gen.pdbx_beg_seq_num                   ? 
_entity_src_gen.pdbx_end_seq_num                   ? 
_entity_src_gen.gene_src_common_name               ? 
_entity_src_gen.gene_src_genus                     Escherichia 
_entity_src_gen.pdbx_gene_src_gene                 ? 
_entity_src_gen.gene_src_species                   ? 
_entity_src_gen.gene_src_strain                    ? 
_entity_src_gen.gene_src_tissue                    ? 
_entity_src_gen.gene_src_tissue_fraction           ? 
_entity_src_gen.gene_src_details                   ? 
_entity_src_gen.pdbx_gene_src_fragment             ? 
_entity_src_gen.pdbx_gene_src_scientific_name      'Escherichia coli' 
_entity_src_gen.pdbx_gene_src_ncbi_taxonomy_id     562 
_entity_src_gen.pdbx_gene_src_variant              ? 
_entity_src_gen.pdbx_gene_src_cell_line            ? 
_entity_src_gen.pdbx_gene_src_atcc                 ? 
_entity_src_gen.pdbx_gene_src_organ                ? 
_entity_src_gen.pdbx_gene_src_organelle            ? 
_entity_src_gen.pdbx_gene_src_cell                 ? 
_entity_src_gen.pdbx_gene_src_cellular_location    ? 
_entity_src_gen.host_org_common_name               ? 
_entity_src_gen.pdbx_host_org_scientific_name      ? 
_entity_src_gen.pdbx_host_org_ncbi_taxonomy_id     ? 
_entity_src_gen.host_org_genus                     ? 
_entity_src_gen.pdbx_host_org_gene                 ? 
_entity_src_gen.pdbx_host_org_organ                ? 
_entity_src_gen.host_org_species                   ? 
_entity_src_gen.pdbx_host_org_tissue               ? 
_entity_src_gen.pdbx_host_org_tissue_fraction      ? 
_entity_src_gen.pdbx_host_org_strain               ? 
_entity_src_gen.pdbx_host_org_variant              ? 
_entity_src_gen.pdbx_host_org_cell_line            ? 
_entity_src_gen.pdbx_host_org_atcc                 ? 
_entity_src_gen.pdbx_host_org_culture_collection   ? 
_entity_src_gen.pdbx_host_org_cell                 ? 
_entity_src_gen.pdbx_host_org_organelle            ? 
_entity_src_gen.pdbx_host_org_cellular_location    ? 
_entity_src_gen.pdbx_host_org_vector_type          ? 
_entity_src_gen.pdbx_host_org_vector               ? 
_entity_src_gen.host_org_details                   ? 
_entity_src_gen.expression_system_id               ? 
_entity_src_gen.plasmid_name                       ? 
_entity_src_gen.plasmid_details                    ? 
_entity_src_gen.pdbx_description                   ? 
# 
loop_
_chem_comp.id 
_chem_comp.type 
_chem_comp.mon_nstd_flag 
_chem_comp.name 
_chem_comp.pdbx_synonyms 
_chem_comp.formula 
_chem_comp.formula_weight 
ALA 'L-peptide linking' y ALANINE         ? 'C3 H7 N O2'     89.093  
ARG 'L-peptide linking' y ARGININE        ? 'C6 H15 N4 O2 1' 175.209 
ASN 'L-peptide linking' y ASPARAGINE      ? 'C4 H8 N2 O3'    132.118 
ASP 'L-peptide linking' y 'ASPARTIC ACID' ? 'C4 H7 N O4'     133.103 
GLN 'L-peptide linking' y GLUTAMINE       ? 'C5 H10 N2 O3'   146.144 
GLU 'L-peptide linking' y 'GLUTAMIC ACID' ? 'C5 H9 N O4'     147.129 
GLY 'peptide linking'   y GLYCINE         ? 'C2 H5 N O2'     75.067  
HIS 'L-peptide linking' y HISTIDINE       ? 'C6 H10 N3 O2 1' 156.162 
HOH non-polymer         . WATER           ? 'H2 O'           18.015  
ILE 'L-peptide linking' y ISOLEUCINE      ? 'C6 H13 N O2'    131.173 
LEU 'L-peptide linking' y LEUCINE         ? 'C6 H13 N O2'    131.173 
LYS 'L-peptide linking' y LYSINE          ? 'C6 H15 N2 O2 1' 147.195 
MET 'L-peptide linking' y METHIONINE      ? 'C5 H11 N O2 S'  149.211 
PHE 'L-peptide linking' y PHENYLALANINE   ? 'C9 H11 N O2'    165.189 
PRO 'L-peptide linking' y PROLINE         ? 'C5 H9 N O2'     115.130 
SER 'L-peptide linking' y SERINE          ? 'C3 H7 N O3'     105.093 
SO4 non-polymer         . 'SULFATE ION'   ? 'O4 S -2'        96.063  
THR 'L-peptide linking' y THREONINE       ? 'C4 H9 N O3'     119.119 
TRP 'L-peptide linking' y TRYPTOPHAN      ? 'C11 H12 N2 O2'  204.225 
TYR 'L-peptide linking' y TYROSINE        ? 'C9 H11 N O3'    181.189 
VAL 'L-peptide linking' y VALINE          ? 'C5 H11 N O2'    117.146 
# 
loop_
_pdbx_poly_seq_scheme.asym_id 
_pdbx_poly_seq_scheme.entity_id 
_pdbx_poly_seq_scheme.seq_id 
_pdbx_poly_seq_scheme.mon_id 
_pdbx_poly_seq_scheme.ndb_seq_num 
_pdbx_poly_seq_scheme.pdb_seq_num 
_pdbx_poly_seq_scheme.auth_seq_num 
_pdbx_poly_seq_scheme.pdb_mon_id 
_pdbx_poly_seq_scheme.auth_mon_id 
_pdbx_poly_seq_scheme.pdb_strand_id 
_pdbx_poly_seq_scheme.pdb_ins_code 
_pdbx_poly_seq_scheme.hetero 
A 1 1   LYS 1   38  38  LYS LYS A . n 
A 1 2   SER 2   39  39  SER SER A . n 
A 1 3   PHE 3   40  40  PHE PHE A . n 
A 1 4   VAL 4   41  41  VAL VAL A . n 
A 1 5   VAL 5   42  42  VAL VAL A . n 
A 1 6   SER 6   43  43  SER SER A . n 
A 1 7   ASN 7   44  44  ASN ASN A . n 
A 1 8   GLN 8   45  45  GLN GLN A . n 
A 1 9   LEU 9   46  46  LEU LEU A . n 
A 1 10  ARG 10  47  47  ARG ARG A . n 
A 1 11  GLU 11  48  48  GLU GLU A . n 
A 1 12  GLN 12  49  49  GLN GLN A . n 
A 1 13  GLN 13  50  50  GLN GLN A . n 
A 1 14  GLY 14  51  51  GLY GLY A . n 
A 1 15  GLU 15  52  52  GLU GLU A . n 
A 1 16  LEU 16  53  53  LEU LEU A . n 
A 1 17  THR 17  54  54  THR THR A . n 
A 1 18  SER 18  55  55  SER SER A . n 
A 1 19  THR 19  56  56  THR THR A . n 
A 1 20  TRP 20  57  57  TRP TRP A . n 
A 1 21  ASP 21  58  58  ASP ASP A . n 
A 1 22  LEU 22  59  59  LEU LEU A . n 
A 1 23  MET 23  60  60  MET MET A . n 
A 1 24  LEU 24  61  61  LEU LEU A . n 
A 1 25  GLN 25  62  62  GLN GLN A . n 
A 1 26  THR 26  63  63  THR THR A . n 
A 1 27  ARG 27  64  64  ARG ARG A . n 
A 1 28  ILE 28  65  65  ILE ILE A . n 
A 1 29  ASN 29  66  66  ASN ASN A . n 
A 1 30  LEU 30  67  67  LEU LEU A . n 
A 1 31  SER 31  68  68  SER SER A . n 
A 1 32  ARG 32  69  69  ARG ARG A . n 
A 1 33  SER 33  70  70  SER SER A . n 
A 1 34  ALA 34  71  71  ALA ALA A . n 
A 1 35  VAL 35  72  72  VAL VAL A . n 
A 1 36  ARG 36  73  73  ARG ARG A . n 
A 1 37  MET 37  74  74  MET MET A . n 
A 1 38  MET 38  75  75  MET MET A . n 
A 1 39  MET 39  76  76  MET MET A . n 
A 1 40  ASP 40  77  77  ASP ASP A . n 
A 1 41  SER 41  78  78  SER SER A . n 
A 1 42  SER 42  79  79  SER SER A . n 
A 1 43  ASN 43  80  80  ASN ASN A . n 
A 1 44  GLN 44  81  81  GLN GLN A . n 
A 1 45  GLN 45  82  82  GLN GLN A . n 
A 1 46  SER 46  83  83  SER SER A . n 
A 1 47  ASN 47  84  84  ASN ASN A . n 
A 1 48  ALA 48  85  85  ALA ALA A . n 
A 1 49  LYS 49  86  86  LYS LYS A . n 
A 1 50  VAL 50  87  87  VAL VAL A . n 
A 1 51  GLU 51  88  88  GLU GLU A . n 
A 1 52  LEU 52  89  89  LEU LEU A . n 
A 1 53  LEU 53  90  90  LEU LEU A . n 
A 1 54  ASP 54  91  91  ASP ASP A . n 
A 1 55  SER 55  92  92  SER SER A . n 
A 1 56  ALA 56  93  93  ALA ALA A . n 
A 1 57  ARG 57  94  94  ARG ARG A . n 
A 1 58  LYS 58  95  95  LYS LYS A . n 
A 1 59  THR 59  96  96  THR THR A . n 
A 1 60  LEU 60  97  97  LEU LEU A . n 
A 1 61  ALA 61  98  98  ALA ALA A . n 
A 1 62  GLN 62  99  99  GLN GLN A . n 
A 1 63  ALA 63  100 100 ALA ALA A . n 
A 1 64  ALA 64  101 101 ALA ALA A . n 
A 1 65  THR 65  102 102 THR THR A . n 
A 1 66  HIS 66  103 103 HIS HIS A . n 
A 1 67  TYR 67  104 104 TYR TYR A . n 
A 1 68  LYS 68  105 105 LYS LYS A . n 
A 1 69  LYS 69  106 106 LYS LYS A . n 
A 1 70  PHE 70  107 107 PHE PHE A . n 
A 1 71  LYS 71  108 108 LYS LYS A . n 
A 1 72  SER 72  109 109 SER SER A . n 
A 1 73  MET 73  110 110 MET MET A . n 
A 1 74  ALA 74  111 111 ALA ALA A . n 
A 1 75  PRO 75  112 112 PRO PRO A . n 
A 1 76  LEU 76  113 113 LEU LEU A . n 
A 1 77  PRO 77  114 114 PRO PRO A . n 
A 1 78  GLU 78  115 115 GLU GLU A . n 
A 1 79  MET 79  116 116 MET MET A . n 
A 1 80  VAL 80  117 117 VAL VAL A . n 
A 1 81  ALA 81  118 118 ALA ALA A . n 
A 1 82  THR 82  119 119 THR THR A . n 
A 1 83  SER 83  120 120 SER SER A . n 
A 1 84  ARG 84  121 121 ARG ARG A . n 
A 1 85  ASN 85  122 122 ASN ASN A . n 
A 1 86  ILE 86  123 123 ILE ILE A . n 
A 1 87  ASP 87  124 124 ASP ASP A . n 
A 1 88  GLU 88  125 125 GLU GLU A . n 
A 1 89  LYS 89  126 126 LYS LYS A . n 
A 1 90  TYR 90  127 127 TYR TYR A . n 
A 1 91  LYS 91  128 128 LYS LYS A . n 
A 1 92  ASN 92  129 129 ASN ASN A . n 
A 1 93  TYR 93  130 130 TYR TYR A . n 
A 1 94  TYR 94  131 131 TYR TYR A . n 
A 1 95  THR 95  132 132 THR THR A . n 
A 1 96  ALA 96  133 133 ALA ALA A . n 
A 1 97  LEU 97  134 134 LEU LEU A . n 
A 1 98  THR 98  135 135 THR THR A . n 
A 1 99  GLU 99  136 136 GLU GLU A . n 
A 1 100 LEU 100 137 137 LEU LEU A . n 
A 1 101 ILE 101 138 138 ILE ILE A . n 
A 1 102 ASP 102 139 139 ASP ASP A . n 
A 1 103 TYR 103 140 140 TYR TYR A . n 
A 1 104 LEU 104 141 141 LEU LEU A . n 
A 1 105 ASP 105 142 142 ASP ASP A . n 
A 1 106 TYR 106 143 143 TYR TYR A . n 
A 1 107 GLY 107 144 144 GLY GLY A . n 
A 1 108 ASN 108 145 145 ASN ASN A . n 
A 1 109 THR 109 146 146 THR THR A . n 
A 1 110 GLY 110 147 147 GLY GLY A . n 
A 1 111 ALA 111 148 148 ALA ALA A . n 
A 1 112 TYR 112 149 149 TYR TYR A . n 
A 1 113 PHE 113 150 150 PHE PHE A . n 
A 1 114 ALA 114 151 151 ALA ALA A . n 
A 1 115 GLN 115 152 152 GLN GLN A . n 
A 1 116 PRO 116 153 153 PRO PRO A . n 
A 1 117 THR 117 154 154 THR THR A . n 
A 1 118 GLN 118 155 155 GLN GLN A . n 
A 1 119 GLY 119 156 156 GLY GLY A . n 
A 1 120 MET 120 157 157 MET MET A . n 
A 1 121 GLN 121 158 158 GLN GLN A . n 
A 1 122 ASN 122 159 159 ASN ASN A . n 
A 1 123 ALA 123 160 160 ALA ALA A . n 
A 1 124 MET 124 161 161 MET MET A . n 
A 1 125 GLY 125 162 162 GLY GLY A . n 
A 1 126 GLU 126 163 163 GLU GLU A . n 
A 1 127 ARG 127 164 164 ARG ARG A . n 
A 1 128 PHE 128 165 165 PHE PHE A . n 
A 1 129 ALA 129 166 166 ALA ALA A . n 
A 1 130 GLN 130 167 167 GLN GLN A . n 
A 1 131 TYR 131 168 168 TYR TYR A . n 
A 1 132 ALA 132 169 169 ALA ALA A . n 
A 1 133 LEU 133 170 170 LEU LEU A . n 
A 1 134 SER 134 171 171 SER SER A . n 
A 1 135 SER 135 172 172 SER SER A . n 
A 1 136 GLU 136 173 173 GLU GLU A . n 
A 1 137 LYS 137 174 174 LYS LYS A . n 
A 1 138 LEU 138 175 175 LEU LEU A . n 
A 1 139 TYR 139 176 176 TYR TYR A . n 
A 1 140 ARG 140 177 177 ARG ARG A . n 
A 1 141 ASP 141 178 178 ASP ASP A . n 
A 1 142 ILE 142 179 179 ILE ILE A . n 
# 
loop_
_pdbx_nonpoly_scheme.asym_id 
_pdbx_nonpoly_scheme.entity_id 
_pdbx_nonpoly_scheme.mon_id 
_pdbx_nonpoly_scheme.ndb_seq_num 
_pdbx_nonpoly_scheme.pdb_seq_num 
_pdbx_nonpoly_scheme.auth_seq_num 
_pdbx_nonpoly_scheme.pdb_mon_id 
_pdbx_nonpoly_scheme.auth_mon_id 
_pdbx_nonpoly_scheme.pdb_strand_id 
_pdbx_nonpoly_scheme.pdb_ins_code 
B 2 SO4 1   500 500 SO4 SO4 A . 
C 2 SO4 1   502 502 SO4 SO4 A . 
D 3 HOH 1   600 600 HOH HOH A . 
D 3 HOH 2   601 601 HOH HOH A . 
D 3 HOH 3   602 602 HOH HOH A . 
D 3 HOH 4   603 603 HOH HOH A . 
D 3 HOH 5   604 604 HOH HOH A . 
D 3 HOH 6   605 605 HOH HOH A . 
D 3 HOH 7   606 606 HOH HOH A . 
D 3 HOH 8   607 607 HOH HOH A . 
D 3 HOH 9   608 608 HOH HOH A . 
D 3 HOH 10  609 609 HOH HOH A . 
D 3 HOH 11  610 610 HOH HOH A . 
D 3 HOH 12  611 611 HOH HOH A . 
D 3 HOH 13  614 614 HOH HOH A . 
D 3 HOH 14  615 615 HOH HOH A . 
D 3 HOH 15  616 616 HOH HOH A . 
D 3 HOH 16  617 617 HOH HOH A . 
D 3 HOH 17  618 618 HOH HOH A . 
D 3 HOH 18  619 619 HOH HOH A . 
D 3 HOH 19  620 620 HOH HOH A . 
D 3 HOH 20  621 621 HOH HOH A . 
D 3 HOH 21  623 623 HOH HOH A . 
D 3 HOH 22  624 624 HOH HOH A . 
D 3 HOH 23  625 625 HOH HOH A . 
D 3 HOH 24  626 626 HOH HOH A . 
D 3 HOH 25  627 627 HOH HOH A . 
D 3 HOH 26  628 628 HOH HOH A . 
D 3 HOH 27  629 629 HOH HOH A . 
D 3 HOH 28  630 630 HOH HOH A . 
D 3 HOH 29  631 631 HOH HOH A . 
D 3 HOH 30  634 634 HOH HOH A . 
D 3 HOH 31  635 635 HOH HOH A . 
D 3 HOH 32  636 636 HOH HOH A . 
D 3 HOH 33  637 637 HOH HOH A . 
D 3 HOH 34  638 638 HOH HOH A . 
D 3 HOH 35  640 640 HOH HOH A . 
D 3 HOH 36  641 641 HOH HOH A . 
D 3 HOH 37  642 642 HOH HOH A . 
D 3 HOH 38  643 643 HOH HOH A . 
D 3 HOH 39  646 646 HOH HOH A . 
D 3 HOH 40  647 647 HOH HOH A . 
D 3 HOH 41  648 648 HOH HOH A . 
D 3 HOH 42  649 649 HOH HOH A . 
D 3 HOH 43  650 650 HOH HOH A . 
D 3 HOH 44  651 651 HOH HOH A . 
D 3 HOH 45  652 652 HOH HOH A . 
D 3 HOH 46  653 653 HOH HOH A . 
D 3 HOH 47  655 655 HOH HOH A . 
D 3 HOH 48  656 656 HOH HOH A . 
D 3 HOH 49  657 657 HOH HOH A . 
D 3 HOH 50  658 658 HOH HOH A . 
D 3 HOH 51  661 661 HOH HOH A . 
D 3 HOH 52  662 662 HOH HOH A . 
D 3 HOH 53  663 663 HOH HOH A . 
D 3 HOH 54  664 664 HOH HOH A . 
D 3 HOH 55  665 665 HOH HOH A . 
D 3 HOH 56  666 666 HOH HOH A . 
D 3 HOH 57  668 668 HOH HOH A . 
D 3 HOH 58  670 670 HOH HOH A . 
D 3 HOH 59  672 672 HOH HOH A . 
D 3 HOH 60  673 673 HOH HOH A . 
D 3 HOH 61  674 674 HOH HOH A . 
D 3 HOH 62  675 675 HOH HOH A . 
D 3 HOH 63  676 676 HOH HOH A . 
D 3 HOH 64  680 680 HOH HOH A . 
D 3 HOH 65  681 681 HOH HOH A . 
D 3 HOH 66  682 682 HOH HOH A . 
D 3 HOH 67  684 684 HOH HOH A . 
D 3 HOH 68  686 686 HOH HOH A . 
D 3 HOH 69  687 687 HOH HOH A . 
D 3 HOH 70  688 688 HOH HOH A . 
D 3 HOH 71  691 691 HOH HOH A . 
D 3 HOH 72  693 693 HOH HOH A . 
D 3 HOH 73  694 694 HOH HOH A . 
D 3 HOH 74  698 698 HOH HOH A . 
D 3 HOH 75  700 700 HOH HOH A . 
D 3 HOH 76  701 701 HOH HOH A . 
D 3 HOH 77  702 702 HOH HOH A . 
D 3 HOH 78  703 703 HOH HOH A . 
D 3 HOH 79  704 704 HOH HOH A . 
D 3 HOH 80  705 705 HOH HOH A . 
D 3 HOH 81  708 708 HOH HOH A . 
D 3 HOH 82  709 709 HOH HOH A . 
D 3 HOH 83  712 712 HOH HOH A . 
D 3 HOH 84  716 716 HOH HOH A . 
D 3 HOH 85  717 717 HOH HOH A . 
D 3 HOH 86  718 718 HOH HOH A . 
D 3 HOH 87  719 719 HOH HOH A . 
D 3 HOH 88  722 722 HOH HOH A . 
D 3 HOH 89  725 725 HOH HOH A . 
D 3 HOH 90  726 726 HOH HOH A . 
D 3 HOH 91  727 727 HOH HOH A . 
D 3 HOH 92  729 729 HOH HOH A . 
D 3 HOH 93  730 730 HOH HOH A . 
D 3 HOH 94  732 732 HOH HOH A . 
D 3 HOH 95  735 735 HOH HOH A . 
D 3 HOH 96  738 738 HOH HOH A . 
D 3 HOH 97  739 739 HOH HOH A . 
D 3 HOH 98  740 740 HOH HOH A . 
D 3 HOH 99  741 741 HOH HOH A . 
D 3 HOH 100 743 743 HOH HOH A . 
D 3 HOH 101 744 744 HOH HOH A . 
D 3 HOH 102 745 745 HOH HOH A . 
D 3 HOH 103 746 746 HOH HOH A . 
D 3 HOH 104 747 747 HOH HOH A . 
D 3 HOH 105 748 748 HOH HOH A . 
D 3 HOH 106 749 749 HOH HOH A . 
D 3 HOH 107 751 751 HOH HOH A . 
D 3 HOH 108 755 755 HOH HOH A . 
# 
loop_
_software.name 
_software.classification 
_software.version 
_software.citation_id 
_software.pdbx_ordinal 
X-PLOR 'model building' . ? 1 
X-PLOR refinement       . ? 2 
X-PLOR phasing          . ? 3 
# 
_cell.entry_id           2ASR 
_cell.length_a           85.500 
_cell.length_b           85.500 
_cell.length_c           103.800 
_cell.angle_alpha        90.00 
_cell.angle_beta         90.00 
_cell.angle_gamma        90.00 
_cell.Z_PDB              8 
_cell.pdbx_unique_axis   ? 
# 
_symmetry.entry_id                         2ASR 
_symmetry.space_group_name_H-M             'P 41 21 2' 
_symmetry.pdbx_full_space_group_name_H-M   ? 
_symmetry.cell_setting                     ? 
_symmetry.Int_Tables_number                92 
# 
_exptl.entry_id          2ASR 
_exptl.method            'X-RAY DIFFRACTION' 
_exptl.crystals_number   ? 
# 
_exptl_crystal.id                    1 
_exptl_crystal.density_meas          ? 
_exptl_crystal.density_Matthews      5.83 
_exptl_crystal.density_percent_sol   78.89 
_exptl_crystal.description           ? 
# 
_diffrn.id                     1 
_diffrn.crystal_id             1 
_diffrn.ambient_temp           ? 
_diffrn.ambient_temp_details   ? 
# 
_refine.entry_id                                 2ASR 
_refine.ls_number_reflns_obs                     14840 
_refine.ls_number_reflns_all                     ? 
_refine.pdbx_ls_sigma_I                          ? 
_refine.pdbx_ls_sigma_F                          1.0 
_refine.pdbx_data_cutoff_high_absF               ? 
_refine.pdbx_data_cutoff_low_absF                ? 
_refine.pdbx_data_cutoff_high_rms_absF           ? 
_refine.ls_d_res_low                             8.0 
_refine.ls_d_res_high                            2.3 
_refine.ls_percent_reflns_obs                    ? 
_refine.ls_R_factor_obs                          0.2030000 
_refine.ls_R_factor_all                          ? 
_refine.ls_R_factor_R_work                       0.2030000 
_refine.ls_R_factor_R_free                       ? 
_refine.ls_R_factor_R_free_error                 ? 
_refine.ls_R_factor_R_free_error_details         ? 
_refine.ls_percent_reflns_R_free                 ? 
_refine.ls_number_reflns_R_free                  ? 
_refine.ls_number_parameters                     ? 
_refine.ls_number_restraints                     ? 
_refine.occupancy_min                            ? 
_refine.occupancy_max                            ? 
_refine.B_iso_mean                               ? 
_refine.aniso_B[1][1]                            ? 
_refine.aniso_B[2][2]                            ? 
_refine.aniso_B[3][3]                            ? 
_refine.aniso_B[1][2]                            ? 
_refine.aniso_B[1][3]                            ? 
_refine.aniso_B[2][3]                            ? 
_refine.solvent_model_details                    ? 
_refine.solvent_model_param_ksol                 ? 
_refine.solvent_model_param_bsol                 ? 
_refine.pdbx_ls_cross_valid_method               ? 
_refine.details                                  
;THE ELECTRON DENSITY IS WEAK AND BROKEN FOR RESIDUES 77 -81 AND THESE RESIDUES ARE INCLUDED IN THE MODEL MERELY FOR COMPLETENESS.  THEIR COORDINATES ARE POORLY DEFINED.
;
_refine.pdbx_starting_model                      ? 
_refine.pdbx_method_to_determine_struct          ? 
_refine.pdbx_isotropic_thermal_model             ? 
_refine.pdbx_stereochemistry_target_values       ? 
_refine.pdbx_stereochem_target_val_spec_case     ? 
_refine.pdbx_R_Free_selection_details            ? 
_refine.pdbx_overall_ESU_R                       ? 
_refine.pdbx_overall_ESU_R_Free                  ? 
_refine.overall_SU_ML                            ? 
_refine.overall_SU_B                             ? 
_refine.pdbx_refine_id                           'X-RAY DIFFRACTION' 
_refine.pdbx_diffrn_id                           1 
_refine.pdbx_TLS_residual_ADP_flag               ? 
_refine.correlation_coeff_Fo_to_Fc               ? 
_refine.correlation_coeff_Fo_to_Fc_free          ? 
_refine.pdbx_solvent_vdw_probe_radii             ? 
_refine.pdbx_solvent_ion_probe_radii             ? 
_refine.pdbx_solvent_shrinkage_radii             ? 
_refine.pdbx_overall_phase_error                 ? 
_refine.overall_SU_R_Cruickshank_DPI             ? 
_refine.pdbx_overall_SU_R_free_Cruickshank_DPI   ? 
_refine.pdbx_overall_SU_R_Blow_DPI               ? 
_refine.pdbx_overall_SU_R_free_Blow_DPI          ? 
# 
_refine_hist.pdbx_refine_id                   'X-RAY DIFFRACTION' 
_refine_hist.cycle_id                         LAST 
_refine_hist.pdbx_number_atoms_protein        1139 
_refine_hist.pdbx_number_atoms_nucleic_acid   0 
_refine_hist.pdbx_number_atoms_ligand         10 
_refine_hist.number_atoms_solvent             108 
_refine_hist.number_atoms_total               1257 
_refine_hist.d_res_high                       2.3 
_refine_hist.d_res_low                        8.0 
# 
loop_
_refine_ls_restr.type 
_refine_ls_restr.dev_ideal 
_refine_ls_restr.dev_ideal_target 
_refine_ls_restr.weight 
_refine_ls_restr.number 
_refine_ls_restr.pdbx_refine_id 
_refine_ls_restr.pdbx_restraint_function 
x_bond_d                0.016 ? ? ? 'X-RAY DIFFRACTION' ? 
x_bond_d_na             ?     ? ? ? 'X-RAY DIFFRACTION' ? 
x_bond_d_prot           ?     ? ? ? 'X-RAY DIFFRACTION' ? 
x_angle_d               ?     ? ? ? 'X-RAY DIFFRACTION' ? 
x_angle_d_na            ?     ? ? ? 'X-RAY DIFFRACTION' ? 
x_angle_d_prot          ?     ? ? ? 'X-RAY DIFFRACTION' ? 
x_angle_deg             2.95  ? ? ? 'X-RAY DIFFRACTION' ? 
x_angle_deg_na          ?     ? ? ? 'X-RAY DIFFRACTION' ? 
x_angle_deg_prot        ?     ? ? ? 'X-RAY DIFFRACTION' ? 
x_dihedral_angle_d      ?     ? ? ? 'X-RAY DIFFRACTION' ? 
x_dihedral_angle_d_na   ?     ? ? ? 'X-RAY DIFFRACTION' ? 
x_dihedral_angle_d_prot ?     ? ? ? 'X-RAY DIFFRACTION' ? 
x_improper_angle_d      ?     ? ? ? 'X-RAY DIFFRACTION' ? 
x_improper_angle_d_na   ?     ? ? ? 'X-RAY DIFFRACTION' ? 
x_improper_angle_d_prot ?     ? ? ? 'X-RAY DIFFRACTION' ? 
x_mcbond_it             ?     ? ? ? 'X-RAY DIFFRACTION' ? 
x_mcangle_it            ?     ? ? ? 'X-RAY DIFFRACTION' ? 
x_scbond_it             ?     ? ? ? 'X-RAY DIFFRACTION' ? 
x_scangle_it            ?     ? ? ? 'X-RAY DIFFRACTION' ? 
# 
_struct.entry_id                  2ASR 
_struct.title                     'THE THREE-DIMENSIONAL STRUCTURE OF THE ASPARTATE RECEPTOR FROM ESCHERICHIA COLI' 
_struct.pdbx_model_details        ? 
_struct.pdbx_CASP_flag            ? 
_struct.pdbx_model_type_details   ? 
# 
_struct_keywords.entry_id        2ASR 
_struct_keywords.pdbx_keywords   CHEMOTAXIS 
_struct_keywords.text            CHEMOTAXIS 
# 
loop_
_struct_asym.id 
_struct_asym.pdbx_blank_PDB_chainid_flag 
_struct_asym.pdbx_modified 
_struct_asym.entity_id 
_struct_asym.details 
A N N 1 ? 
B N N 2 ? 
C N N 2 ? 
D N N 3 ? 
# 
_struct_ref.id                         1 
_struct_ref.db_name                    UNP 
_struct_ref.db_code                    MCP2_ECOLI 
_struct_ref.entity_id                  1 
_struct_ref.pdbx_db_accession          P07017 
_struct_ref.pdbx_align_begin           1 
_struct_ref.pdbx_seq_one_letter_code   
;MINRIRVVTLLVMVLGVFALLQLISGSLFFSSLHHSQKSFVVSNQLREQQGELTSTWDLMLQTRINLSRSAVRMMMDSSN
QQSNAKVELLDSARKTLAQAATHYKKFKSMAPLPEMVATSRNIDEKYKNYYTALTELIDYLDYGNTGAYFAQPTQGMQNA
MGERFAQYALSSEKLYRDIVTDNADDYRFAQWQLAVIALVVVLILLVAWYGIRRMLLTPLAKIIAHIREIAGGNLANTLT
IDGRSEMGDLAQSVSHMQRSLTDTVTHVREGSDAIYAGTREIAAGNTDLSSRTEQQASALEETAASMEQLTATVKQNADN
ARQASQLAQSASDTAQHGGKVVDGVVKTMHEIADSSKKIADIISVIDGIAFQTNILALNAAVEAARAGEQGRGFAVVAGE
VRNLASRSAQAAKEIKALIEDSVSRVDTGSVLVESAGETMNNIVNAVTRVTDIMGEIASASDEQSRGIDQVALAVSEMDR
VTQQNASLVQESAAAAAALEEQASRLTQAVSAFRLAASPLTNKPQTPSRPASEQPPAQPRLRIAEQDPNWETF
;
_struct_ref.pdbx_db_isoform            ? 
# 
_struct_ref_seq.align_id                      1 
_struct_ref_seq.ref_id                        1 
_struct_ref_seq.pdbx_PDB_id_code              2ASR 
_struct_ref_seq.pdbx_strand_id                A 
_struct_ref_seq.seq_align_beg                 1 
_struct_ref_seq.pdbx_seq_align_beg_ins_code   ? 
_struct_ref_seq.seq_align_end                 142 
_struct_ref_seq.pdbx_seq_align_end_ins_code   ? 
_struct_ref_seq.pdbx_db_accession             P07017 
_struct_ref_seq.db_align_beg                  38 
_struct_ref_seq.pdbx_db_align_beg_ins_code    ? 
_struct_ref_seq.db_align_end                  179 
_struct_ref_seq.pdbx_db_align_end_ins_code    ? 
_struct_ref_seq.pdbx_auth_seq_align_beg       38 
_struct_ref_seq.pdbx_auth_seq_align_end       179 
# 
_pdbx_struct_assembly.id                   1 
_pdbx_struct_assembly.details              author_and_software_defined_assembly 
_pdbx_struct_assembly.method_details       PISA,PQS 
_pdbx_struct_assembly.oligomeric_details   dimeric 
_pdbx_struct_assembly.oligomeric_count     2 
# 
loop_
_pdbx_struct_assembly_prop.biol_id 
_pdbx_struct_assembly_prop.type 
_pdbx_struct_assembly_prop.value 
_pdbx_struct_assembly_prop.details 
1 'ABSA (A^2)' 3450  ? 
1 MORE         -74   ? 
1 'SSA (A^2)'  12690 ? 
# 
_pdbx_struct_assembly_gen.assembly_id       1 
_pdbx_struct_assembly_gen.oper_expression   1,2 
_pdbx_struct_assembly_gen.asym_id_list      A,B,C,D 
# 
loop_
_pdbx_struct_oper_list.id 
_pdbx_struct_oper_list.type 
_pdbx_struct_oper_list.name 
_pdbx_struct_oper_list.symmetry_operation 
_pdbx_struct_oper_list.matrix[1][1] 
_pdbx_struct_oper_list.matrix[1][2] 
_pdbx_struct_oper_list.matrix[1][3] 
_pdbx_struct_oper_list.vector[1] 
_pdbx_struct_oper_list.matrix[2][1] 
_pdbx_struct_oper_list.matrix[2][2] 
_pdbx_struct_oper_list.matrix[2][3] 
_pdbx_struct_oper_list.vector[2] 
_pdbx_struct_oper_list.matrix[3][1] 
_pdbx_struct_oper_list.matrix[3][2] 
_pdbx_struct_oper_list.matrix[3][3] 
_pdbx_struct_oper_list.vector[3] 
1 'identity operation'         1_555 x,y,z  1.0000000000 0.0000000000 0.0000000000 0.0000000000 0.0000000000 1.0000000000  0.0000000000 0.0000000000 0.0000000000 0.0000000000 1.0000000000  0.0000000000   
2 'crystal symmetry operation' 7_555 y,x,-z 0.5611352788 0.7960781253 0.2266866061 2.0445429834 0.7960781253 -0.5940515917 0.1155955226 0.5966007504 0.2266866061 0.1155955226 -0.9670836871 -16.1754108492 
# 
_struct_biol.id   1 
# 
loop_
_struct_conf.conf_type_id 
_struct_conf.id 
_struct_conf.pdbx_PDB_helix_id 
_struct_conf.beg_label_comp_id 
_struct_conf.beg_label_asym_id 
_struct_conf.beg_label_seq_id 
_struct_conf.pdbx_beg_PDB_ins_code 
_struct_conf.end_label_comp_id 
_struct_conf.end_label_asym_id 
_struct_conf.end_label_seq_id 
_struct_conf.pdbx_end_PDB_ins_code 
_struct_conf.beg_auth_comp_id 
_struct_conf.beg_auth_asym_id 
_struct_conf.beg_auth_seq_id 
_struct_conf.end_auth_comp_id 
_struct_conf.end_auth_asym_id 
_struct_conf.end_auth_seq_id 
_struct_conf.pdbx_PDB_helix_class 
_struct_conf.details 
_struct_conf.pdbx_PDB_helix_length 
HELX_P HELX_P1 A PHE A 3   ? MET A 38  ? PHE A 40  MET A 75  1 ? 36 
HELX_P HELX_P2 B LYS A 49  ? SER A 72  ? LYS A 86  SER A 109 1 ? 24 
HELX_P HELX_P3 C VAL A 80  ? LEU A 104 ? VAL A 117 LEU A 141 1 ? 25 
HELX_P HELX_P4 D THR A 109 ? ALA A 114 ? THR A 146 ALA A 151 1 ? 6  
HELX_P HELX_P5 E THR A 117 ? TYR A 139 ? THR A 154 TYR A 176 1 ? 23 
# 
_struct_conf_type.id          HELX_P 
_struct_conf_type.criteria    ? 
_struct_conf_type.reference   ? 
# 
loop_
_struct_site.id 
_struct_site.pdbx_evidence_code 
_struct_site.pdbx_auth_asym_id 
_struct_site.pdbx_auth_comp_id 
_struct_site.pdbx_auth_seq_id 
_struct_site.pdbx_auth_ins_code 
_struct_site.pdbx_num_residues 
_struct_site.details 
AC1 Software A SO4 500 ? 8 'BINDING SITE FOR RESIDUE SO4 A 500' 
AC2 Software A SO4 502 ? 6 'BINDING SITE FOR RESIDUE SO4 A 502' 
# 
loop_
_struct_site_gen.id 
_struct_site_gen.site_id 
_struct_site_gen.pdbx_num_res 
_struct_site_gen.label_comp_id 
_struct_site_gen.label_asym_id 
_struct_site_gen.label_seq_id 
_struct_site_gen.pdbx_auth_ins_code 
_struct_site_gen.auth_comp_id 
_struct_site_gen.auth_asym_id 
_struct_site_gen.auth_seq_id 
_struct_site_gen.label_atom_id 
_struct_site_gen.label_alt_id 
_struct_site_gen.symmetry 
_struct_site_gen.details 
1  AC1 8 ARG A 27  ? ARG A 64  . ? 1_555 ? 
2  AC1 8 ARG A 32  ? ARG A 69  . ? 7_555 ? 
3  AC1 8 ARG A 36  ? ARG A 73  . ? 7_555 ? 
4  AC1 8 TYR A 112 ? TYR A 149 . ? 1_555 ? 
5  AC1 8 PHE A 113 ? PHE A 150 . ? 1_555 ? 
6  AC1 8 HOH D .   ? HOH A 604 . ? 1_555 ? 
7  AC1 8 HOH D .   ? HOH A 605 . ? 1_555 ? 
8  AC1 8 HOH D .   ? HOH A 638 . ? 1_555 ? 
9  AC2 6 ARG A 32  ? ARG A 69  . ? 7_555 ? 
10 AC2 6 SER A 55  ? SER A 92  . ? 7_555 ? 
11 AC2 6 GLN A 118 ? GLN A 155 . ? 1_555 ? 
12 AC2 6 ASN A 122 ? ASN A 159 . ? 1_555 ? 
13 AC2 6 HOH D .   ? HOH A 635 . ? 7_555 ? 
14 AC2 6 HOH D .   ? HOH A 730 . ? 7_555 ? 
# 
_pdbx_validate_rmsd_bond.id                        1 
_pdbx_validate_rmsd_bond.PDB_model_num             1 
_pdbx_validate_rmsd_bond.auth_atom_id_1            NE2 
_pdbx_validate_rmsd_bond.auth_asym_id_1            A 
_pdbx_validate_rmsd_bond.auth_comp_id_1            HIS 
_pdbx_validate_rmsd_bond.auth_seq_id_1             103 
_pdbx_validate_rmsd_bond.PDB_ins_code_1            ? 
_pdbx_validate_rmsd_bond.label_alt_id_1            ? 
_pdbx_validate_rmsd_bond.auth_atom_id_2            CD2 
_pdbx_validate_rmsd_bond.auth_asym_id_2            A 
_pdbx_validate_rmsd_bond.auth_comp_id_2            HIS 
_pdbx_validate_rmsd_bond.auth_seq_id_2             103 
_pdbx_validate_rmsd_bond.PDB_ins_code_2            ? 
_pdbx_validate_rmsd_bond.label_alt_id_2            ? 
_pdbx_validate_rmsd_bond.bond_value                1.305 
_pdbx_validate_rmsd_bond.bond_target_value         1.373 
_pdbx_validate_rmsd_bond.bond_deviation            -0.068 
_pdbx_validate_rmsd_bond.bond_standard_deviation   0.011 
_pdbx_validate_rmsd_bond.linker_flag               N 
# 
loop_
_pdbx_validate_rmsd_angle.id 
_pdbx_validate_rmsd_angle.PDB_model_num 
_pdbx_validate_rmsd_angle.auth_atom_id_1 
_pdbx_validate_rmsd_angle.auth_asym_id_1 
_pdbx_validate_rmsd_angle.auth_comp_id_1 
_pdbx_validate_rmsd_angle.auth_seq_id_1 
_pdbx_validate_rmsd_angle.PDB_ins_code_1 
_pdbx_validate_rmsd_angle.label_alt_id_1 
_pdbx_validate_rmsd_angle.auth_atom_id_2 
_pdbx_validate_rmsd_angle.auth_asym_id_2 
_pdbx_validate_rmsd_angle.auth_comp_id_2 
_pdbx_validate_rmsd_angle.auth_seq_id_2 
_pdbx_validate_rmsd_angle.PDB_ins_code_2 
_pdbx_validate_rmsd_angle.label_alt_id_2 
_pdbx_validate_rmsd_angle.auth_atom_id_3 
_pdbx_validate_rmsd_angle.auth_asym_id_3 
_pdbx_validate_rmsd_angle.auth_comp_id_3 
_pdbx_validate_rmsd_angle.auth_seq_id_3 
_pdbx_validate_rmsd_angle.PDB_ins_code_3 
_pdbx_validate_rmsd_angle.label_alt_id_3 
_pdbx_validate_rmsd_angle.angle_value 
_pdbx_validate_rmsd_angle.angle_target_value 
_pdbx_validate_rmsd_angle.angle_deviation 
_pdbx_validate_rmsd_angle.angle_standard_deviation 
_pdbx_validate_rmsd_angle.linker_flag 
1 1 NE  A ARG 47  ? ? CZ  A ARG 47  ? ? NH2 A ARG 47  ? ? 117.05 120.30 -3.25  0.50 N 
2 1 CD1 A TRP 57  ? ? CG  A TRP 57  ? ? CD2 A TRP 57  ? ? 111.83 106.30 5.53   0.80 N 
3 1 CE2 A TRP 57  ? ? CD2 A TRP 57  ? ? CG  A TRP 57  ? ? 101.62 107.30 -5.68  0.80 N 
4 1 NE  A ARG 69  ? ? CZ  A ARG 69  ? ? NH1 A ARG 69  ? ? 123.58 120.30 3.28   0.50 N 
5 1 CA  A MET 76  ? ? CB  A MET 76  ? ? CG  A MET 76  ? ? 123.57 113.30 10.27  1.70 N 
6 1 NE  A ARG 121 ? ? CZ  A ARG 121 ? ? NH1 A ARG 121 ? ? 123.33 120.30 3.03   0.50 N 
7 1 CA  A MET 157 ? ? CB  A MET 157 ? ? CG  A MET 157 ? ? 100.56 113.30 -12.74 1.70 N 
8 1 NE  A ARG 164 ? ? CZ  A ARG 164 ? ? NH2 A ARG 164 ? ? 116.59 120.30 -3.71  0.50 N 
# 
loop_
_pdbx_validate_torsion.id 
_pdbx_validate_torsion.PDB_model_num 
_pdbx_validate_torsion.auth_comp_id 
_pdbx_validate_torsion.auth_asym_id 
_pdbx_validate_torsion.auth_seq_id 
_pdbx_validate_torsion.PDB_ins_code 
_pdbx_validate_torsion.label_alt_id 
_pdbx_validate_torsion.phi 
_pdbx_validate_torsion.psi 
1 1 SER A 78  ? ? -28.35  -28.76 
2 1 ARG A 177 ? ? -111.11 73.38  
3 1 ASP A 178 ? ? -178.14 -38.74 
# 
_pdbx_struct_special_symmetry.id              1 
_pdbx_struct_special_symmetry.PDB_model_num   1 
_pdbx_struct_special_symmetry.auth_asym_id    A 
_pdbx_struct_special_symmetry.auth_comp_id    HOH 
_pdbx_struct_special_symmetry.auth_seq_id     643 
_pdbx_struct_special_symmetry.PDB_ins_code    ? 
_pdbx_struct_special_symmetry.label_asym_id   D 
_pdbx_struct_special_symmetry.label_comp_id   HOH 
_pdbx_struct_special_symmetry.label_seq_id    . 
# 
loop_
_chem_comp_atom.comp_id 
_chem_comp_atom.atom_id 
_chem_comp_atom.type_symbol 
_chem_comp_atom.pdbx_aromatic_flag 
_chem_comp_atom.pdbx_stereo_config 
_chem_comp_atom.pdbx_ordinal 
ALA N    N N N 1   
ALA CA   C N S 2   
ALA C    C N N 3   
ALA O    O N N 4   
ALA CB   C N N 5   
ALA OXT  O N N 6   
ALA H    H N N 7   
ALA H2   H N N 8   
ALA HA   H N N 9   
ALA HB1  H N N 10  
ALA HB2  H N N 11  
ALA HB3  H N N 12  
ALA HXT  H N N 13  
ARG N    N N N 14  
ARG CA   C N S 15  
ARG C    C N N 16  
ARG O    O N N 17  
ARG CB   C N N 18  
ARG CG   C N N 19  
ARG CD   C N N 20  
ARG NE   N N N 21  
ARG CZ   C N N 22  
ARG NH1  N N N 23  
ARG NH2  N N N 24  
ARG OXT  O N N 25  
ARG H    H N N 26  
ARG H2   H N N 27  
ARG HA   H N N 28  
ARG HB2  H N N 29  
ARG HB3  H N N 30  
ARG HG2  H N N 31  
ARG HG3  H N N 32  
ARG HD2  H N N 33  
ARG HD3  H N N 34  
ARG HE   H N N 35  
ARG HH11 H N N 36  
ARG HH12 H N N 37  
ARG HH21 H N N 38  
ARG HH22 H N N 39  
ARG HXT  H N N 40  
ASN N    N N N 41  
ASN CA   C N S 42  
ASN C    C N N 43  
ASN O    O N N 44  
ASN CB   C N N 45  
ASN CG   C N N 46  
ASN OD1  O N N 47  
ASN ND2  N N N 48  
ASN OXT  O N N 49  
ASN H    H N N 50  
ASN H2   H N N 51  
ASN HA   H N N 52  
ASN HB2  H N N 53  
ASN HB3  H N N 54  
ASN HD21 H N N 55  
ASN HD22 H N N 56  
ASN HXT  H N N 57  
ASP N    N N N 58  
ASP CA   C N S 59  
ASP C    C N N 60  
ASP O    O N N 61  
ASP CB   C N N 62  
ASP CG   C N N 63  
ASP OD1  O N N 64  
ASP OD2  O N N 65  
ASP OXT  O N N 66  
ASP H    H N N 67  
ASP H2   H N N 68  
ASP HA   H N N 69  
ASP HB2  H N N 70  
ASP HB3  H N N 71  
ASP HD2  H N N 72  
ASP HXT  H N N 73  
GLN N    N N N 74  
GLN CA   C N S 75  
GLN C    C N N 76  
GLN O    O N N 77  
GLN CB   C N N 78  
GLN CG   C N N 79  
GLN CD   C N N 80  
GLN OE1  O N N 81  
GLN NE2  N N N 82  
GLN OXT  O N N 83  
GLN H    H N N 84  
GLN H2   H N N 85  
GLN HA   H N N 86  
GLN HB2  H N N 87  
GLN HB3  H N N 88  
GLN HG2  H N N 89  
GLN HG3  H N N 90  
GLN HE21 H N N 91  
GLN HE22 H N N 92  
GLN HXT  H N N 93  
GLU N    N N N 94  
GLU CA   C N S 95  
GLU C    C N N 96  
GLU O    O N N 97  
GLU CB   C N N 98  
GLU CG   C N N 99  
GLU CD   C N N 100 
GLU OE1  O N N 101 
GLU OE2  O N N 102 
GLU OXT  O N N 103 
GLU H    H N N 104 
GLU H2   H N N 105 
GLU HA   H N N 106 
GLU HB2  H N N 107 
GLU HB3  H N N 108 
GLU HG2  H N N 109 
GLU HG3  H N N 110 
GLU HE2  H N N 111 
GLU HXT  H N N 112 
GLY N    N N N 113 
GLY CA   C N N 114 
GLY C    C N N 115 
GLY O    O N N 116 
GLY OXT  O N N 117 
GLY H    H N N 118 
GLY H2   H N N 119 
GLY HA2  H N N 120 
GLY HA3  H N N 121 
GLY HXT  H N N 122 
HIS N    N N N 123 
HIS CA   C N S 124 
HIS C    C N N 125 
HIS O    O N N 126 
HIS CB   C N N 127 
HIS CG   C Y N 128 
HIS ND1  N Y N 129 
HIS CD2  C Y N 130 
HIS CE1  C Y N 131 
HIS NE2  N Y N 132 
HIS OXT  O N N 133 
HIS H    H N N 134 
HIS H2   H N N 135 
HIS HA   H N N 136 
HIS HB2  H N N 137 
HIS HB3  H N N 138 
HIS HD1  H N N 139 
HIS HD2  H N N 140 
HIS HE1  H N N 141 
HIS HE2  H N N 142 
HIS HXT  H N N 143 
HOH O    O N N 144 
HOH H1   H N N 145 
HOH H2   H N N 146 
ILE N    N N N 147 
ILE CA   C N S 148 
ILE C    C N N 149 
ILE O    O N N 150 
ILE CB   C N S 151 
ILE CG1  C N N 152 
ILE CG2  C N N 153 
ILE CD1  C N N 154 
ILE OXT  O N N 155 
ILE H    H N N 156 
ILE H2   H N N 157 
ILE HA   H N N 158 
ILE HB   H N N 159 
ILE HG12 H N N 160 
ILE HG13 H N N 161 
ILE HG21 H N N 162 
ILE HG22 H N N 163 
ILE HG23 H N N 164 
ILE HD11 H N N 165 
ILE HD12 H N N 166 
ILE HD13 H N N 167 
ILE HXT  H N N 168 
LEU N    N N N 169 
LEU CA   C N S 170 
LEU C    C N N 171 
LEU O    O N N 172 
LEU CB   C N N 173 
LEU CG   C N N 174 
LEU CD1  C N N 175 
LEU CD2  C N N 176 
LEU OXT  O N N 177 
LEU H    H N N 178 
LEU H2   H N N 179 
LEU HA   H N N 180 
LEU HB2  H N N 181 
LEU HB3  H N N 182 
LEU HG   H N N 183 
LEU HD11 H N N 184 
LEU HD12 H N N 185 
LEU HD13 H N N 186 
LEU HD21 H N N 187 
LEU HD22 H N N 188 
LEU HD23 H N N 189 
LEU HXT  H N N 190 
LYS N    N N N 191 
LYS CA   C N S 192 
LYS C    C N N 193 
LYS O    O N N 194 
LYS CB   C N N 195 
LYS CG   C N N 196 
LYS CD   C N N 197 
LYS CE   C N N 198 
LYS NZ   N N N 199 
LYS OXT  O N N 200 
LYS H    H N N 201 
LYS H2   H N N 202 
LYS HA   H N N 203 
LYS HB2  H N N 204 
LYS HB3  H N N 205 
LYS HG2  H N N 206 
LYS HG3  H N N 207 
LYS HD2  H N N 208 
LYS HD3  H N N 209 
LYS HE2  H N N 210 
LYS HE3  H N N 211 
LYS HZ1  H N N 212 
LYS HZ2  H N N 213 
LYS HZ3  H N N 214 
LYS HXT  H N N 215 
MET N    N N N 216 
MET CA   C N S 217 
MET C    C N N 218 
MET O    O N N 219 
MET CB   C N N 220 
MET CG   C N N 221 
MET SD   S N N 222 
MET CE   C N N 223 
MET OXT  O N N 224 
MET H    H N N 225 
MET H2   H N N 226 
MET HA   H N N 227 
MET HB2  H N N 228 
MET HB3  H N N 229 
MET HG2  H N N 230 
MET HG3  H N N 231 
MET HE1  H N N 232 
MET HE2  H N N 233 
MET HE3  H N N 234 
MET HXT  H N N 235 
PHE N    N N N 236 
PHE CA   C N S 237 
PHE C    C N N 238 
PHE O    O N N 239 
PHE CB   C N N 240 
PHE CG   C Y N 241 
PHE CD1  C Y N 242 
PHE CD2  C Y N 243 
PHE CE1  C Y N 244 
PHE CE2  C Y N 245 
PHE CZ   C Y N 246 
PHE OXT  O N N 247 
PHE H    H N N 248 
PHE H2   H N N 249 
PHE HA   H N N 250 
PHE HB2  H N N 251 
PHE HB3  H N N 252 
PHE HD1  H N N 253 
PHE HD2  H N N 254 
PHE HE1  H N N 255 
PHE HE2  H N N 256 
PHE HZ   H N N 257 
PHE HXT  H N N 258 
PRO N    N N N 259 
PRO CA   C N S 260 
PRO C    C N N 261 
PRO O    O N N 262 
PRO CB   C N N 263 
PRO CG   C N N 264 
PRO CD   C N N 265 
PRO OXT  O N N 266 
PRO H    H N N 267 
PRO HA   H N N 268 
PRO HB2  H N N 269 
PRO HB3  H N N 270 
PRO HG2  H N N 271 
PRO HG3  H N N 272 
PRO HD2  H N N 273 
PRO HD3  H N N 274 
PRO HXT  H N N 275 
SER N    N N N 276 
SER CA   C N S 277 
SER C    C N N 278 
SER O    O N N 279 
SER CB   C N N 280 
SER OG   O N N 281 
SER OXT  O N N 282 
SER H    H N N 283 
SER H2   H N N 284 
SER HA   H N N 285 
SER HB2  H N N 286 
SER HB3  H N N 287 
SER HG   H N N 288 
SER HXT  H N N 289 
SO4 S    S N N 290 
SO4 O1   O N N 291 
SO4 O2   O N N 292 
SO4 O3   O N N 293 
SO4 O4   O N N 294 
THR N    N N N 295 
THR CA   C N S 296 
THR C    C N N 297 
THR O    O N N 298 
THR CB   C N R 299 
THR OG1  O N N 300 
THR CG2  C N N 301 
THR OXT  O N N 302 
THR H    H N N 303 
THR H2   H N N 304 
THR HA   H N N 305 
THR HB   H N N 306 
THR HG1  H N N 307 
THR HG21 H N N 308 
THR HG22 H N N 309 
THR HG23 H N N 310 
THR HXT  H N N 311 
TRP N    N N N 312 
TRP CA   C N S 313 
TRP C    C N N 314 
TRP O    O N N 315 
TRP CB   C N N 316 
TRP CG   C Y N 317 
TRP CD1  C Y N 318 
TRP CD2  C Y N 319 
TRP NE1  N Y N 320 
TRP CE2  C Y N 321 
TRP CE3  C Y N 322 
TRP CZ2  C Y N 323 
TRP CZ3  C Y N 324 
TRP CH2  C Y N 325 
TRP OXT  O N N 326 
TRP H    H N N 327 
TRP H2   H N N 328 
TRP HA   H N N 329 
TRP HB2  H N N 330 
TRP HB3  H N N 331 
TRP HD1  H N N 332 
TRP HE1  H N N 333 
TRP HE3  H N N 334 
TRP HZ2  H N N 335 
TRP HZ3  H N N 336 
TRP HH2  H N N 337 
TRP HXT  H N N 338 
TYR N    N N N 339 
TYR CA   C N S 340 
TYR C    C N N 341 
TYR O    O N N 342 
TYR CB   C N N 343 
TYR CG   C Y N 344 
TYR CD1  C Y N 345 
TYR CD2  C Y N 346 
TYR CE1  C Y N 347 
TYR CE2  C Y N 348 
TYR CZ   C Y N 349 
TYR OH   O N N 350 
TYR OXT  O N N 351 
TYR H    H N N 352 
TYR H2   H N N 353 
TYR HA   H N N 354 
TYR HB2  H N N 355 
TYR HB3  H N N 356 
TYR HD1  H N N 357 
TYR HD2  H N N 358 
TYR HE1  H N N 359 
TYR HE2  H N N 360 
TYR HH   H N N 361 
TYR HXT  H N N 362 
VAL N    N N N 363 
VAL CA   C N S 364 
VAL C    C N N 365 
VAL O    O N N 366 
VAL CB   C N N 367 
VAL CG1  C N N 368 
VAL CG2  C N N 369 
VAL OXT  O N N 370 
VAL H    H N N 371 
VAL H2   H N N 372 
VAL HA   H N N 373 
VAL HB   H N N 374 
VAL HG11 H N N 375 
VAL HG12 H N N 376 
VAL HG13 H N N 377 
VAL HG21 H N N 378 
VAL HG22 H N N 379 
VAL HG23 H N N 380 
VAL HXT  H N N 381 
# 
loop_
_chem_comp_bond.comp_id 
_chem_comp_bond.atom_id_1 
_chem_comp_bond.atom_id_2 
_chem_comp_bond.value_order 
_chem_comp_bond.pdbx_aromatic_flag 
_chem_comp_bond.pdbx_stereo_config 
_chem_comp_bond.pdbx_ordinal 
ALA N   CA   sing N N 1   
ALA N   H    sing N N 2   
ALA N   H2   sing N N 3   
ALA CA  C    sing N N 4   
ALA CA  CB   sing N N 5   
ALA CA  HA   sing N N 6   
ALA C   O    doub N N 7   
ALA C   OXT  sing N N 8   
ALA CB  HB1  sing N N 9   
ALA CB  HB2  sing N N 10  
ALA CB  HB3  sing N N 11  
ALA OXT HXT  sing N N 12  
ARG N   CA   sing N N 13  
ARG N   H    sing N N 14  
ARG N   H2   sing N N 15  
ARG CA  C    sing N N 16  
ARG CA  CB   sing N N 17  
ARG CA  HA   sing N N 18  
ARG C   O    doub N N 19  
ARG C   OXT  sing N N 20  
ARG CB  CG   sing N N 21  
ARG CB  HB2  sing N N 22  
ARG CB  HB3  sing N N 23  
ARG CG  CD   sing N N 24  
ARG CG  HG2  sing N N 25  
ARG CG  HG3  sing N N 26  
ARG CD  NE   sing N N 27  
ARG CD  HD2  sing N N 28  
ARG CD  HD3  sing N N 29  
ARG NE  CZ   sing N N 30  
ARG NE  HE   sing N N 31  
ARG CZ  NH1  sing N N 32  
ARG CZ  NH2  doub N N 33  
ARG NH1 HH11 sing N N 34  
ARG NH1 HH12 sing N N 35  
ARG NH2 HH21 sing N N 36  
ARG NH2 HH22 sing N N 37  
ARG OXT HXT  sing N N 38  
ASN N   CA   sing N N 39  
ASN N   H    sing N N 40  
ASN N   H2   sing N N 41  
ASN CA  C    sing N N 42  
ASN CA  CB   sing N N 43  
ASN CA  HA   sing N N 44  
ASN C   O    doub N N 45  
ASN C   OXT  sing N N 46  
ASN CB  CG   sing N N 47  
ASN CB  HB2  sing N N 48  
ASN CB  HB3  sing N N 49  
ASN CG  OD1  doub N N 50  
ASN CG  ND2  sing N N 51  
ASN ND2 HD21 sing N N 52  
ASN ND2 HD22 sing N N 53  
ASN OXT HXT  sing N N 54  
ASP N   CA   sing N N 55  
ASP N   H    sing N N 56  
ASP N   H2   sing N N 57  
ASP CA  C    sing N N 58  
ASP CA  CB   sing N N 59  
ASP CA  HA   sing N N 60  
ASP C   O    doub N N 61  
ASP C   OXT  sing N N 62  
ASP CB  CG   sing N N 63  
ASP CB  HB2  sing N N 64  
ASP CB  HB3  sing N N 65  
ASP CG  OD1  doub N N 66  
ASP CG  OD2  sing N N 67  
ASP OD2 HD2  sing N N 68  
ASP OXT HXT  sing N N 69  
GLN N   CA   sing N N 70  
GLN N   H    sing N N 71  
GLN N   H2   sing N N 72  
GLN CA  C    sing N N 73  
GLN CA  CB   sing N N 74  
GLN CA  HA   sing N N 75  
GLN C   O    doub N N 76  
GLN C   OXT  sing N N 77  
GLN CB  CG   sing N N 78  
GLN CB  HB2  sing N N 79  
GLN CB  HB3  sing N N 80  
GLN CG  CD   sing N N 81  
GLN CG  HG2  sing N N 82  
GLN CG  HG3  sing N N 83  
GLN CD  OE1  doub N N 84  
GLN CD  NE2  sing N N 85  
GLN NE2 HE21 sing N N 86  
GLN NE2 HE22 sing N N 87  
GLN OXT HXT  sing N N 88  
GLU N   CA   sing N N 89  
GLU N   H    sing N N 90  
GLU N   H2   sing N N 91  
GLU CA  C    sing N N 92  
GLU CA  CB   sing N N 93  
GLU CA  HA   sing N N 94  
GLU C   O    doub N N 95  
GLU C   OXT  sing N N 96  
GLU CB  CG   sing N N 97  
GLU CB  HB2  sing N N 98  
GLU CB  HB3  sing N N 99  
GLU CG  CD   sing N N 100 
GLU CG  HG2  sing N N 101 
GLU CG  HG3  sing N N 102 
GLU CD  OE1  doub N N 103 
GLU CD  OE2  sing N N 104 
GLU OE2 HE2  sing N N 105 
GLU OXT HXT  sing N N 106 
GLY N   CA   sing N N 107 
GLY N   H    sing N N 108 
GLY N   H2   sing N N 109 
GLY CA  C    sing N N 110 
GLY CA  HA2  sing N N 111 
GLY CA  HA3  sing N N 112 
GLY C   O    doub N N 113 
GLY C   OXT  sing N N 114 
GLY OXT HXT  sing N N 115 
HIS N   CA   sing N N 116 
HIS N   H    sing N N 117 
HIS N   H2   sing N N 118 
HIS CA  C    sing N N 119 
HIS CA  CB   sing N N 120 
HIS CA  HA   sing N N 121 
HIS C   O    doub N N 122 
HIS C   OXT  sing N N 123 
HIS CB  CG   sing N N 124 
HIS CB  HB2  sing N N 125 
HIS CB  HB3  sing N N 126 
HIS CG  ND1  sing Y N 127 
HIS CG  CD2  doub Y N 128 
HIS ND1 CE1  doub Y N 129 
HIS ND1 HD1  sing N N 130 
HIS CD2 NE2  sing Y N 131 
HIS CD2 HD2  sing N N 132 
HIS CE1 NE2  sing Y N 133 
HIS CE1 HE1  sing N N 134 
HIS NE2 HE2  sing N N 135 
HIS OXT HXT  sing N N 136 
HOH O   H1   sing N N 137 
HOH O   H2   sing N N 138 
ILE N   CA   sing N N 139 
ILE N   H    sing N N 140 
ILE N   H2   sing N N 141 
ILE CA  C    sing N N 142 
ILE CA  CB   sing N N 143 
ILE CA  HA   sing N N 144 
ILE C   O    doub N N 145 
ILE C   OXT  sing N N 146 
ILE CB  CG1  sing N N 147 
ILE CB  CG2  sing N N 148 
ILE CB  HB   sing N N 149 
ILE CG1 CD1  sing N N 150 
ILE CG1 HG12 sing N N 151 
ILE CG1 HG13 sing N N 152 
ILE CG2 HG21 sing N N 153 
ILE CG2 HG22 sing N N 154 
ILE CG2 HG23 sing N N 155 
ILE CD1 HD11 sing N N 156 
ILE CD1 HD12 sing N N 157 
ILE CD1 HD13 sing N N 158 
ILE OXT HXT  sing N N 159 
LEU N   CA   sing N N 160 
LEU N   H    sing N N 161 
LEU N   H2   sing N N 162 
LEU CA  C    sing N N 163 
LEU CA  CB   sing N N 164 
LEU CA  HA   sing N N 165 
LEU C   O    doub N N 166 
LEU C   OXT  sing N N 167 
LEU CB  CG   sing N N 168 
LEU CB  HB2  sing N N 169 
LEU CB  HB3  sing N N 170 
LEU CG  CD1  sing N N 171 
LEU CG  CD2  sing N N 172 
LEU CG  HG   sing N N 173 
LEU CD1 HD11 sing N N 174 
LEU CD1 HD12 sing N N 175 
LEU CD1 HD13 sing N N 176 
LEU CD2 HD21 sing N N 177 
LEU CD2 HD22 sing N N 178 
LEU CD2 HD23 sing N N 179 
LEU OXT HXT  sing N N 180 
LYS N   CA   sing N N 181 
LYS N   H    sing N N 182 
LYS N   H2   sing N N 183 
LYS CA  C    sing N N 184 
LYS CA  CB   sing N N 185 
LYS CA  HA   sing N N 186 
LYS C   O    doub N N 187 
LYS C   OXT  sing N N 188 
LYS CB  CG   sing N N 189 
LYS CB  HB2  sing N N 190 
LYS CB  HB3  sing N N 191 
LYS CG  CD   sing N N 192 
LYS CG  HG2  sing N N 193 
LYS CG  HG3  sing N N 194 
LYS CD  CE   sing N N 195 
LYS CD  HD2  sing N N 196 
LYS CD  HD3  sing N N 197 
LYS CE  NZ   sing N N 198 
LYS CE  HE2  sing N N 199 
LYS CE  HE3  sing N N 200 
LYS NZ  HZ1  sing N N 201 
LYS NZ  HZ2  sing N N 202 
LYS NZ  HZ3  sing N N 203 
LYS OXT HXT  sing N N 204 
MET N   CA   sing N N 205 
MET N   H    sing N N 206 
MET N   H2   sing N N 207 
MET CA  C    sing N N 208 
MET CA  CB   sing N N 209 
MET CA  HA   sing N N 210 
MET C   O    doub N N 211 
MET C   OXT  sing N N 212 
MET CB  CG   sing N N 213 
MET CB  HB2  sing N N 214 
MET CB  HB3  sing N N 215 
MET CG  SD   sing N N 216 
MET CG  HG2  sing N N 217 
MET CG  HG3  sing N N 218 
MET SD  CE   sing N N 219 
MET CE  HE1  sing N N 220 
MET CE  HE2  sing N N 221 
MET CE  HE3  sing N N 222 
MET OXT HXT  sing N N 223 
PHE N   CA   sing N N 224 
PHE N   H    sing N N 225 
PHE N   H2   sing N N 226 
PHE CA  C    sing N N 227 
PHE CA  CB   sing N N 228 
PHE CA  HA   sing N N 229 
PHE C   O    doub N N 230 
PHE C   OXT  sing N N 231 
PHE CB  CG   sing N N 232 
PHE CB  HB2  sing N N 233 
PHE CB  HB3  sing N N 234 
PHE CG  CD1  doub Y N 235 
PHE CG  CD2  sing Y N 236 
PHE CD1 CE1  sing Y N 237 
PHE CD1 HD1  sing N N 238 
PHE CD2 CE2  doub Y N 239 
PHE CD2 HD2  sing N N 240 
PHE CE1 CZ   doub Y N 241 
PHE CE1 HE1  sing N N 242 
PHE CE2 CZ   sing Y N 243 
PHE CE2 HE2  sing N N 244 
PHE CZ  HZ   sing N N 245 
PHE OXT HXT  sing N N 246 
PRO N   CA   sing N N 247 
PRO N   CD   sing N N 248 
PRO N   H    sing N N 249 
PRO CA  C    sing N N 250 
PRO CA  CB   sing N N 251 
PRO CA  HA   sing N N 252 
PRO C   O    doub N N 253 
PRO C   OXT  sing N N 254 
PRO CB  CG   sing N N 255 
PRO CB  HB2  sing N N 256 
PRO CB  HB3  sing N N 257 
PRO CG  CD   sing N N 258 
PRO CG  HG2  sing N N 259 
PRO CG  HG3  sing N N 260 
PRO CD  HD2  sing N N 261 
PRO CD  HD3  sing N N 262 
PRO OXT HXT  sing N N 263 
SER N   CA   sing N N 264 
SER N   H    sing N N 265 
SER N   H2   sing N N 266 
SER CA  C    sing N N 267 
SER CA  CB   sing N N 268 
SER CA  HA   sing N N 269 
SER C   O    doub N N 270 
SER C   OXT  sing N N 271 
SER CB  OG   sing N N 272 
SER CB  HB2  sing N N 273 
SER CB  HB3  sing N N 274 
SER OG  HG   sing N N 275 
SER OXT HXT  sing N N 276 
SO4 S   O1   doub N N 277 
SO4 S   O2   doub N N 278 
SO4 S   O3   sing N N 279 
SO4 S   O4   sing N N 280 
THR N   CA   sing N N 281 
THR N   H    sing N N 282 
THR N   H2   sing N N 283 
THR CA  C    sing N N 284 
THR CA  CB   sing N N 285 
THR CA  HA   sing N N 286 
THR C   O    doub N N 287 
THR C   OXT  sing N N 288 
THR CB  OG1  sing N N 289 
THR CB  CG2  sing N N 290 
THR CB  HB   sing N N 291 
THR OG1 HG1  sing N N 292 
THR CG2 HG21 sing N N 293 
THR CG2 HG22 sing N N 294 
THR CG2 HG23 sing N N 295 
THR OXT HXT  sing N N 296 
TRP N   CA   sing N N 297 
TRP N   H    sing N N 298 
TRP N   H2   sing N N 299 
TRP CA  C    sing N N 300 
TRP CA  CB   sing N N 301 
TRP CA  HA   sing N N 302 
TRP C   O    doub N N 303 
TRP C   OXT  sing N N 304 
TRP CB  CG   sing N N 305 
TRP CB  HB2  sing N N 306 
TRP CB  HB3  sing N N 307 
TRP CG  CD1  doub Y N 308 
TRP CG  CD2  sing Y N 309 
TRP CD1 NE1  sing Y N 310 
TRP CD1 HD1  sing N N 311 
TRP CD2 CE2  doub Y N 312 
TRP CD2 CE3  sing Y N 313 
TRP NE1 CE2  sing Y N 314 
TRP NE1 HE1  sing N N 315 
TRP CE2 CZ2  sing Y N 316 
TRP CE3 CZ3  doub Y N 317 
TRP CE3 HE3  sing N N 318 
TRP CZ2 CH2  doub Y N 319 
TRP CZ2 HZ2  sing N N 320 
TRP CZ3 CH2  sing Y N 321 
TRP CZ3 HZ3  sing N N 322 
TRP CH2 HH2  sing N N 323 
TRP OXT HXT  sing N N 324 
TYR N   CA   sing N N 325 
TYR N   H    sing N N 326 
TYR N   H2   sing N N 327 
TYR CA  C    sing N N 328 
TYR CA  CB   sing N N 329 
TYR CA  HA   sing N N 330 
TYR C   O    doub N N 331 
TYR C   OXT  sing N N 332 
TYR CB  CG   sing N N 333 
TYR CB  HB2  sing N N 334 
TYR CB  HB3  sing N N 335 
TYR CG  CD1  doub Y N 336 
TYR CG  CD2  sing Y N 337 
TYR CD1 CE1  sing Y N 338 
TYR CD1 HD1  sing N N 339 
TYR CD2 CE2  doub Y N 340 
TYR CD2 HD2  sing N N 341 
TYR CE1 CZ   doub Y N 342 
TYR CE1 HE1  sing N N 343 
TYR CE2 CZ   sing Y N 344 
TYR CE2 HE2  sing N N 345 
TYR CZ  OH   sing N N 346 
TYR OH  HH   sing N N 347 
TYR OXT HXT  sing N N 348 
VAL N   CA   sing N N 349 
VAL N   H    sing N N 350 
VAL N   H2   sing N N 351 
VAL CA  C    sing N N 352 
VAL CA  CB   sing N N 353 
VAL CA  HA   sing N N 354 
VAL C   O    doub N N 355 
VAL C   OXT  sing N N 356 
VAL CB  CG1  sing N N 357 
VAL CB  CG2  sing N N 358 
VAL CB  HB   sing N N 359 
VAL CG1 HG11 sing N N 360 
VAL CG1 HG12 sing N N 361 
VAL CG1 HG13 sing N N 362 
VAL CG2 HG21 sing N N 363 
VAL CG2 HG22 sing N N 364 
VAL CG2 HG23 sing N N 365 
VAL OXT HXT  sing N N 366 
# 
_atom_sites.entry_id                    2ASR 
_atom_sites.fract_transf_matrix[1][1]   -0.01079463 
_atom_sites.fract_transf_matrix[1][2]   0.00358666 
_atom_sites.fract_transf_matrix[1][3]   -0.00272181 
_atom_sites.fract_transf_matrix[2][1]   -0.00381898 
_atom_sites.fract_transf_matrix[2][2]   -0.01103866 
_atom_sites.fract_transf_matrix[2][3]   0.00059982 
_atom_sites.fract_transf_matrix[3][1]   -0.00196444 
_atom_sites.fract_transf_matrix[3][2]   0.00118804 
_atom_sites.fract_transf_matrix[3][3]   0.00935647 
_atom_sites.fract_transf_vector[1]      0.279804 
_atom_sites.fract_transf_vector[2]      0.303900 
_atom_sites.fract_transf_vector[3]      0.077326 
# 
_atom_sites_footnote.id     1 
_atom_sites_footnote.text   
;THE ELECTRON DENSITY IS WEAK AND BROKEN FOR RESIDUES 77 -81 AND THESE RESIDUES ARE INCLUDED IN THE MODEL MERELY FOR COMPLETENESS.  THEIR COORDINATES ARE POORLY DEFINED.
;
# 
loop_
_atom_type.symbol 
C 
N 
O 
S 
# 
loop_
_atom_site.group_PDB 
_atom_site.id 
_atom_site.type_symbol 
_atom_site.label_atom_id 
_atom_site.label_alt_id 
_atom_site.label_comp_id 
_atom_site.label_asym_id 
_atom_site.label_entity_id 
_atom_site.label_seq_id 
_atom_site.pdbx_PDB_ins_code 
_atom_site.Cartn_x 
_atom_site.Cartn_y 
_atom_site.Cartn_z 
_atom_site.occupancy 
_atom_site.B_iso_or_equiv 
_atom_site.pdbx_formal_charge 
_atom_site.auth_seq_id 
_atom_site.auth_comp_id 
_atom_site.auth_asym_id 
_atom_site.auth_atom_id 
_atom_site.pdbx_PDB_model_num 
ATOM   1    N N   . LYS A 1 1   ? 27.989  16.618  4.836   1.00 92.76  ? 38  LYS A N   1 
ATOM   2    C CA  . LYS A 1 1   ? 27.179  15.398  4.969   1.00 89.11  ? 38  LYS A CA  1 
ATOM   3    C C   . LYS A 1 1   ? 26.720  14.707  3.699   1.00 85.62  ? 38  LYS A C   1 
ATOM   4    O O   . LYS A 1 1   ? 26.554  13.497  3.667   1.00 83.76  ? 38  LYS A O   1 
ATOM   5    C CB  . LYS A 1 1   ? 25.899  15.648  5.778   1.00 89.95  ? 38  LYS A CB  1 
ATOM   6    C CG  . LYS A 1 1   ? 26.145  15.673  7.265   1.00 88.07  ? 38  LYS A CG  1 
ATOM   7    C CD  . LYS A 1 1   ? 24.844  15.593  8.001   1.00 88.63  ? 38  LYS A CD  1 
ATOM   8    C CE  . LYS A 1 1   ? 25.194  15.194  9.421   1.00 92.03  ? 38  LYS A CE  1 
ATOM   9    N NZ  . LYS A 1 1   ? 23.975  14.899  10.152  1.00 97.22  ? 38  LYS A NZ  1 
ATOM   10   N N   . SER A 1 2   ? 26.641  15.452  2.622   1.00 84.20  ? 39  SER A N   1 
ATOM   11   C CA  . SER A 1 2   ? 26.013  15.063  1.378   1.00 85.60  ? 39  SER A CA  1 
ATOM   12   C C   . SER A 1 2   ? 26.014  13.613  0.892   1.00 85.07  ? 39  SER A C   1 
ATOM   13   O O   . SER A 1 2   ? 24.884  13.213  0.623   1.00 87.23  ? 39  SER A O   1 
ATOM   14   C CB  . SER A 1 2   ? 26.612  16.018  0.349   1.00 87.04  ? 39  SER A CB  1 
ATOM   15   O OG  . SER A 1 2   ? 26.664  17.332  0.931   1.00 88.58  ? 39  SER A OG  1 
ATOM   16   N N   . PHE A 1 3   ? 27.058  12.755  0.809   1.00 82.23  ? 40  PHE A N   1 
ATOM   17   C CA  . PHE A 1 3   ? 26.865  11.368  0.372   1.00 78.65  ? 40  PHE A CA  1 
ATOM   18   C C   . PHE A 1 3   ? 25.895  10.650  1.292   1.00 73.57  ? 40  PHE A C   1 
ATOM   19   O O   . PHE A 1 3   ? 24.785  10.304  0.886   1.00 72.37  ? 40  PHE A O   1 
ATOM   20   C CB  . PHE A 1 3   ? 28.206  10.523  0.343   1.00 87.72  ? 40  PHE A CB  1 
ATOM   21   C CG  . PHE A 1 3   ? 28.157  8.986   0.660   1.00 95.84  ? 40  PHE A CG  1 
ATOM   22   C CD1 . PHE A 1 3   ? 27.257  8.092   0.022   1.00 97.89  ? 40  PHE A CD1 1 
ATOM   23   C CD2 . PHE A 1 3   ? 28.969  8.471   1.698   1.00 99.27  ? 40  PHE A CD2 1 
ATOM   24   C CE1 . PHE A 1 3   ? 27.164  6.751   0.432   1.00 98.26  ? 40  PHE A CE1 1 
ATOM   25   C CE2 . PHE A 1 3   ? 28.869  7.124   2.097   1.00 100.59 ? 40  PHE A CE2 1 
ATOM   26   C CZ  . PHE A 1 3   ? 27.964  6.265   1.467   1.00 100.06 ? 40  PHE A CZ  1 
ATOM   27   N N   . VAL A 1 4   ? 26.277  10.498  2.552   1.00 69.24  ? 41  VAL A N   1 
ATOM   28   C CA  . VAL A 1 4   ? 25.551  9.623   3.448   1.00 68.59  ? 41  VAL A CA  1 
ATOM   29   C C   . VAL A 1 4   ? 24.095  10.013  3.614   1.00 66.49  ? 41  VAL A C   1 
ATOM   30   O O   . VAL A 1 4   ? 23.212  9.158   3.531   1.00 68.27  ? 41  VAL A O   1 
ATOM   31   C CB  . VAL A 1 4   ? 26.364  9.581   4.790   1.00 69.47  ? 41  VAL A CB  1 
ATOM   32   C CG1 . VAL A 1 4   ? 26.471  10.951  5.448   1.00 73.63  ? 41  VAL A CG1 1 
ATOM   33   C CG2 . VAL A 1 4   ? 25.710  8.553   5.708   1.00 72.96  ? 41  VAL A CG2 1 
ATOM   34   N N   . VAL A 1 5   ? 23.851  11.317  3.673   1.00 62.72  ? 42  VAL A N   1 
ATOM   35   C CA  . VAL A 1 5   ? 22.513  11.819  3.811   1.00 56.09  ? 42  VAL A CA  1 
ATOM   36   C C   . VAL A 1 5   ? 21.749  11.649  2.519   1.00 52.19  ? 42  VAL A C   1 
ATOM   37   O O   . VAL A 1 5   ? 20.621  11.160  2.575   1.00 53.74  ? 42  VAL A O   1 
ATOM   38   C CB  . VAL A 1 5   ? 22.654  13.263  4.278   1.00 53.87  ? 42  VAL A CB  1 
ATOM   39   C CG1 . VAL A 1 5   ? 21.589  14.203  3.823   1.00 51.14  ? 42  VAL A CG1 1 
ATOM   40   C CG2 . VAL A 1 5   ? 22.504  13.165  5.780   1.00 53.18  ? 42  VAL A CG2 1 
ATOM   41   N N   . SER A 1 6   ? 22.294  11.937  1.352   1.00 46.89  ? 43  SER A N   1 
ATOM   42   C CA  . SER A 1 6   ? 21.492  11.764  0.172   1.00 48.62  ? 43  SER A CA  1 
ATOM   43   C C   . SER A 1 6   ? 21.275  10.268  -0.170  1.00 49.46  ? 43  SER A C   1 
ATOM   44   O O   . SER A 1 6   ? 20.268  9.834   -0.744  1.00 48.89  ? 43  SER A O   1 
ATOM   45   C CB  . SER A 1 6   ? 22.187  12.533  -0.899  1.00 45.56  ? 43  SER A CB  1 
ATOM   46   O OG  . SER A 1 6   ? 23.400  11.873  -1.162  1.00 54.75  ? 43  SER A OG  1 
ATOM   47   N N   . ASN A 1 7   ? 22.163  9.375   0.222   1.00 50.23  ? 44  ASN A N   1 
ATOM   48   C CA  . ASN A 1 7   ? 21.896  7.972   -0.001  1.00 50.71  ? 44  ASN A CA  1 
ATOM   49   C C   . ASN A 1 7   ? 20.769  7.481   0.878   1.00 48.33  ? 44  ASN A C   1 
ATOM   50   O O   . ASN A 1 7   ? 19.913  6.728   0.416   1.00 49.59  ? 44  ASN A O   1 
ATOM   51   C CB  . ASN A 1 7   ? 23.188  7.212   0.211   1.00 54.55  ? 44  ASN A CB  1 
ATOM   52   C CG  . ASN A 1 7   ? 23.904  7.190   -1.141  1.00 62.19  ? 44  ASN A CG  1 
ATOM   53   O OD1 . ASN A 1 7   ? 24.769  6.354   -1.362  1.00 66.69  ? 44  ASN A OD1 1 
ATOM   54   N ND2 . ASN A 1 7   ? 23.639  8.025   -2.154  1.00 64.59  ? 44  ASN A ND2 1 
ATOM   55   N N   . GLN A 1 8   ? 20.687  7.994   2.106   1.00 44.20  ? 45  GLN A N   1 
ATOM   56   C CA  . GLN A 1 8   ? 19.629  7.712   3.063   1.00 40.58  ? 45  GLN A CA  1 
ATOM   57   C C   . GLN A 1 8   ? 18.274  8.079   2.483   1.00 35.70  ? 45  GLN A C   1 
ATOM   58   O O   . GLN A 1 8   ? 17.288  7.378   2.644   1.00 32.44  ? 45  GLN A O   1 
ATOM   59   C CB  . GLN A 1 8   ? 19.920  8.517   4.313   1.00 48.44  ? 45  GLN A CB  1 
ATOM   60   C CG  . GLN A 1 8   ? 18.804  8.729   5.327   1.00 63.24  ? 45  GLN A CG  1 
ATOM   61   C CD  . GLN A 1 8   ? 18.686  7.696   6.445   1.00 72.31  ? 45  GLN A CD  1 
ATOM   62   O OE1 . GLN A 1 8   ? 18.949  6.499   6.283   1.00 77.27  ? 45  GLN A OE1 1 
ATOM   63   N NE2 . GLN A 1 8   ? 18.267  8.107   7.648   1.00 77.09  ? 45  GLN A NE2 1 
ATOM   64   N N   . LEU A 1 9   ? 18.234  9.186   1.778   1.00 34.08  ? 46  LEU A N   1 
ATOM   65   C CA  . LEU A 1 9   ? 17.034  9.682   1.151   1.00 32.67  ? 46  LEU A CA  1 
ATOM   66   C C   . LEU A 1 9   ? 16.570  8.784   0.026   1.00 32.96  ? 46  LEU A C   1 
ATOM   67   O O   . LEU A 1 9   ? 15.377  8.503   -0.123  1.00 32.33  ? 46  LEU A O   1 
ATOM   68   C CB  . LEU A 1 9   ? 17.339  11.049  0.638   1.00 26.58  ? 46  LEU A CB  1 
ATOM   69   C CG  . LEU A 1 9   ? 16.428  12.158  0.977   1.00 23.91  ? 46  LEU A CG  1 
ATOM   70   C CD1 . LEU A 1 9   ? 16.001  12.152  2.414   1.00 26.45  ? 46  LEU A CD1 1 
ATOM   71   C CD2 . LEU A 1 9   ? 17.192  13.381  0.664   1.00 21.60  ? 46  LEU A CD2 1 
ATOM   72   N N   . ARG A 1 10  ? 17.513  8.303   -0.788  1.00 35.04  ? 47  ARG A N   1 
ATOM   73   C CA  . ARG A 1 10  ? 17.180  7.387   -1.877  1.00 37.69  ? 47  ARG A CA  1 
ATOM   74   C C   . ARG A 1 10  ? 16.731  6.065   -1.308  1.00 35.22  ? 47  ARG A C   1 
ATOM   75   O O   . ARG A 1 10  ? 15.794  5.481   -1.841  1.00 39.24  ? 47  ARG A O   1 
ATOM   76   C CB  . ARG A 1 10  ? 18.299  6.973   -2.759  1.00 36.98  ? 47  ARG A CB  1 
ATOM   77   C CG  . ARG A 1 10  ? 19.163  8.018   -3.385  1.00 47.91  ? 47  ARG A CG  1 
ATOM   78   C CD  . ARG A 1 10  ? 20.555  7.383   -3.405  1.00 53.71  ? 47  ARG A CD  1 
ATOM   79   N NE  . ARG A 1 10  ? 20.490  6.043   -4.004  1.00 59.63  ? 47  ARG A NE  1 
ATOM   80   C CZ  . ARG A 1 10  ? 21.291  5.035   -3.661  1.00 58.47  ? 47  ARG A CZ  1 
ATOM   81   N NH1 . ARG A 1 10  ? 22.249  5.187   -2.740  1.00 54.46  ? 47  ARG A NH1 1 
ATOM   82   N NH2 . ARG A 1 10  ? 21.012  3.836   -4.177  1.00 57.27  ? 47  ARG A NH2 1 
ATOM   83   N N   . GLU A 1 11  ? 17.348  5.558   -0.265  1.00 31.86  ? 48  GLU A N   1 
ATOM   84   C CA  . GLU A 1 11  ? 16.929  4.319   0.284   1.00 33.04  ? 48  GLU A CA  1 
ATOM   85   C C   . GLU A 1 11  ? 15.583  4.473   0.913   1.00 30.20  ? 48  GLU A C   1 
ATOM   86   O O   . GLU A 1 11  ? 14.771  3.577   0.738   1.00 31.91  ? 48  GLU A O   1 
ATOM   87   C CB  . GLU A 1 11  ? 17.997  3.869   1.255   1.00 41.20  ? 48  GLU A CB  1 
ATOM   88   C CG  . GLU A 1 11  ? 18.876  2.780   0.574   1.00 62.60  ? 48  GLU A CG  1 
ATOM   89   C CD  . GLU A 1 11  ? 19.316  2.931   -0.921  1.00 72.14  ? 48  GLU A CD  1 
ATOM   90   O OE1 . GLU A 1 11  ? 18.634  2.461   -1.863  1.00 70.52  ? 48  GLU A OE1 1 
ATOM   91   O OE2 . GLU A 1 11  ? 20.394  3.492   -1.144  1.00 76.91  ? 48  GLU A OE2 1 
ATOM   92   N N   . GLN A 1 12  ? 15.242  5.579   1.577   1.00 29.44  ? 49  GLN A N   1 
ATOM   93   C CA  . GLN A 1 12  ? 13.886  5.784   2.104   1.00 25.87  ? 49  GLN A CA  1 
ATOM   94   C C   . GLN A 1 12  ? 12.921  5.879   0.937   1.00 22.44  ? 49  GLN A C   1 
ATOM   95   O O   . GLN A 1 12  ? 11.876  5.267   0.985   1.00 26.06  ? 49  GLN A O   1 
ATOM   96   C CB  . GLN A 1 12  ? 13.797  7.051   2.916   1.00 24.84  ? 49  GLN A CB  1 
ATOM   97   C CG  . GLN A 1 12  ? 14.554  7.027   4.250   1.00 23.65  ? 49  GLN A CG  1 
ATOM   98   C CD  . GLN A 1 12  ? 14.967  8.434   4.728   1.00 29.92  ? 49  GLN A CD  1 
ATOM   99   O OE1 . GLN A 1 12  ? 15.240  9.359   3.938   1.00 26.73  ? 49  GLN A OE1 1 
ATOM   100  N NE2 . GLN A 1 12  ? 15.026  8.690   6.036   1.00 27.21  ? 49  GLN A NE2 1 
ATOM   101  N N   . GLN A 1 13  ? 13.211  6.507   -0.177  1.00 19.67  ? 50  GLN A N   1 
ATOM   102  C CA  . GLN A 1 13  ? 12.285  6.507   -1.272  1.00 21.19  ? 50  GLN A CA  1 
ATOM   103  C C   . GLN A 1 13  ? 12.051  5.116   -1.867  1.00 21.39  ? 50  GLN A C   1 
ATOM   104  O O   . GLN A 1 13  ? 10.918  4.744   -2.184  1.00 24.34  ? 50  GLN A O   1 
ATOM   105  C CB  . GLN A 1 13  ? 12.820  7.470   -2.292  1.00 15.78  ? 50  GLN A CB  1 
ATOM   106  C CG  . GLN A 1 13  ? 11.836  7.709   -3.438  1.00 22.50  ? 50  GLN A CG  1 
ATOM   107  C CD  . GLN A 1 13  ? 10.430  8.189   -3.049  1.00 25.24  ? 50  GLN A CD  1 
ATOM   108  O OE1 . GLN A 1 13  ? 10.233  9.351   -2.724  1.00 29.41  ? 50  GLN A OE1 1 
ATOM   109  N NE2 . GLN A 1 13  ? 9.362   7.397   -3.056  1.00 27.31  ? 50  GLN A NE2 1 
ATOM   110  N N   . GLY A 1 14  ? 13.070  4.279   -1.965  1.00 22.38  ? 51  GLY A N   1 
ATOM   111  C CA  . GLY A 1 14  ? 12.949  2.960   -2.574  1.00 18.20  ? 51  GLY A CA  1 
ATOM   112  C C   . GLY A 1 14  ? 12.051  2.079   -1.765  1.00 17.31  ? 51  GLY A C   1 
ATOM   113  O O   . GLY A 1 14  ? 11.155  1.404   -2.250  1.00 19.08  ? 51  GLY A O   1 
ATOM   114  N N   . GLU A 1 15  ? 12.257  2.117   -0.475  1.00 19.66  ? 52  GLU A N   1 
ATOM   115  C CA  . GLU A 1 15  ? 11.436  1.343   0.417   1.00 20.48  ? 52  GLU A CA  1 
ATOM   116  C C   . GLU A 1 15  ? 10.004  1.813   0.365   1.00 23.81  ? 52  GLU A C   1 
ATOM   117  O O   . GLU A 1 15  ? 9.127   0.943   0.402   1.00 25.71  ? 52  GLU A O   1 
ATOM   118  C CB  . GLU A 1 15  ? 11.932  1.445   1.866   1.00 24.62  ? 52  GLU A CB  1 
ATOM   119  C CG  . GLU A 1 15  ? 13.179  0.604   2.217   1.00 30.27  ? 52  GLU A CG  1 
ATOM   120  C CD  . GLU A 1 15  ? 13.093  -0.883  1.850   1.00 34.24  ? 52  GLU A CD  1 
ATOM   121  O OE1 . GLU A 1 15  ? 12.022  -1.477  1.935   1.00 32.89  ? 52  GLU A OE1 1 
ATOM   122  O OE2 . GLU A 1 15  ? 14.107  -1.445  1.449   1.00 34.63  ? 52  GLU A OE2 1 
ATOM   123  N N   . LEU A 1 16  ? 9.727   3.131   0.240   1.00 22.45  ? 53  LEU A N   1 
ATOM   124  C CA  . LEU A 1 16  ? 8.351   3.633   0.207   1.00 20.21  ? 53  LEU A CA  1 
ATOM   125  C C   . LEU A 1 16  ? 7.709   3.277   -1.116  1.00 18.14  ? 53  LEU A C   1 
ATOM   126  O O   . LEU A 1 16  ? 6.534   2.943   -1.113  1.00 17.65  ? 53  LEU A O   1 
ATOM   127  C CB  . LEU A 1 16  ? 8.272   5.153   0.379   1.00 19.16  ? 53  LEU A CB  1 
ATOM   128  C CG  . LEU A 1 16  ? 6.880   5.776   0.527   1.00 20.85  ? 53  LEU A CG  1 
ATOM   129  C CD1 . LEU A 1 16  ? 6.181   5.383   1.827   1.00 19.04  ? 53  LEU A CD1 1 
ATOM   130  C CD2 . LEU A 1 16  ? 7.070   7.262   0.502   1.00 15.54  ? 53  LEU A CD2 1 
ATOM   131  N N   . THR A 1 17  ? 8.441   3.302   -2.229  1.00 18.24  ? 54  THR A N   1 
ATOM   132  C CA  . THR A 1 17  ? 7.943   2.866   -3.515  1.00 18.93  ? 54  THR A CA  1 
ATOM   133  C C   . THR A 1 17  ? 7.541   1.388   -3.415  1.00 19.89  ? 54  THR A C   1 
ATOM   134  O O   . THR A 1 17  ? 6.469   1.000   -3.888  1.00 21.97  ? 54  THR A O   1 
ATOM   135  C CB  . THR A 1 17  ? 9.059   3.091   -4.548  1.00 15.50  ? 54  THR A CB  1 
ATOM   136  O OG1 . THR A 1 17  ? 9.239   4.487   -4.649  1.00 16.58  ? 54  THR A OG1 1 
ATOM   137  C CG2 . THR A 1 17  ? 8.727   2.566   -5.911  1.00 14.36  ? 54  THR A CG2 1 
ATOM   138  N N   . SER A 1 18  ? 8.352   0.560   -2.754  1.00 19.85  ? 55  SER A N   1 
ATOM   139  C CA  . SER A 1 18  ? 8.020   -0.837  -2.586  1.00 22.30  ? 55  SER A CA  1 
ATOM   140  C C   . SER A 1 18  ? 6.748   -0.998  -1.762  1.00 21.70  ? 55  SER A C   1 
ATOM   141  O O   . SER A 1 18  ? 5.933   -1.838  -2.147  1.00 23.70  ? 55  SER A O   1 
ATOM   142  C CB  . SER A 1 18  ? 9.206   -1.548  -1.932  1.00 23.73  ? 55  SER A CB  1 
ATOM   143  O OG  . SER A 1 18  ? 10.371  -1.573  -2.754  1.00 23.59  ? 55  SER A OG  1 
ATOM   144  N N   . THR A 1 19  ? 6.528   -0.209  -0.691  1.00 20.00  ? 56  THR A N   1 
ATOM   145  C CA  . THR A 1 19  ? 5.301   -0.249  0.090   1.00 18.49  ? 56  THR A CA  1 
ATOM   146  C C   . THR A 1 19  ? 4.098   0.152   -0.762  1.00 21.61  ? 56  THR A C   1 
ATOM   147  O O   . THR A 1 19  ? 3.140   -0.628  -0.808  1.00 24.43  ? 56  THR A O   1 
ATOM   148  C CB  . THR A 1 19  ? 5.411   0.695   1.300   1.00 17.59  ? 56  THR A CB  1 
ATOM   149  O OG1 . THR A 1 19  ? 6.595   0.288   1.962   1.00 15.87  ? 56  THR A OG1 1 
ATOM   150  C CG2 . THR A 1 19  ? 4.263   0.623   2.296   1.00 13.55  ? 56  THR A CG2 1 
ATOM   151  N N   . TRP A 1 20  ? 4.118   1.294   -1.473  1.00 18.92  ? 57  TRP A N   1 
ATOM   152  C CA  . TRP A 1 20  ? 3.001   1.772   -2.268  1.00 17.34  ? 57  TRP A CA  1 
ATOM   153  C C   . TRP A 1 20  ? 2.675   0.717   -3.331  1.00 17.19  ? 57  TRP A C   1 
ATOM   154  O O   . TRP A 1 20  ? 1.565   0.186   -3.419  1.00 15.25  ? 57  TRP A O   1 
ATOM   155  C CB  . TRP A 1 20  ? 3.422   3.125   -2.890  1.00 18.84  ? 57  TRP A CB  1 
ATOM   156  C CG  . TRP A 1 20  ? 2.395   3.807   -3.799  1.00 17.17  ? 57  TRP A CG  1 
ATOM   157  C CD1 . TRP A 1 20  ? 2.774   4.336   -5.005  1.00 17.25  ? 57  TRP A CD1 1 
ATOM   158  C CD2 . TRP A 1 20  ? 1.038   3.994   -3.556  1.00 17.44  ? 57  TRP A CD2 1 
ATOM   159  N NE1 . TRP A 1 20  ? 1.679   4.874   -5.534  1.00 15.60  ? 57  TRP A NE1 1 
ATOM   160  C CE2 . TRP A 1 20  ? 0.636   4.693   -4.713  1.00 14.19  ? 57  TRP A CE2 1 
ATOM   161  C CE3 . TRP A 1 20  ? 0.103   3.672   -2.559  1.00 10.45  ? 57  TRP A CE3 1 
ATOM   162  C CZ2 . TRP A 1 20  ? -0.687  5.071   -4.892  1.00 15.50  ? 57  TRP A CZ2 1 
ATOM   163  C CZ3 . TRP A 1 20  ? -1.224  4.054   -2.755  1.00 16.73  ? 57  TRP A CZ3 1 
ATOM   164  C CH2 . TRP A 1 20  ? -1.621  4.746   -3.909  1.00 11.16  ? 57  TRP A CH2 1 
ATOM   165  N N   . ASP A 1 21  ? 3.665   0.306   -4.105  1.00 19.07  ? 58  ASP A N   1 
ATOM   166  C CA  . ASP A 1 21  ? 3.469   -0.713  -5.120  1.00 17.97  ? 58  ASP A CA  1 
ATOM   167  C C   . ASP A 1 21  ? 2.866   -2.004  -4.648  1.00 18.54  ? 58  ASP A C   1 
ATOM   168  O O   . ASP A 1 21  ? 2.051   -2.593  -5.351  1.00 19.82  ? 58  ASP A O   1 
ATOM   169  C CB  . ASP A 1 21  ? 4.782   -1.073  -5.780  1.00 21.76  ? 58  ASP A CB  1 
ATOM   170  C CG  . ASP A 1 21  ? 5.415   0.039   -6.614  1.00 26.05  ? 58  ASP A CG  1 
ATOM   171  O OD1 . ASP A 1 21  ? 4.752   1.044   -6.812  1.00 23.84  ? 58  ASP A OD1 1 
ATOM   172  O OD2 . ASP A 1 21  ? 6.556   -0.093  -7.078  1.00 27.59  ? 58  ASP A OD2 1 
ATOM   173  N N   . LEU A 1 22  ? 3.235   -2.489  -3.468  1.00 20.54  ? 59  LEU A N   1 
ATOM   174  C CA  . LEU A 1 22  ? 2.712   -3.764  -3.029  1.00 19.92  ? 59  LEU A CA  1 
ATOM   175  C C   . LEU A 1 22  ? 1.316   -3.589  -2.505  1.00 18.57  ? 59  LEU A C   1 
ATOM   176  O O   . LEU A 1 22  ? 0.523   -4.542  -2.555  1.00 19.99  ? 59  LEU A O   1 
ATOM   177  C CB  . LEU A 1 22  ? 3.601   -4.392  -1.955  1.00 17.49  ? 59  LEU A CB  1 
ATOM   178  C CG  . LEU A 1 22  ? 4.829   -5.025  -2.587  1.00 17.62  ? 59  LEU A CG  1 
ATOM   179  C CD1 . LEU A 1 22  ? 5.949   -5.127  -1.568  1.00 17.92  ? 59  LEU A CD1 1 
ATOM   180  C CD2 . LEU A 1 22  ? 4.456   -6.400  -3.099  1.00 16.20  ? 59  LEU A CD2 1 
ATOM   181  N N   . MET A 1 23  ? 0.944   -2.383  -2.090  1.00 18.09  ? 60  MET A N   1 
ATOM   182  C CA  . MET A 1 23  ? -0.412  -2.155  -1.619  1.00 16.92  ? 60  MET A CA  1 
ATOM   183  C C   . MET A 1 23  ? -1.274  -2.062  -2.868  1.00 17.74  ? 60  MET A C   1 
ATOM   184  O O   . MET A 1 23  ? -2.345  -2.653  -2.900  1.00 19.32  ? 60  MET A O   1 
ATOM   185  C CB  . MET A 1 23  ? -0.472  -0.867  -0.811  1.00 20.43  ? 60  MET A CB  1 
ATOM   186  C CG  . MET A 1 23  ? 0.340   -0.848  0.494   1.00 18.61  ? 60  MET A CG  1 
ATOM   187  S SD  . MET A 1 23  ? 0.279   0.691   1.444   1.00 23.57  ? 60  MET A SD  1 
ATOM   188  C CE  . MET A 1 23  ? -1.139  0.370   2.471   1.00 12.15  ? 60  MET A CE  1 
ATOM   189  N N   . LEU A 1 24  ? -0.843  -1.425  -3.957  1.00 19.11  ? 61  LEU A N   1 
ATOM   190  C CA  . LEU A 1 24  ? -1.625  -1.377  -5.185  1.00 19.27  ? 61  LEU A CA  1 
ATOM   191  C C   . LEU A 1 24  ? -1.779  -2.807  -5.670  1.00 20.99  ? 61  LEU A C   1 
ATOM   192  O O   . LEU A 1 24  ? -2.868  -3.235  -6.057  1.00 23.18  ? 61  LEU A O   1 
ATOM   193  C CB  . LEU A 1 24  ? -0.914  -0.528  -6.257  1.00 17.41  ? 61  LEU A CB  1 
ATOM   194  C CG  . LEU A 1 24  ? -0.789  0.971   -5.896  1.00 18.19  ? 61  LEU A CG  1 
ATOM   195  C CD1 . LEU A 1 24  ? -0.078  1.712   -6.996  1.00 15.23  ? 61  LEU A CD1 1 
ATOM   196  C CD2 . LEU A 1 24  ? -2.149  1.624   -5.761  1.00 14.27  ? 61  LEU A CD2 1 
ATOM   197  N N   . GLN A 1 25  ? -0.751  -3.644  -5.570  1.00 18.99  ? 62  GLN A N   1 
ATOM   198  C CA  . GLN A 1 25  ? -0.905  -5.034  -5.990  1.00 19.81  ? 62  GLN A CA  1 
ATOM   199  C C   . GLN A 1 25  ? -1.858  -5.851  -5.146  1.00 18.40  ? 62  GLN A C   1 
ATOM   200  O O   . GLN A 1 25  ? -2.484  -6.794  -5.658  1.00 18.89  ? 62  GLN A O   1 
ATOM   201  C CB  . GLN A 1 25  ? 0.440   -5.740  -6.016  1.00 23.11  ? 62  GLN A CB  1 
ATOM   202  C CG  . GLN A 1 25  ? 1.359   -5.224  -7.144  1.00 24.68  ? 62  GLN A CG  1 
ATOM   203  C CD  . GLN A 1 25  ? 2.796   -5.704  -6.999  1.00 26.71  ? 62  GLN A CD  1 
ATOM   204  O OE1 . GLN A 1 25  ? 3.811   -5.038  -7.226  1.00 28.73  ? 62  GLN A OE1 1 
ATOM   205  N NE2 . GLN A 1 25  ? 2.921   -6.962  -6.646  1.00 27.29  ? 62  GLN A NE2 1 
ATOM   206  N N   . THR A 1 26  ? -2.012  -5.477  -3.874  1.00 19.18  ? 63  THR A N   1 
ATOM   207  C CA  . THR A 1 26  ? -2.955  -6.140  -2.970  1.00 17.73  ? 63  THR A CA  1 
ATOM   208  C C   . THR A 1 26  ? -4.327  -5.719  -3.457  1.00 18.29  ? 63  THR A C   1 
ATOM   209  O O   . THR A 1 26  ? -5.155  -6.588  -3.686  1.00 20.61  ? 63  THR A O   1 
ATOM   210  C CB  . THR A 1 26  ? -2.674  -5.692  -1.499  1.00 16.21  ? 63  THR A CB  1 
ATOM   211  O OG1 . THR A 1 26  ? -1.360  -6.173  -1.200  1.00 17.95  ? 63  THR A OG1 1 
ATOM   212  C CG2 . THR A 1 26  ? -3.624  -6.236  -0.464  1.00 9.17   ? 63  THR A CG2 1 
ATOM   213  N N   . ARG A 1 27  ? -4.526  -4.425  -3.757  1.00 19.11  ? 64  ARG A N   1 
ATOM   214  C CA  . ARG A 1 27  ? -5.773  -3.907  -4.264  1.00 16.49  ? 64  ARG A CA  1 
ATOM   215  C C   . ARG A 1 27  ? -6.175  -4.668  -5.519  1.00 18.59  ? 64  ARG A C   1 
ATOM   216  O O   . ARG A 1 27  ? -7.339  -5.099  -5.648  1.00 21.04  ? 64  ARG A O   1 
ATOM   217  C CB  . ARG A 1 27  ? -5.608  -2.437  -4.579  1.00 15.89  ? 64  ARG A CB  1 
ATOM   218  C CG  . ARG A 1 27  ? -6.823  -1.708  -5.125  1.00 15.49  ? 64  ARG A CG  1 
ATOM   219  C CD  . ARG A 1 27  ? -7.747  -1.368  -3.990  1.00 18.80  ? 64  ARG A CD  1 
ATOM   220  N NE  . ARG A 1 27  ? -8.729  -0.367  -4.381  1.00 21.93  ? 64  ARG A NE  1 
ATOM   221  C CZ  . ARG A 1 27  ? -10.000 -0.673  -4.606  1.00 23.71  ? 64  ARG A CZ  1 
ATOM   222  N NH1 . ARG A 1 27  ? -10.456 -1.920  -4.481  1.00 27.43  ? 64  ARG A NH1 1 
ATOM   223  N NH2 . ARG A 1 27  ? -10.817 0.291   -4.991  1.00 23.16  ? 64  ARG A NH2 1 
ATOM   224  N N   . ILE A 1 28  ? -5.205  -4.882  -6.426  1.00 15.64  ? 65  ILE A N   1 
ATOM   225  C CA  . ILE A 1 28  ? -5.465  -5.616  -7.668  1.00 17.47  ? 65  ILE A CA  1 
ATOM   226  C C   . ILE A 1 28  ? -5.908  -7.061  -7.418  1.00 20.26  ? 65  ILE A C   1 
ATOM   227  O O   . ILE A 1 28  ? -6.939  -7.504  -7.943  1.00 22.07  ? 65  ILE A O   1 
ATOM   228  C CB  . ILE A 1 28  ? -4.192  -5.597  -8.597  1.00 15.26  ? 65  ILE A CB  1 
ATOM   229  C CG1 . ILE A 1 28  ? -4.000  -4.174  -9.119  1.00 12.24  ? 65  ILE A CG1 1 
ATOM   230  C CG2 . ILE A 1 28  ? -4.328  -6.572  -9.762  1.00 9.89   ? 65  ILE A CG2 1 
ATOM   231  C CD1 . ILE A 1 28  ? -2.615  -3.876  -9.728  1.00 10.77  ? 65  ILE A CD1 1 
ATOM   232  N N   . ASN A 1 29  ? -5.184  -7.806  -6.589  1.00 22.56  ? 66  ASN A N   1 
ATOM   233  C CA  . ASN A 1 29  ? -5.556  -9.178  -6.363  1.00 20.81  ? 66  ASN A CA  1 
ATOM   234  C C   . ASN A 1 29  ? -6.828  -9.302  -5.550  1.00 21.88  ? 66  ASN A C   1 
ATOM   235  O O   . ASN A 1 29  ? -7.634  -10.184 -5.853  1.00 23.04  ? 66  ASN A O   1 
ATOM   236  C CB  . ASN A 1 29  ? -4.355  -9.863  -5.741  1.00 21.67  ? 66  ASN A CB  1 
ATOM   237  C CG  . ASN A 1 29  ? -3.468  -10.301 -6.894  1.00 28.57  ? 66  ASN A CG  1 
ATOM   238  O OD1 . ASN A 1 29  ? -3.838  -10.216 -8.063  1.00 32.27  ? 66  ASN A OD1 1 
ATOM   239  N ND2 . ASN A 1 29  ? -2.247  -10.762 -6.745  1.00 36.94  ? 66  ASN A ND2 1 
ATOM   240  N N   . LEU A 1 30  ? -7.149  -8.407  -4.610  1.00 20.93  ? 67  LEU A N   1 
ATOM   241  C CA  . LEU A 1 30  ? -8.450  -8.400  -3.965  1.00 19.03  ? 67  LEU A CA  1 
ATOM   242  C C   . LEU A 1 30  ? -9.559  -8.171  -4.996  1.00 22.13  ? 67  LEU A C   1 
ATOM   243  O O   . LEU A 1 30  ? -10.562 -8.888  -5.008  1.00 24.33  ? 67  LEU A O   1 
ATOM   244  C CB  . LEU A 1 30  ? -8.453  -7.324  -2.924  1.00 16.84  ? 67  LEU A CB  1 
ATOM   245  C CG  . LEU A 1 30  ? -7.627  -7.666  -1.655  1.00 21.74  ? 67  LEU A CG  1 
ATOM   246  C CD1 . LEU A 1 30  ? -7.533  -6.463  -0.731  1.00 14.36  ? 67  LEU A CD1 1 
ATOM   247  C CD2 . LEU A 1 30  ? -8.285  -8.845  -0.918  1.00 18.17  ? 67  LEU A CD2 1 
ATOM   248  N N   . SER A 1 31  ? -9.378  -7.260  -5.939  1.00 22.13  ? 68  SER A N   1 
ATOM   249  C CA  . SER A 1 31  ? -10.290 -7.029  -7.036  1.00 20.49  ? 68  SER A CA  1 
ATOM   250  C C   . SER A 1 31  ? -10.580 -8.249  -7.894  1.00 21.98  ? 68  SER A C   1 
ATOM   251  O O   . SER A 1 31  ? -11.740 -8.526  -8.252  1.00 23.85  ? 68  SER A O   1 
ATOM   252  C CB  . SER A 1 31  ? -9.713  -5.970  -7.923  1.00 21.57  ? 68  SER A CB  1 
ATOM   253  O OG  . SER A 1 31  ? -10.807 -5.153  -8.256  1.00 31.90  ? 68  SER A OG  1 
ATOM   254  N N   . ARG A 1 32  ? -9.516  -8.970  -8.286  1.00 24.19  ? 69  ARG A N   1 
ATOM   255  C CA  . ARG A 1 32  ? -9.606  -10.168 -9.117  1.00 19.97  ? 69  ARG A CA  1 
ATOM   256  C C   . ARG A 1 32  ? -10.315 -11.271 -8.365  1.00 21.19  ? 69  ARG A C   1 
ATOM   257  O O   . ARG A 1 32  ? -11.088 -12.011 -8.950  1.00 25.29  ? 69  ARG A O   1 
ATOM   258  C CB  . ARG A 1 32  ? -8.226  -10.606 -9.501  1.00 15.32  ? 69  ARG A CB  1 
ATOM   259  C CG  . ARG A 1 32  ? -7.547  -9.536  -10.329 1.00 18.30  ? 69  ARG A CG  1 
ATOM   260  C CD  . ARG A 1 32  ? -6.064  -9.847  -10.437 1.00 18.79  ? 69  ARG A CD  1 
ATOM   261  N NE  . ARG A 1 32  ? -5.904  -11.065 -11.190 1.00 22.18  ? 69  ARG A NE  1 
ATOM   262  C CZ  . ARG A 1 32  ? -4.856  -11.892 -11.071 1.00 23.60  ? 69  ARG A CZ  1 
ATOM   263  N NH1 . ARG A 1 32  ? -3.860  -11.686 -10.244 1.00 24.10  ? 69  ARG A NH1 1 
ATOM   264  N NH2 . ARG A 1 32  ? -4.746  -12.939 -11.866 1.00 21.69  ? 69  ARG A NH2 1 
ATOM   265  N N   . SER A 1 33  ? -10.120 -11.394 -7.057  1.00 22.60  ? 70  SER A N   1 
ATOM   266  C CA  . SER A 1 33  ? -10.844 -12.352 -6.250  1.00 23.59  ? 70  SER A CA  1 
ATOM   267  C C   . SER A 1 33  ? -12.309 -11.958 -6.104  1.00 26.69  ? 70  SER A C   1 
ATOM   268  O O   . SER A 1 33  ? -13.173 -12.822 -6.280  1.00 28.49  ? 70  SER A O   1 
ATOM   269  C CB  . SER A 1 33  ? -10.192 -12.416 -4.903  1.00 20.44  ? 70  SER A CB  1 
ATOM   270  O OG  . SER A 1 33  ? -10.812 -13.261 -3.940  1.00 26.54  ? 70  SER A OG  1 
ATOM   271  N N   . ALA A 1 34  ? -12.655 -10.698 -5.789  1.00 26.33  ? 71  ALA A N   1 
ATOM   272  C CA  . ALA A 1 34  ? -14.028 -10.276 -5.584  1.00 25.26  ? 71  ALA A CA  1 
ATOM   273  C C   . ALA A 1 34  ? -14.878 -10.498 -6.816  1.00 27.55  ? 71  ALA A C   1 
ATOM   274  O O   . ALA A 1 34  ? -16.007 -10.976 -6.698  1.00 28.56  ? 71  ALA A O   1 
ATOM   275  C CB  . ALA A 1 34  ? -14.094 -8.815  -5.244  1.00 23.07  ? 71  ALA A CB  1 
ATOM   276  N N   . VAL A 1 35  ? -14.365 -10.228 -8.010  1.00 28.47  ? 72  VAL A N   1 
ATOM   277  C CA  . VAL A 1 35  ? -15.148 -10.497 -9.193  1.00 30.96  ? 72  VAL A CA  1 
ATOM   278  C C   . VAL A 1 35  ? -15.399 -12.008 -9.299  1.00 33.05  ? 72  VAL A C   1 
ATOM   279  O O   . VAL A 1 35  ? -16.540 -12.396 -9.558  1.00 32.65  ? 72  VAL A O   1 
ATOM   280  C CB  . VAL A 1 35  ? -14.402 -9.927  -10.453 1.00 34.48  ? 72  VAL A CB  1 
ATOM   281  C CG1 . VAL A 1 35  ? -13.164 -10.727 -10.853 1.00 29.90  ? 72  VAL A CG1 1 
ATOM   282  C CG2 . VAL A 1 35  ? -15.418 -9.911  -11.593 1.00 33.09  ? 72  VAL A CG2 1 
ATOM   283  N N   . ARG A 1 36  ? -14.431 -12.898 -9.064  1.00 30.05  ? 73  ARG A N   1 
ATOM   284  C CA  . ARG A 1 36  ? -14.683 -14.324 -9.127  1.00 28.51  ? 73  ARG A CA  1 
ATOM   285  C C   . ARG A 1 36  ? -15.551 -14.812 -7.995  1.00 30.25  ? 73  ARG A C   1 
ATOM   286  O O   . ARG A 1 36  ? -16.156 -15.855 -8.152  1.00 32.49  ? 73  ARG A O   1 
ATOM   287  C CB  . ARG A 1 36  ? -13.378 -15.070 -9.112  1.00 25.90  ? 73  ARG A CB  1 
ATOM   288  C CG  . ARG A 1 36  ? -12.870 -14.795 -10.479 1.00 23.17  ? 73  ARG A CG  1 
ATOM   289  C CD  . ARG A 1 36  ? -11.434 -15.108 -10.392 1.00 22.89  ? 73  ARG A CD  1 
ATOM   290  N NE  . ARG A 1 36  ? -10.898 -15.031 -11.732 1.00 26.58  ? 73  ARG A NE  1 
ATOM   291  C CZ  . ARG A 1 36  ? -10.467 -13.884 -12.280 1.00 29.66  ? 73  ARG A CZ  1 
ATOM   292  N NH1 . ARG A 1 36  ? -10.498 -12.714 -11.623 1.00 31.27  ? 73  ARG A NH1 1 
ATOM   293  N NH2 . ARG A 1 36  ? -10.014 -13.914 -13.533 1.00 27.37  ? 73  ARG A NH2 1 
ATOM   294  N N   . MET A 1 37  ? -15.629 -14.163 -6.832  1.00 28.41  ? 74  MET A N   1 
ATOM   295  C CA  . MET A 1 37  ? -16.550 -14.580 -5.799  1.00 27.95  ? 74  MET A CA  1 
ATOM   296  C C   . MET A 1 37  ? -17.979 -14.158 -6.180  1.00 36.44  ? 74  MET A C   1 
ATOM   297  O O   . MET A 1 37  ? -18.958 -14.657 -5.630  1.00 38.92  ? 74  MET A O   1 
ATOM   298  C CB  . MET A 1 37  ? -16.169 -13.938 -4.474  1.00 22.18  ? 74  MET A CB  1 
ATOM   299  C CG  . MET A 1 37  ? -15.066 -14.733 -3.847  1.00 21.45  ? 74  MET A CG  1 
ATOM   300  S SD  . MET A 1 37  ? -14.659 -14.237 -2.171  1.00 25.69  ? 74  MET A SD  1 
ATOM   301  C CE  . MET A 1 37  ? -13.034 -14.938 -2.057  1.00 15.44  ? 74  MET A CE  1 
ATOM   302  N N   . MET A 1 38  ? -18.159 -13.150 -7.036  1.00 41.91  ? 75  MET A N   1 
ATOM   303  C CA  . MET A 1 38  ? -19.451 -12.703 -7.512  1.00 46.29  ? 75  MET A CA  1 
ATOM   304  C C   . MET A 1 38  ? -19.944 -13.702 -8.550  1.00 52.87  ? 75  MET A C   1 
ATOM   305  O O   . MET A 1 38  ? -21.095 -14.128 -8.493  1.00 57.52  ? 75  MET A O   1 
ATOM   306  C CB  . MET A 1 38  ? -19.315 -11.357 -8.158  1.00 44.83  ? 75  MET A CB  1 
ATOM   307  C CG  . MET A 1 38  ? -18.906 -10.296 -7.198  1.00 46.03  ? 75  MET A CG  1 
ATOM   308  S SD  . MET A 1 38  ? -20.365 -9.692  -6.356  1.00 51.95  ? 75  MET A SD  1 
ATOM   309  C CE  . MET A 1 38  ? -20.992 -8.932  -7.835  1.00 47.18  ? 75  MET A CE  1 
ATOM   310  N N   . MET A 1 39  ? -19.107 -14.035 -9.542  1.00 60.92  ? 76  MET A N   1 
ATOM   311  C CA  . MET A 1 39  ? -19.369 -15.032 -10.580 1.00 69.67  ? 76  MET A CA  1 
ATOM   312  C C   . MET A 1 39  ? -19.435 -16.319 -9.799  1.00 79.24  ? 76  MET A C   1 
ATOM   313  O O   . MET A 1 39  ? -18.435 -16.615 -9.135  1.00 83.86  ? 76  MET A O   1 
ATOM   314  C CB  . MET A 1 39  ? -18.224 -15.332 -11.571 1.00 66.79  ? 76  MET A CB  1 
ATOM   315  C CG  . MET A 1 39  ? -17.179 -14.309 -11.982 1.00 63.87  ? 76  MET A CG  1 
ATOM   316  S SD  . MET A 1 39  ? -15.781 -15.071 -12.845 1.00 58.51  ? 76  MET A SD  1 
ATOM   317  C CE  . MET A 1 39  ? -15.396 -13.844 -14.068 1.00 53.83  ? 76  MET A CE  1 
ATOM   318  N N   . ASP A 1 40  ? -20.454 -17.157 -9.808  1.00 89.90  ? 77  ASP A N   1 
ATOM   319  C CA  . ASP A 1 40  ? -20.215 -18.312 -8.985  1.00 101.59 ? 77  ASP A CA  1 
ATOM   320  C C   . ASP A 1 40  ? -19.829 -19.552 -9.753  1.00 105.99 ? 77  ASP A C   1 
ATOM   321  O O   . ASP A 1 40  ? -19.954 -19.660 -10.972 1.00 105.31 ? 77  ASP A O   1 
ATOM   322  C CB  . ASP A 1 40  ? -21.432 -18.522 -8.063  1.00 107.17 ? 77  ASP A CB  1 
ATOM   323  C CG  . ASP A 1 40  ? -21.042 -18.181 -6.607  1.00 110.94 ? 77  ASP A CG  1 
ATOM   324  O OD1 . ASP A 1 40  ? -19.959 -18.588 -6.151  1.00 113.85 ? 77  ASP A OD1 1 
ATOM   325  O OD2 . ASP A 1 40  ? -21.821 -17.500 -5.931  1.00 110.92 ? 77  ASP A OD2 1 
ATOM   326  N N   . SER A 1 41  ? -19.599 -20.527 -8.890  1.00 112.01 ? 78  SER A N   1 
ATOM   327  C CA  . SER A 1 41  ? -18.981 -21.825 -9.087  1.00 118.31 ? 78  SER A CA  1 
ATOM   328  C C   . SER A 1 41  ? -19.033 -22.562 -10.437 1.00 120.50 ? 78  SER A C   1 
ATOM   329  O O   . SER A 1 41  ? -18.121 -23.332 -10.770 1.00 121.13 ? 78  SER A O   1 
ATOM   330  C CB  . SER A 1 41  ? -19.580 -22.668 -7.939  1.00 120.82 ? 78  SER A CB  1 
ATOM   331  O OG  . SER A 1 41  ? -20.215 -21.876 -6.908  1.00 122.36 ? 78  SER A OG  1 
ATOM   332  N N   . SER A 1 42  ? -20.075 -22.343 -11.241 1.00 121.97 ? 79  SER A N   1 
ATOM   333  C CA  . SER A 1 42  ? -20.148 -22.906 -12.583 1.00 122.60 ? 79  SER A CA  1 
ATOM   334  C C   . SER A 1 42  ? -18.981 -22.360 -13.436 1.00 120.38 ? 79  SER A C   1 
ATOM   335  O O   . SER A 1 42  ? -18.222 -23.052 -14.127 1.00 122.28 ? 79  SER A O   1 
ATOM   336  C CB  . SER A 1 42  ? -21.530 -22.518 -13.156 1.00 124.89 ? 79  SER A CB  1 
ATOM   337  O OG  . SER A 1 42  ? -21.886 -21.138 -12.957 1.00 129.95 ? 79  SER A OG  1 
ATOM   338  N N   . ASN A 1 43  ? -18.840 -21.048 -13.273 1.00 115.94 ? 80  ASN A N   1 
ATOM   339  C CA  . ASN A 1 43  ? -17.906 -20.240 -13.994 1.00 109.16 ? 80  ASN A CA  1 
ATOM   340  C C   . ASN A 1 43  ? -16.511 -20.720 -13.788 1.00 103.90 ? 80  ASN A C   1 
ATOM   341  O O   . ASN A 1 43  ? -15.975 -20.675 -12.685 1.00 101.13 ? 80  ASN A O   1 
ATOM   342  C CB  . ASN A 1 43  ? -18.030 -18.833 -13.522 1.00 112.09 ? 80  ASN A CB  1 
ATOM   343  C CG  . ASN A 1 43  ? -18.040 -17.923 -14.720 1.00 116.14 ? 80  ASN A CG  1 
ATOM   344  O OD1 . ASN A 1 43  ? -18.817 -18.095 -15.653 1.00 119.96 ? 80  ASN A OD1 1 
ATOM   345  N ND2 . ASN A 1 43  ? -17.196 -16.905 -14.724 1.00 121.54 ? 80  ASN A ND2 1 
ATOM   346  N N   . GLN A 1 44  ? -15.911 -21.150 -14.880 1.00 100.36 ? 81  GLN A N   1 
ATOM   347  C CA  . GLN A 1 44  ? -14.534 -21.625 -14.901 1.00 98.22  ? 81  GLN A CA  1 
ATOM   348  C C   . GLN A 1 44  ? -13.591 -20.603 -14.250 1.00 92.08  ? 81  GLN A C   1 
ATOM   349  O O   . GLN A 1 44  ? -12.699 -20.902 -13.447 1.00 91.37  ? 81  GLN A O   1 
ATOM   350  C CB  . GLN A 1 44  ? -14.130 -21.912 -16.383 1.00 104.98 ? 81  GLN A CB  1 
ATOM   351  C CG  . GLN A 1 44  ? -13.808 -20.796 -17.442 1.00 112.86 ? 81  GLN A CG  1 
ATOM   352  C CD  . GLN A 1 44  ? -14.900 -19.787 -17.840 1.00 116.09 ? 81  GLN A CD  1 
ATOM   353  O OE1 . GLN A 1 44  ? -15.693 -19.325 -17.009 1.00 118.75 ? 81  GLN A OE1 1 
ATOM   354  N NE2 . GLN A 1 44  ? -14.953 -19.375 -19.099 1.00 114.01 ? 81  GLN A NE2 1 
ATOM   355  N N   . GLN A 1 45  ? -13.933 -19.346 -14.513 1.00 84.67  ? 82  GLN A N   1 
ATOM   356  C CA  . GLN A 1 45  ? -13.197 -18.214 -14.022 1.00 77.34  ? 82  GLN A CA  1 
ATOM   357  C C   . GLN A 1 45  ? -13.334 -18.086 -12.521 1.00 75.38  ? 82  GLN A C   1 
ATOM   358  O O   . GLN A 1 45  ? -12.327 -17.751 -11.910 1.00 75.60  ? 82  GLN A O   1 
ATOM   359  C CB  . GLN A 1 45  ? -13.715 -16.964 -14.702 1.00 73.46  ? 82  GLN A CB  1 
ATOM   360  C CG  . GLN A 1 45  ? -12.634 -15.952 -14.968 1.00 68.90  ? 82  GLN A CG  1 
ATOM   361  C CD  . GLN A 1 45  ? -11.814 -16.238 -16.213 1.00 65.43  ? 82  GLN A CD  1 
ATOM   362  O OE1 . GLN A 1 45  ? -12.371 -16.332 -17.312 1.00 66.68  ? 82  GLN A OE1 1 
ATOM   363  N NE2 . GLN A 1 45  ? -10.501 -16.397 -16.099 1.00 59.38  ? 82  GLN A NE2 1 
ATOM   364  N N   . SER A 1 46  ? -14.481 -18.422 -11.893 1.00 72.96  ? 83  SER A N   1 
ATOM   365  C CA  . SER A 1 46  ? -14.688 -18.222 -10.462 1.00 71.66  ? 83  SER A CA  1 
ATOM   366  C C   . SER A 1 46  ? -13.672 -18.956 -9.581  1.00 73.37  ? 83  SER A C   1 
ATOM   367  O O   . SER A 1 46  ? -13.174 -18.462 -8.562  1.00 72.96  ? 83  SER A O   1 
ATOM   368  C CB  . SER A 1 46  ? -16.109 -18.669 -10.070 1.00 68.46  ? 83  SER A CB  1 
ATOM   369  O OG  . SER A 1 46  ? -16.357 -20.071 -10.069 1.00 65.53  ? 83  SER A OG  1 
ATOM   370  N N   . ASN A 1 47  ? -13.180 -20.086 -10.108 1.00 76.10  ? 84  ASN A N   1 
ATOM   371  C CA  . ASN A 1 47  ? -12.349 -21.051 -9.372  1.00 75.25  ? 84  ASN A CA  1 
ATOM   372  C C   . ASN A 1 47  ? -10.950 -20.699 -8.838  1.00 68.60  ? 84  ASN A C   1 
ATOM   373  O O   . ASN A 1 47  ? -10.360 -21.418 -8.008  1.00 69.34  ? 84  ASN A O   1 
ATOM   374  C CB  . ASN A 1 47  ? -12.322 -22.332 -10.262 1.00 81.77  ? 84  ASN A CB  1 
ATOM   375  C CG  . ASN A 1 47  ? -13.690 -23.050 -10.182 1.00 89.28  ? 84  ASN A CG  1 
ATOM   376  O OD1 . ASN A 1 47  ? -14.071 -23.584 -9.131  1.00 93.60  ? 84  ASN A OD1 1 
ATOM   377  N ND2 . ASN A 1 47  ? -14.521 -23.079 -11.229 1.00 92.74  ? 84  ASN A ND2 1 
ATOM   378  N N   . ALA A 1 48  ? -10.425 -19.532 -9.219  1.00 57.42  ? 85  ALA A N   1 
ATOM   379  C CA  . ALA A 1 48  ? -9.159  -19.064 -8.686  1.00 44.00  ? 85  ALA A CA  1 
ATOM   380  C C   . ALA A 1 48  ? -9.357  -18.030 -7.590  1.00 36.25  ? 85  ALA A C   1 
ATOM   381  O O   . ALA A 1 48  ? -8.404  -17.484 -7.054  1.00 37.46  ? 85  ALA A O   1 
ATOM   382  C CB  . ALA A 1 48  ? -8.360  -18.443 -9.777  1.00 45.70  ? 85  ALA A CB  1 
ATOM   383  N N   . LYS A 1 49  ? -10.573 -17.767 -7.171  1.00 29.94  ? 86  LYS A N   1 
ATOM   384  C CA  . LYS A 1 49  ? -10.856 -16.777 -6.181  1.00 28.53  ? 86  LYS A CA  1 
ATOM   385  C C   . LYS A 1 49  ? -10.134 -16.979 -4.876  1.00 29.61  ? 86  LYS A C   1 
ATOM   386  O O   . LYS A 1 49  ? -9.917  -15.976 -4.205  1.00 32.72  ? 86  LYS A O   1 
ATOM   387  C CB  . LYS A 1 49  ? -12.347 -16.735 -5.922  1.00 27.46  ? 86  LYS A CB  1 
ATOM   388  C CG  . LYS A 1 49  ? -12.914 -17.947 -5.211  1.00 34.09  ? 86  LYS A CG  1 
ATOM   389  C CD  . LYS A 1 49  ? -14.383 -18.002 -5.551  1.00 40.69  ? 86  LYS A CD  1 
ATOM   390  C CE  . LYS A 1 49  ? -15.063 -19.304 -5.129  1.00 47.52  ? 86  LYS A CE  1 
ATOM   391  N NZ  . LYS A 1 49  ? -16.379 -19.446 -5.762  1.00 60.03  ? 86  LYS A NZ  1 
ATOM   392  N N   . VAL A 1 50  ? -9.697  -18.176 -4.464  1.00 29.64  ? 87  VAL A N   1 
ATOM   393  C CA  . VAL A 1 50  ? -9.029  -18.327 -3.168  1.00 26.56  ? 87  VAL A CA  1 
ATOM   394  C C   . VAL A 1 50  ? -7.527  -18.137 -3.358  1.00 25.96  ? 87  VAL A C   1 
ATOM   395  O O   . VAL A 1 50  ? -6.893  -17.533 -2.488  1.00 27.92  ? 87  VAL A O   1 
ATOM   396  C CB  . VAL A 1 50  ? -9.376  -19.727 -2.563  1.00 24.91  ? 87  VAL A CB  1 
ATOM   397  C CG1 . VAL A 1 50  ? -8.730  -19.893 -1.200  1.00 20.72  ? 87  VAL A CG1 1 
ATOM   398  C CG2 . VAL A 1 50  ? -10.897 -19.827 -2.317  1.00 18.18  ? 87  VAL A CG2 1 
ATOM   399  N N   . GLU A 1 51  ? -6.938  -18.581 -4.477  1.00 27.23  ? 88  GLU A N   1 
ATOM   400  C CA  . GLU A 1 51  ? -5.541  -18.299 -4.812  1.00 28.97  ? 88  GLU A CA  1 
ATOM   401  C C   . GLU A 1 51  ? -5.262  -16.800 -4.826  1.00 24.91  ? 88  GLU A C   1 
ATOM   402  O O   . GLU A 1 51  ? -4.408  -16.308 -4.103  1.00 26.55  ? 88  GLU A O   1 
ATOM   403  C CB  . GLU A 1 51  ? -5.223  -18.899 -6.166  1.00 34.19  ? 88  GLU A CB  1 
ATOM   404  C CG  . GLU A 1 51  ? -5.143  -20.391 -5.900  1.00 55.47  ? 88  GLU A CG  1 
ATOM   405  C CD  . GLU A 1 51  ? -5.328  -21.427 -7.024  1.00 67.98  ? 88  GLU A CD  1 
ATOM   406  O OE1 . GLU A 1 51  ? -5.814  -21.103 -8.120  1.00 74.58  ? 88  GLU A OE1 1 
ATOM   407  O OE2 . GLU A 1 51  ? -5.005  -22.597 -6.764  1.00 73.46  ? 88  GLU A OE2 1 
ATOM   408  N N   . LEU A 1 52  ? -6.081  -16.065 -5.547  1.00 23.06  ? 89  LEU A N   1 
ATOM   409  C CA  . LEU A 1 52  ? -6.078  -14.628 -5.646  1.00 21.37  ? 89  LEU A CA  1 
ATOM   410  C C   . LEU A 1 52  ? -6.174  -13.954 -4.294  1.00 21.71  ? 89  LEU A C   1 
ATOM   411  O O   . LEU A 1 52  ? -5.358  -13.059 -4.017  1.00 25.14  ? 89  LEU A O   1 
ATOM   412  C CB  . LEU A 1 52  ? -7.241  -14.257 -6.542  1.00 18.22  ? 89  LEU A CB  1 
ATOM   413  C CG  . LEU A 1 52  ? -7.034  -13.969 -7.997  1.00 18.54  ? 89  LEU A CG  1 
ATOM   414  C CD1 . LEU A 1 52  ? -5.649  -14.250 -8.419  1.00 20.47  ? 89  LEU A CD1 1 
ATOM   415  C CD2 . LEU A 1 52  ? -7.966  -14.784 -8.775  1.00 17.11  ? 89  LEU A CD2 1 
ATOM   416  N N   . LEU A 1 53  ? -7.105  -14.363 -3.417  1.00 21.23  ? 90  LEU A N   1 
ATOM   417  C CA  . LEU A 1 53  ? -7.180  -13.794 -2.084  1.00 19.76  ? 90  LEU A CA  1 
ATOM   418  C C   . LEU A 1 53  ? -5.916  -14.113 -1.326  1.00 20.56  ? 90  LEU A C   1 
ATOM   419  O O   . LEU A 1 53  ? -5.409  -13.258 -0.596  1.00 25.33  ? 90  LEU A O   1 
ATOM   420  C CB  . LEU A 1 53  ? -8.338  -14.346 -1.309  1.00 18.48  ? 90  LEU A CB  1 
ATOM   421  C CG  . LEU A 1 53  ? -8.434  -13.946 0.175   1.00 22.35  ? 90  LEU A CG  1 
ATOM   422  C CD1 . LEU A 1 53  ? -8.664  -12.447 0.338   1.00 22.06  ? 90  LEU A CD1 1 
ATOM   423  C CD2 . LEU A 1 53  ? -9.565  -14.733 0.797   1.00 20.27  ? 90  LEU A CD2 1 
ATOM   424  N N   . ASP A 1 54  ? -5.353  -15.297 -1.501  1.00 20.52  ? 91  ASP A N   1 
ATOM   425  C CA  . ASP A 1 54  ? -4.096  -15.635 -0.853  1.00 21.07  ? 91  ASP A CA  1 
ATOM   426  C C   . ASP A 1 54  ? -2.931  -14.800 -1.361  1.00 22.00  ? 91  ASP A C   1 
ATOM   427  O O   . ASP A 1 54  ? -2.061  -14.437 -0.563  1.00 23.47  ? 91  ASP A O   1 
ATOM   428  C CB  . ASP A 1 54  ? -3.735  -17.080 -1.093  1.00 21.95  ? 91  ASP A CB  1 
ATOM   429  C CG  . ASP A 1 54  ? -4.584  -18.134 -0.414  1.00 23.65  ? 91  ASP A CG  1 
ATOM   430  O OD1 . ASP A 1 54  ? -5.255  -17.846 0.577   1.00 22.85  ? 91  ASP A OD1 1 
ATOM   431  O OD2 . ASP A 1 54  ? -4.540  -19.271 -0.892  1.00 25.09  ? 91  ASP A OD2 1 
ATOM   432  N N   . SER A 1 55  ? -2.839  -14.499 -2.671  1.00 23.20  ? 92  SER A N   1 
ATOM   433  C CA  . SER A 1 55  ? -1.821  -13.607 -3.207  1.00 22.84  ? 92  SER A CA  1 
ATOM   434  C C   . SER A 1 55  ? -1.950  -12.196 -2.599  1.00 24.37  ? 92  SER A C   1 
ATOM   435  O O   . SER A 1 55  ? -0.943  -11.642 -2.165  1.00 27.40  ? 92  SER A O   1 
ATOM   436  C CB  . SER A 1 55  ? -1.969  -13.481 -4.691  1.00 25.03  ? 92  SER A CB  1 
ATOM   437  O OG  . SER A 1 55  ? -1.827  -14.670 -5.443  1.00 31.92  ? 92  SER A OG  1 
ATOM   438  N N   . ALA A 1 56  ? -3.166  -11.618 -2.542  1.00 21.39  ? 93  ALA A N   1 
ATOM   439  C CA  . ALA A 1 56  ? -3.460  -10.360 -1.903  1.00 19.70  ? 93  ALA A CA  1 
ATOM   440  C C   . ALA A 1 56  ? -2.878  -10.317 -0.486  1.00 23.02  ? 93  ALA A C   1 
ATOM   441  O O   . ALA A 1 56  ? -2.114  -9.416  -0.108  1.00 27.44  ? 93  ALA A O   1 
ATOM   442  C CB  . ALA A 1 56  ? -4.972  -10.182 -1.838  1.00 12.66  ? 93  ALA A CB  1 
ATOM   443  N N   . ARG A 1 57  ? -3.168  -11.325 0.335   1.00 27.11  ? 94  ARG A N   1 
ATOM   444  C CA  . ARG A 1 57  ? -2.644  -11.425 1.702   1.00 25.02  ? 94  ARG A CA  1 
ATOM   445  C C   . ARG A 1 57  ? -1.117  -11.422 1.827   1.00 25.19  ? 94  ARG A C   1 
ATOM   446  O O   . ARG A 1 57  ? -0.466  -10.778 2.669   1.00 24.86  ? 94  ARG A O   1 
ATOM   447  C CB  . ARG A 1 57  ? -3.230  -12.675 2.267   1.00 25.65  ? 94  ARG A CB  1 
ATOM   448  C CG  . ARG A 1 57  ? -3.210  -12.625 3.779   1.00 29.97  ? 94  ARG A CG  1 
ATOM   449  C CD  . ARG A 1 57  ? -3.758  -13.946 4.302   1.00 28.98  ? 94  ARG A CD  1 
ATOM   450  N NE  . ARG A 1 57  ? -5.197  -14.181 4.156   1.00 27.79  ? 94  ARG A NE  1 
ATOM   451  C CZ  . ARG A 1 57  ? -5.685  -15.173 3.416   1.00 22.87  ? 94  ARG A CZ  1 
ATOM   452  N NH1 . ARG A 1 57  ? -4.871  -15.989 2.758   1.00 25.53  ? 94  ARG A NH1 1 
ATOM   453  N NH2 . ARG A 1 57  ? -7.000  -15.367 3.379   1.00 23.85  ? 94  ARG A NH2 1 
ATOM   454  N N   . LYS A 1 58  ? -0.529  -12.153 0.902   1.00 23.67  ? 95  LYS A N   1 
ATOM   455  C CA  . LYS A 1 58  ? 0.890   -12.214 0.825   1.00 25.39  ? 95  LYS A CA  1 
ATOM   456  C C   . LYS A 1 58  ? 1.448   -10.856 0.426   1.00 26.17  ? 95  LYS A C   1 
ATOM   457  O O   . LYS A 1 58  ? 2.385   -10.432 1.108   1.00 24.93  ? 95  LYS A O   1 
ATOM   458  C CB  . LYS A 1 58  ? 1.257   -13.249 -0.179  1.00 30.69  ? 95  LYS A CB  1 
ATOM   459  C CG  . LYS A 1 58  ? 2.713   -13.648 -0.122  1.00 46.93  ? 95  LYS A CG  1 
ATOM   460  C CD  . LYS A 1 58  ? 3.422   -13.417 -1.468  1.00 60.29  ? 95  LYS A CD  1 
ATOM   461  C CE  . LYS A 1 58  ? 4.876   -13.965 -1.476  1.00 66.07  ? 95  LYS A CE  1 
ATOM   462  N NZ  . LYS A 1 58  ? 5.537   -13.802 -2.773  1.00 73.60  ? 95  LYS A NZ  1 
ATOM   463  N N   . THR A 1 59  ? 0.988   -10.112 -0.596  1.00 24.75  ? 96  THR A N   1 
ATOM   464  C CA  . THR A 1 59  ? 1.615   -8.830  -0.902  1.00 22.52  ? 96  THR A CA  1 
ATOM   465  C C   . THR A 1 59  ? 1.347   -7.759  0.156   1.00 21.72  ? 96  THR A C   1 
ATOM   466  O O   . THR A 1 59  ? 2.157   -6.841  0.294   1.00 26.57  ? 96  THR A O   1 
ATOM   467  C CB  . THR A 1 59  ? 1.171   -8.344  -2.289  1.00 20.02  ? 96  THR A CB  1 
ATOM   468  O OG1 . THR A 1 59  ? -0.233  -8.395  -2.387  1.00 21.93  ? 96  THR A OG1 1 
ATOM   469  C CG2 . THR A 1 59  ? 1.717   -9.237  -3.369  1.00 15.56  ? 96  THR A CG2 1 
ATOM   470  N N   . LEU A 1 60  ? 0.297   -7.830  0.987   1.00 21.07  ? 97  LEU A N   1 
ATOM   471  C CA  . LEU A 1 60  ? 0.084   -6.872  2.071   1.00 19.48  ? 97  LEU A CA  1 
ATOM   472  C C   . LEU A 1 60  ? 1.131   -7.071  3.132   1.00 21.23  ? 97  LEU A C   1 
ATOM   473  O O   . LEU A 1 60  ? 1.648   -6.089  3.696   1.00 22.60  ? 97  LEU A O   1 
ATOM   474  C CB  . LEU A 1 60  ? -1.222  -7.022  2.828   1.00 19.35  ? 97  LEU A CB  1 
ATOM   475  C CG  . LEU A 1 60  ? -2.188  -5.841  3.004   1.00 23.15  ? 97  LEU A CG  1 
ATOM   476  C CD1 . LEU A 1 60  ? -2.819  -5.954  4.374   1.00 19.43  ? 97  LEU A CD1 1 
ATOM   477  C CD2 . LEU A 1 60  ? -1.487  -4.489  2.848   1.00 19.22  ? 97  LEU A CD2 1 
ATOM   478  N N   . ALA A 1 61  ? 1.390   -8.350  3.469   1.00 23.02  ? 98  ALA A N   1 
ATOM   479  C CA  . ALA A 1 61  ? 2.439   -8.694  4.415   1.00 20.54  ? 98  ALA A CA  1 
ATOM   480  C C   . ALA A 1 61  ? 3.789   -8.184  3.873   1.00 20.88  ? 98  ALA A C   1 
ATOM   481  O O   . ALA A 1 61  ? 4.577   -7.559  4.607   1.00 23.75  ? 98  ALA A O   1 
ATOM   482  C CB  . ALA A 1 61  ? 2.448   -10.212 4.601   1.00 17.09  ? 98  ALA A CB  1 
ATOM   483  N N   . GLN A 1 62  ? 4.082   -8.329  2.573   1.00 19.96  ? 99  GLN A N   1 
ATOM   484  C CA  . GLN A 1 62  ? 5.290   -7.763  2.001   1.00 19.86  ? 99  GLN A CA  1 
ATOM   485  C C   . GLN A 1 62  ? 5.312   -6.223  2.040   1.00 23.86  ? 99  GLN A C   1 
ATOM   486  O O   . GLN A 1 62  ? 6.379   -5.660  2.320   1.00 26.77  ? 99  GLN A O   1 
ATOM   487  C CB  . GLN A 1 62  ? 5.436   -8.233  0.578   1.00 23.73  ? 99  GLN A CB  1 
ATOM   488  C CG  . GLN A 1 62  ? 5.593   -9.739  0.380   1.00 25.35  ? 99  GLN A CG  1 
ATOM   489  C CD  . GLN A 1 62  ? 5.617   -10.131 -1.084  1.00 26.51  ? 99  GLN A CD  1 
ATOM   490  O OE1 . GLN A 1 62  ? 4.764   -9.809  -1.902  1.00 30.81  ? 99  GLN A OE1 1 
ATOM   491  N NE2 . GLN A 1 62  ? 6.619   -10.865 -1.492  1.00 33.56  ? 99  GLN A NE2 1 
ATOM   492  N N   . ALA A 1 63  ? 4.193   -5.507  1.793   1.00 21.86  ? 100 ALA A N   1 
ATOM   493  C CA  . ALA A 1 63  ? 4.112   -4.063  1.922   1.00 19.99  ? 100 ALA A CA  1 
ATOM   494  C C   . ALA A 1 63  ? 4.425   -3.716  3.356   1.00 20.77  ? 100 ALA A C   1 
ATOM   495  O O   . ALA A 1 63  ? 5.245   -2.828  3.591   1.00 23.50  ? 100 ALA A O   1 
ATOM   496  C CB  . ALA A 1 63  ? 2.714   -3.539  1.640   1.00 15.85  ? 100 ALA A CB  1 
ATOM   497  N N   . ALA A 1 64  ? 3.878   -4.407  4.348   1.00 18.77  ? 101 ALA A N   1 
ATOM   498  C CA  . ALA A 1 64  ? 4.178   -4.077  5.733   1.00 20.36  ? 101 ALA A CA  1 
ATOM   499  C C   . ALA A 1 64  ? 5.629   -4.310  6.136   1.00 21.80  ? 101 ALA A C   1 
ATOM   500  O O   . ALA A 1 64  ? 6.154   -3.632  7.031   1.00 23.58  ? 101 ALA A O   1 
ATOM   501  C CB  . ALA A 1 64  ? 3.272   -4.886  6.647   1.00 18.65  ? 101 ALA A CB  1 
ATOM   502  N N   . THR A 1 65  ? 6.341   -5.221  5.476   1.00 22.56  ? 102 THR A N   1 
ATOM   503  C CA  . THR A 1 65  ? 7.742   -5.459  5.767   1.00 23.63  ? 102 THR A CA  1 
ATOM   504  C C   . THR A 1 65  ? 8.534   -4.297  5.268   1.00 24.21  ? 102 THR A C   1 
ATOM   505  O O   . THR A 1 65  ? 9.345   -3.768  6.008   1.00 29.09  ? 102 THR A O   1 
ATOM   506  C CB  . THR A 1 65  ? 8.259   -6.740  5.071   1.00 26.40  ? 102 THR A CB  1 
ATOM   507  O OG1 . THR A 1 65  ? 7.593   -7.876  5.624   1.00 33.17  ? 102 THR A OG1 1 
ATOM   508  C CG2 . THR A 1 65  ? 9.708   -6.969  5.329   1.00 32.33  ? 102 THR A CG2 1 
ATOM   509  N N   . HIS A 1 66  ? 8.345   -3.850  4.025   1.00 28.35  ? 103 HIS A N   1 
ATOM   510  C CA  . HIS A 1 66  ? 9.083   -2.710  3.487   1.00 24.04  ? 103 HIS A CA  1 
ATOM   511  C C   . HIS A 1 66  ? 8.748   -1.439  4.240   1.00 25.11  ? 103 HIS A C   1 
ATOM   512  O O   . HIS A 1 66  ? 9.647   -0.628  4.483   1.00 25.34  ? 103 HIS A O   1 
ATOM   513  C CB  . HIS A 1 66  ? 8.753   -2.483  2.053   1.00 21.73  ? 103 HIS A CB  1 
ATOM   514  C CG  . HIS A 1 66  ? 9.378   -3.536  1.172   1.00 24.78  ? 103 HIS A CG  1 
ATOM   515  N ND1 . HIS A 1 66  ? 10.560  -3.525  0.565   1.00 26.93  ? 103 HIS A ND1 1 
ATOM   516  C CD2 . HIS A 1 66  ? 8.755   -4.723  0.851   1.00 25.81  ? 103 HIS A CD2 1 
ATOM   517  C CE1 . HIS A 1 66  ? 10.674  -4.653  -0.102  1.00 26.76  ? 103 HIS A CE1 1 
ATOM   518  N NE2 . HIS A 1 66  ? 9.584   -5.369  0.077   1.00 26.69  ? 103 HIS A NE2 1 
ATOM   519  N N   . TYR A 1 67  ? 7.496   -1.272  4.681   1.00 23.24  ? 104 TYR A N   1 
ATOM   520  C CA  . TYR A 1 67  ? 7.150   -0.098  5.438   1.00 24.87  ? 104 TYR A CA  1 
ATOM   521  C C   . TYR A 1 67  ? 7.920   0.010   6.739   1.00 29.31  ? 104 TYR A C   1 
ATOM   522  O O   . TYR A 1 67  ? 8.432   1.094   7.042   1.00 31.64  ? 104 TYR A O   1 
ATOM   523  C CB  . TYR A 1 67  ? 5.672   -0.056  5.754   1.00 20.15  ? 104 TYR A CB  1 
ATOM   524  C CG  . TYR A 1 67  ? 5.314   1.340   6.234   1.00 20.69  ? 104 TYR A CG  1 
ATOM   525  C CD1 . TYR A 1 67  ? 5.538   2.455   5.417   1.00 23.97  ? 104 TYR A CD1 1 
ATOM   526  C CD2 . TYR A 1 67  ? 4.858   1.512   7.540   1.00 20.82  ? 104 TYR A CD2 1 
ATOM   527  C CE1 . TYR A 1 67  ? 5.328   3.743   5.919   1.00 25.00  ? 104 TYR A CE1 1 
ATOM   528  C CE2 . TYR A 1 67  ? 4.642   2.791   8.041   1.00 24.13  ? 104 TYR A CE2 1 
ATOM   529  C CZ  . TYR A 1 67  ? 4.890   3.894   7.231   1.00 25.88  ? 104 TYR A CZ  1 
ATOM   530  O OH  . TYR A 1 67  ? 4.733   5.145   7.788   1.00 30.76  ? 104 TYR A OH  1 
ATOM   531  N N   . LYS A 1 68  ? 8.041   -1.056  7.525   1.00 31.91  ? 105 LYS A N   1 
ATOM   532  C CA  . LYS A 1 68  ? 8.867   -1.043  8.728   1.00 33.10  ? 105 LYS A CA  1 
ATOM   533  C C   . LYS A 1 68  ? 10.340  -0.693  8.422   1.00 29.02  ? 105 LYS A C   1 
ATOM   534  O O   . LYS A 1 68  ? 11.000  0.036   9.157   1.00 29.56  ? 105 LYS A O   1 
ATOM   535  C CB  . LYS A 1 68  ? 8.670   -2.417  9.339   1.00 41.31  ? 105 LYS A CB  1 
ATOM   536  C CG  . LYS A 1 68  ? 9.523   -2.817  10.519  1.00 52.01  ? 105 LYS A CG  1 
ATOM   537  C CD  . LYS A 1 68  ? 8.797   -3.926  11.269  1.00 64.78  ? 105 LYS A CD  1 
ATOM   538  C CE  . LYS A 1 68  ? 9.697   -4.647  12.292  1.00 74.91  ? 105 LYS A CE  1 
ATOM   539  N NZ  . LYS A 1 68  ? 10.289  -3.740  13.274  1.00 84.75  ? 105 LYS A NZ  1 
ATOM   540  N N   . LYS A 1 69  ? 10.892  -1.171  7.315   1.00 26.14  ? 106 LYS A N   1 
ATOM   541  C CA  . LYS A 1 69  ? 12.192  -0.751  6.857   1.00 27.73  ? 106 LYS A CA  1 
ATOM   542  C C   . LYS A 1 69  ? 12.170  0.736   6.598   1.00 30.47  ? 106 LYS A C   1 
ATOM   543  O O   . LYS A 1 69  ? 13.102  1.447   6.957   1.00 32.57  ? 106 LYS A O   1 
ATOM   544  C CB  . LYS A 1 69  ? 12.567  -1.368  5.558   1.00 32.07  ? 106 LYS A CB  1 
ATOM   545  C CG  . LYS A 1 69  ? 13.455  -2.554  5.711   1.00 47.02  ? 106 LYS A CG  1 
ATOM   546  C CD  . LYS A 1 69  ? 14.882  -2.116  6.111   1.00 62.60  ? 106 LYS A CD  1 
ATOM   547  C CE  . LYS A 1 69  ? 15.678  -1.421  4.978   1.00 67.33  ? 106 LYS A CE  1 
ATOM   548  N NZ  . LYS A 1 69  ? 16.904  -0.771  5.449   1.00 71.87  ? 106 LYS A NZ  1 
ATOM   549  N N   . PHE A 1 70  ? 11.128  1.253   5.947   1.00 29.87  ? 107 PHE A N   1 
ATOM   550  C CA  . PHE A 1 70  ? 11.058  2.670   5.672   1.00 26.21  ? 107 PHE A CA  1 
ATOM   551  C C   . PHE A 1 70  ? 11.049  3.396   6.991   1.00 25.58  ? 107 PHE A C   1 
ATOM   552  O O   . PHE A 1 70  ? 11.802  4.365   7.137   1.00 25.25  ? 107 PHE A O   1 
ATOM   553  C CB  . PHE A 1 70  ? 9.805   2.986   4.895   1.00 20.09  ? 107 PHE A CB  1 
ATOM   554  C CG  . PHE A 1 70  ? 9.432   4.443   4.831   1.00 19.03  ? 107 PHE A CG  1 
ATOM   555  C CD1 . PHE A 1 70  ? 10.045  5.285   3.901   1.00 20.56  ? 107 PHE A CD1 1 
ATOM   556  C CD2 . PHE A 1 70  ? 8.449   4.936   5.689   1.00 19.40  ? 107 PHE A CD2 1 
ATOM   557  C CE1 . PHE A 1 70  ? 9.663   6.628   3.828   1.00 18.36  ? 107 PHE A CE1 1 
ATOM   558  C CE2 . PHE A 1 70  ? 8.078   6.281   5.605   1.00 20.33  ? 107 PHE A CE2 1 
ATOM   559  C CZ  . PHE A 1 70  ? 8.679   7.121   4.678   1.00 15.01  ? 107 PHE A CZ  1 
ATOM   560  N N   . LYS A 1 71  ? 10.252  2.948   7.947   1.00 24.41  ? 108 LYS A N   1 
ATOM   561  C CA  . LYS A 1 71  ? 10.137  3.679   9.175   1.00 29.06  ? 108 LYS A CA  1 
ATOM   562  C C   . LYS A 1 71  ? 11.423  3.619   9.978   1.00 35.80  ? 108 LYS A C   1 
ATOM   563  O O   . LYS A 1 71  ? 11.645  4.496   10.820  1.00 39.00  ? 108 LYS A O   1 
ATOM   564  C CB  . LYS A 1 71  ? 9.065   3.144   10.050  1.00 28.12  ? 108 LYS A CB  1 
ATOM   565  C CG  . LYS A 1 71  ? 7.710   3.729   9.858   1.00 38.30  ? 108 LYS A CG  1 
ATOM   566  C CD  . LYS A 1 71  ? 6.752   3.052   10.840  1.00 52.64  ? 108 LYS A CD  1 
ATOM   567  C CE  . LYS A 1 71  ? 6.724   1.497   10.654  1.00 64.04  ? 108 LYS A CE  1 
ATOM   568  N NZ  . LYS A 1 71  ? 5.508   0.824   11.123  1.00 70.88  ? 108 LYS A NZ  1 
ATOM   569  N N   . SER A 1 72  ? 12.289  2.626   9.772   1.00 37.86  ? 109 SER A N   1 
ATOM   570  C CA  . SER A 1 72  ? 13.521  2.537   10.534  1.00 38.60  ? 109 SER A CA  1 
ATOM   571  C C   . SER A 1 72  ? 14.570  3.575   10.113  1.00 38.30  ? 109 SER A C   1 
ATOM   572  O O   . SER A 1 72  ? 15.525  3.846   10.843  1.00 43.11  ? 109 SER A O   1 
ATOM   573  C CB  . SER A 1 72  ? 14.095  1.111   10.388  1.00 35.35  ? 109 SER A CB  1 
ATOM   574  O OG  . SER A 1 72  ? 14.651  0.765   9.116   1.00 38.07  ? 109 SER A OG  1 
ATOM   575  N N   . MET A 1 73  ? 14.514  4.133   8.900   1.00 36.77  ? 110 MET A N   1 
ATOM   576  C CA  . MET A 1 73  ? 15.454  5.158   8.486   1.00 33.61  ? 110 MET A CA  1 
ATOM   577  C C   . MET A 1 73  ? 14.784  6.466   8.883   1.00 35.46  ? 110 MET A C   1 
ATOM   578  O O   . MET A 1 73  ? 13.862  6.926   8.189   1.00 33.36  ? 110 MET A O   1 
ATOM   579  C CB  . MET A 1 73  ? 15.642  5.114   7.006   1.00 31.34  ? 110 MET A CB  1 
ATOM   580  C CG  . MET A 1 73  ? 16.333  3.858   6.645   1.00 32.50  ? 110 MET A CG  1 
ATOM   581  S SD  . MET A 1 73  ? 16.316  3.610   4.871   1.00 38.73  ? 110 MET A SD  1 
ATOM   582  C CE  . MET A 1 73  ? 14.738  2.805   4.826   1.00 29.82  ? 110 MET A CE  1 
ATOM   583  N N   . ALA A 1 74  ? 15.215  7.025   10.028  1.00 35.23  ? 111 ALA A N   1 
ATOM   584  C CA  . ALA A 1 74  ? 14.721  8.305   10.557  1.00 33.94  ? 111 ALA A CA  1 
ATOM   585  C C   . ALA A 1 74  ? 14.667  9.442   9.523   1.00 31.63  ? 111 ALA A C   1 
ATOM   586  O O   . ALA A 1 74  ? 15.616  9.620   8.754   1.00 28.97  ? 111 ALA A O   1 
ATOM   587  C CB  . ALA A 1 74  ? 15.606  8.768   11.693  1.00 34.82  ? 111 ALA A CB  1 
ATOM   588  N N   . PRO A 1 75  ? 13.532  10.150  9.404   1.00 29.90  ? 112 PRO A N   1 
ATOM   589  C CA  . PRO A 1 75  ? 13.335  11.238  8.453   1.00 27.46  ? 112 PRO A CA  1 
ATOM   590  C C   . PRO A 1 75  ? 14.333  12.311  8.755   1.00 26.13  ? 112 PRO A C   1 
ATOM   591  O O   . PRO A 1 75  ? 14.583  12.621  9.918   1.00 27.05  ? 112 PRO A O   1 
ATOM   592  C CB  . PRO A 1 75  ? 11.917  11.710  8.670   1.00 24.04  ? 112 PRO A CB  1 
ATOM   593  C CG  . PRO A 1 75  ? 11.230  10.463  9.206   1.00 23.04  ? 112 PRO A CG  1 
ATOM   594  C CD  . PRO A 1 75  ? 12.289  9.887   10.140  1.00 27.05  ? 112 PRO A CD  1 
ATOM   595  N N   . LEU A 1 76  ? 14.909  12.886  7.732   1.00 27.29  ? 113 LEU A N   1 
ATOM   596  C CA  . LEU A 1 76  ? 15.795  14.023  7.921   1.00 27.44  ? 113 LEU A CA  1 
ATOM   597  C C   . LEU A 1 76  ? 14.928  15.212  8.358   1.00 28.23  ? 113 LEU A C   1 
ATOM   598  O O   . LEU A 1 76  ? 13.703  15.134  8.139   1.00 32.16  ? 113 LEU A O   1 
ATOM   599  C CB  . LEU A 1 76  ? 16.514  14.257  6.590   1.00 26.90  ? 113 LEU A CB  1 
ATOM   600  C CG  . LEU A 1 76  ? 17.740  13.396  6.256   1.00 26.78  ? 113 LEU A CG  1 
ATOM   601  C CD1 . LEU A 1 76  ? 17.429  11.946  6.005   1.00 30.04  ? 113 LEU A CD1 1 
ATOM   602  C CD2 . LEU A 1 76  ? 18.232  13.854  4.933   1.00 29.07  ? 113 LEU A CD2 1 
ATOM   603  N N   . PRO A 1 77  ? 15.390  16.320  8.958   1.00 27.49  ? 114 PRO A N   1 
ATOM   604  C CA  . PRO A 1 77  ? 14.502  17.309  9.596   1.00 26.46  ? 114 PRO A CA  1 
ATOM   605  C C   . PRO A 1 77  ? 13.391  17.856  8.706   1.00 24.64  ? 114 PRO A C   1 
ATOM   606  O O   . PRO A 1 77  ? 12.211  17.964  9.081   1.00 21.74  ? 114 PRO A O   1 
ATOM   607  C CB  . PRO A 1 77  ? 15.456  18.377  10.105  1.00 25.15  ? 114 PRO A CB  1 
ATOM   608  C CG  . PRO A 1 77  ? 16.654  17.547  10.485  1.00 23.70  ? 114 PRO A CG  1 
ATOM   609  C CD  . PRO A 1 77  ? 16.781  16.581  9.309   1.00 23.59  ? 114 PRO A CD  1 
ATOM   610  N N   . GLU A 1 78  ? 13.732  18.148  7.460   1.00 24.52  ? 115 GLU A N   1 
ATOM   611  C CA  . GLU A 1 78  ? 12.723  18.675  6.580   1.00 26.81  ? 115 GLU A CA  1 
ATOM   612  C C   . GLU A 1 78  ? 11.751  17.622  6.104   1.00 27.17  ? 115 GLU A C   1 
ATOM   613  O O   . GLU A 1 78  ? 10.668  17.937  5.597   1.00 29.56  ? 115 GLU A O   1 
ATOM   614  C CB  . GLU A 1 78  ? 13.376  19.302  5.406   1.00 30.12  ? 115 GLU A CB  1 
ATOM   615  C CG  . GLU A 1 78  ? 12.357  20.195  4.762   1.00 39.59  ? 115 GLU A CG  1 
ATOM   616  C CD  . GLU A 1 78  ? 12.460  20.048  3.274   1.00 51.23  ? 115 GLU A CD  1 
ATOM   617  O OE1 . GLU A 1 78  ? 11.967  19.052  2.700   1.00 52.23  ? 115 GLU A OE1 1 
ATOM   618  O OE2 . GLU A 1 78  ? 13.077  20.961  2.718   1.00 58.95  ? 115 GLU A OE2 1 
ATOM   619  N N   . MET A 1 79  ? 12.103  16.346  6.254   1.00 25.96  ? 116 MET A N   1 
ATOM   620  C CA  . MET A 1 79  ? 11.230  15.273  5.809   1.00 23.46  ? 116 MET A CA  1 
ATOM   621  C C   . MET A 1 79  ? 10.267  14.818  6.877   1.00 21.15  ? 116 MET A C   1 
ATOM   622  O O   . MET A 1 79  ? 9.363   14.039  6.590   1.00 26.16  ? 116 MET A O   1 
ATOM   623  C CB  . MET A 1 79  ? 12.052  14.086  5.366   1.00 20.21  ? 116 MET A CB  1 
ATOM   624  C CG  . MET A 1 79  ? 12.793  14.352  4.094   1.00 19.79  ? 116 MET A CG  1 
ATOM   625  S SD  . MET A 1 79  ? 11.764  14.874  2.698   1.00 24.95  ? 116 MET A SD  1 
ATOM   626  C CE  . MET A 1 79  ? 11.033  13.331  2.258   1.00 24.72  ? 116 MET A CE  1 
ATOM   627  N N   . VAL A 1 80  ? 10.416  15.257  8.116   1.00 21.43  ? 117 VAL A N   1 
ATOM   628  C CA  . VAL A 1 80  ? 9.590   14.794  9.210   1.00 21.59  ? 117 VAL A CA  1 
ATOM   629  C C   . VAL A 1 80  ? 8.089   14.979  8.996   1.00 26.14  ? 117 VAL A C   1 
ATOM   630  O O   . VAL A 1 80  ? 7.292   14.072  9.280   1.00 31.52  ? 117 VAL A O   1 
ATOM   631  C CB  . VAL A 1 80  ? 10.071  15.513  10.473  1.00 21.08  ? 117 VAL A CB  1 
ATOM   632  C CG1 . VAL A 1 80  ? 9.078   15.413  11.638  1.00 17.53  ? 117 VAL A CG1 1 
ATOM   633  C CG2 . VAL A 1 80  ? 11.401  14.892  10.824  1.00 16.09  ? 117 VAL A CG2 1 
ATOM   634  N N   . ALA A 1 81  ? 7.622   16.106  8.468   1.00 28.51  ? 118 ALA A N   1 
ATOM   635  C CA  . ALA A 1 81  ? 6.187   16.316  8.312   1.00 25.03  ? 118 ALA A CA  1 
ATOM   636  C C   . ALA A 1 81  ? 5.597   15.431  7.225   1.00 24.32  ? 118 ALA A C   1 
ATOM   637  O O   . ALA A 1 81  ? 4.599   14.776  7.547   1.00 25.60  ? 118 ALA A O   1 
ATOM   638  C CB  . ALA A 1 81  ? 5.944   17.775  7.994   1.00 21.44  ? 118 ALA A CB  1 
ATOM   639  N N   . THR A 1 82  ? 6.147   15.312  5.995   1.00 22.22  ? 119 THR A N   1 
ATOM   640  C CA  . THR A 1 82  ? 5.608   14.396  5.015   1.00 20.70  ? 119 THR A CA  1 
ATOM   641  C C   . THR A 1 82  ? 5.722   12.957  5.467   1.00 20.90  ? 119 THR A C   1 
ATOM   642  O O   . THR A 1 82  ? 4.871   12.148  5.120   1.00 24.75  ? 119 THR A O   1 
ATOM   643  C CB  . THR A 1 82  ? 6.292   14.386  3.652   1.00 20.90  ? 119 THR A CB  1 
ATOM   644  O OG1 . THR A 1 82  ? 7.637   14.812  3.804   1.00 25.93  ? 119 THR A OG1 1 
ATOM   645  C CG2 . THR A 1 82  ? 5.462   15.107  2.699   1.00 18.92  ? 119 THR A CG2 1 
ATOM   646  N N   . SER A 1 83  ? 6.764   12.589  6.191   1.00 18.20  ? 120 SER A N   1 
ATOM   647  C CA  . SER A 1 83  ? 6.903   11.250  6.672   1.00 16.40  ? 120 SER A CA  1 
ATOM   648  C C   . SER A 1 83  ? 5.813   10.975  7.679   1.00 18.60  ? 120 SER A C   1 
ATOM   649  O O   . SER A 1 83  ? 5.344   9.847   7.765   1.00 21.37  ? 120 SER A O   1 
ATOM   650  C CB  . SER A 1 83  ? 8.264   11.105  7.298   1.00 15.76  ? 120 SER A CB  1 
ATOM   651  O OG  . SER A 1 83  ? 9.267   11.325  6.306   1.00 17.15  ? 120 SER A OG  1 
ATOM   652  N N   . ARG A 1 84  ? 5.353   11.953  8.452   1.00 22.26  ? 121 ARG A N   1 
ATOM   653  C CA  . ARG A 1 84  ? 4.302   11.746  9.441   1.00 24.89  ? 121 ARG A CA  1 
ATOM   654  C C   . ARG A 1 84  ? 2.956   11.586  8.738   1.00 25.31  ? 121 ARG A C   1 
ATOM   655  O O   . ARG A 1 84  ? 2.051   10.801  9.065   1.00 26.71  ? 121 ARG A O   1 
ATOM   656  C CB  . ARG A 1 84  ? 4.291   12.943  10.383  1.00 29.08  ? 121 ARG A CB  1 
ATOM   657  C CG  . ARG A 1 84  ? 3.227   12.776  11.433  1.00 43.68  ? 121 ARG A CG  1 
ATOM   658  C CD  . ARG A 1 84  ? 3.224   13.875  12.487  1.00 59.33  ? 121 ARG A CD  1 
ATOM   659  N NE  . ARG A 1 84  ? 2.330   13.467  13.572  1.00 73.22  ? 121 ARG A NE  1 
ATOM   660  C CZ  . ARG A 1 84  ? 0.996   13.690  13.592  1.00 80.87  ? 121 ARG A CZ  1 
ATOM   661  N NH1 . ARG A 1 84  ? 0.338   14.358  12.615  1.00 84.08  ? 121 ARG A NH1 1 
ATOM   662  N NH2 . ARG A 1 84  ? 0.303   13.244  14.651  1.00 83.47  ? 121 ARG A NH2 1 
ATOM   663  N N   . ASN A 1 85  ? 2.876   12.344  7.671   1.00 20.86  ? 122 ASN A N   1 
ATOM   664  C CA  . ASN A 1 85  ? 1.670   12.337  6.906   1.00 20.56  ? 122 ASN A CA  1 
ATOM   665  C C   . ASN A 1 85  ? 1.478   11.032  6.180   1.00 21.38  ? 122 ASN A C   1 
ATOM   666  O O   . ASN A 1 85  ? 0.401   10.441  6.229   1.00 26.52  ? 122 ASN A O   1 
ATOM   667  C CB  . ASN A 1 85  ? 1.775   13.515  6.003   1.00 17.42  ? 122 ASN A CB  1 
ATOM   668  C CG  . ASN A 1 85  ? 0.526   13.695  5.215   1.00 17.75  ? 122 ASN A CG  1 
ATOM   669  O OD1 . ASN A 1 85  ? 0.659   13.761  4.012   1.00 20.07  ? 122 ASN A OD1 1 
ATOM   670  N ND2 . ASN A 1 85  ? -0.669  13.816  5.739   1.00 16.75  ? 122 ASN A ND2 1 
ATOM   671  N N   . ILE A 1 86  ? 2.539   10.539  5.553   1.00 24.26  ? 123 ILE A N   1 
ATOM   672  C CA  . ILE A 1 86  ? 2.609   9.228   4.894   1.00 26.60  ? 123 ILE A CA  1 
ATOM   673  C C   . ILE A 1 86  ? 2.165   8.137   5.875   1.00 26.00  ? 123 ILE A C   1 
ATOM   674  O O   . ILE A 1 86  ? 1.398   7.246   5.529   1.00 27.56  ? 123 ILE A O   1 
ATOM   675  C CB  . ILE A 1 86  ? 4.115   9.036   4.375   1.00 27.55  ? 123 ILE A CB  1 
ATOM   676  C CG1 . ILE A 1 86  ? 4.200   9.595   2.959   1.00 23.28  ? 123 ILE A CG1 1 
ATOM   677  C CG2 . ILE A 1 86  ? 4.599   7.573   4.384   1.00 25.46  ? 123 ILE A CG2 1 
ATOM   678  C CD1 . ILE A 1 86  ? 3.587   8.696   1.876   1.00 18.76  ? 123 ILE A CD1 1 
ATOM   679  N N   . ASP A 1 87  ? 2.566   8.231   7.132   1.00 25.52  ? 124 ASP A N   1 
ATOM   680  C CA  . ASP A 1 87  ? 2.260   7.207   8.102   1.00 24.99  ? 124 ASP A CA  1 
ATOM   681  C C   . ASP A 1 87  ? 0.774   7.193   8.370   1.00 26.00  ? 124 ASP A C   1 
ATOM   682  O O   . ASP A 1 87  ? 0.146   6.134   8.410   1.00 25.22  ? 124 ASP A O   1 
ATOM   683  C CB  . ASP A 1 87  ? 3.089   7.507   9.346   1.00 28.96  ? 124 ASP A CB  1 
ATOM   684  C CG  . ASP A 1 87  ? 2.971   6.401   10.382  1.00 37.65  ? 124 ASP A CG  1 
ATOM   685  O OD1 . ASP A 1 87  ? 3.454   5.280   10.151  1.00 40.74  ? 124 ASP A OD1 1 
ATOM   686  O OD2 . ASP A 1 87  ? 2.367   6.668   11.428  1.00 42.16  ? 124 ASP A OD2 1 
ATOM   687  N N   . GLU A 1 88  ? 0.173   8.377   8.446   1.00 23.96  ? 125 GLU A N   1 
ATOM   688  C CA  . GLU A 1 88  ? -1.249  8.462   8.651   1.00 27.67  ? 125 GLU A CA  1 
ATOM   689  C C   . GLU A 1 88  ? -2.031  7.848   7.489   1.00 27.53  ? 125 GLU A C   1 
ATOM   690  O O   . GLU A 1 88  ? -2.949  7.034   7.662   1.00 29.11  ? 125 GLU A O   1 
ATOM   691  C CB  . GLU A 1 88  ? -1.632  9.904   8.803   1.00 29.71  ? 125 GLU A CB  1 
ATOM   692  C CG  . GLU A 1 88  ? -1.113  10.569  10.061  1.00 41.47  ? 125 GLU A CG  1 
ATOM   693  C CD  . GLU A 1 88  ? -1.216  12.093  9.945   1.00 51.93  ? 125 GLU A CD  1 
ATOM   694  O OE1 . GLU A 1 88  ? -2.285  12.574  9.562   1.00 57.86  ? 125 GLU A OE1 1 
ATOM   695  O OE2 . GLU A 1 88  ? -0.237  12.805  10.200  1.00 54.96  ? 125 GLU A OE2 1 
ATOM   696  N N   . LYS A 1 89  ? -1.663  8.224   6.275   1.00 25.00  ? 126 LYS A N   1 
ATOM   697  C CA  . LYS A 1 89  ? -2.337  7.734   5.089   1.00 22.24  ? 126 LYS A CA  1 
ATOM   698  C C   . LYS A 1 89  ? -2.115  6.237   4.908   1.00 22.39  ? 126 LYS A C   1 
ATOM   699  O O   . LYS A 1 89  ? -3.034  5.507   4.500   1.00 19.60  ? 126 LYS A O   1 
ATOM   700  C CB  . LYS A 1 89  ? -1.821  8.467   3.863   1.00 18.68  ? 126 LYS A CB  1 
ATOM   701  C CG  . LYS A 1 89  ? -2.628  9.667   3.532   1.00 19.55  ? 126 LYS A CG  1 
ATOM   702  C CD  . LYS A 1 89  ? -2.582  10.633  4.666   1.00 21.56  ? 126 LYS A CD  1 
ATOM   703  C CE  . LYS A 1 89  ? -3.495  11.771  4.387   1.00 25.15  ? 126 LYS A CE  1 
ATOM   704  N NZ  . LYS A 1 89  ? -3.401  12.706  5.487   1.00 30.23  ? 126 LYS A NZ  1 
ATOM   705  N N   . TYR A 1 90  ? -0.903  5.788   5.242   1.00 22.08  ? 127 TYR A N   1 
ATOM   706  C CA  . TYR A 1 90  ? -0.506  4.413   5.085   1.00 21.02  ? 127 TYR A CA  1 
ATOM   707  C C   . TYR A 1 90  ? -1.383  3.627   6.033   1.00 25.57  ? 127 TYR A C   1 
ATOM   708  O O   . TYR A 1 90  ? -2.030  2.672   5.599   1.00 28.67  ? 127 TYR A O   1 
ATOM   709  C CB  . TYR A 1 90  ? 0.970   4.220   5.443   1.00 18.97  ? 127 TYR A CB  1 
ATOM   710  C CG  . TYR A 1 90  ? 1.343   2.748   5.572   1.00 18.79  ? 127 TYR A CG  1 
ATOM   711  C CD1 . TYR A 1 90  ? 1.687   1.969   4.466   1.00 18.03  ? 127 TYR A CD1 1 
ATOM   712  C CD2 . TYR A 1 90  ? 1.266   2.179   6.833   1.00 17.06  ? 127 TYR A CD2 1 
ATOM   713  C CE1 . TYR A 1 90  ? 1.942   0.603   4.635   1.00 19.37  ? 127 TYR A CE1 1 
ATOM   714  C CE2 . TYR A 1 90  ? 1.510   0.831   7.007   1.00 19.06  ? 127 TYR A CE2 1 
ATOM   715  C CZ  . TYR A 1 90  ? 1.852   0.041   5.916   1.00 22.09  ? 127 TYR A CZ  1 
ATOM   716  O OH  . TYR A 1 90  ? 2.125   -1.303  6.157   1.00 21.58  ? 127 TYR A OH  1 
ATOM   717  N N   . LYS A 1 91  ? -1.493  3.991   7.306   1.00 25.85  ? 128 LYS A N   1 
ATOM   718  C CA  . LYS A 1 91  ? -2.315  3.212   8.196   1.00 25.97  ? 128 LYS A CA  1 
ATOM   719  C C   . LYS A 1 91  ? -3.753  3.191   7.758   1.00 25.58  ? 128 LYS A C   1 
ATOM   720  O O   . LYS A 1 91  ? -4.354  2.122   7.903   1.00 28.54  ? 128 LYS A O   1 
ATOM   721  C CB  . LYS A 1 91  ? -2.220  3.750   9.614   1.00 32.45  ? 128 LYS A CB  1 
ATOM   722  C CG  . LYS A 1 91  ? -0.789  3.558   10.146  1.00 37.15  ? 128 LYS A CG  1 
ATOM   723  C CD  . LYS A 1 91  ? -0.626  4.084   11.564  1.00 44.18  ? 128 LYS A CD  1 
ATOM   724  C CE  . LYS A 1 91  ? -0.991  5.557   11.652  1.00 53.78  ? 128 LYS A CE  1 
ATOM   725  N NZ  . LYS A 1 91  ? -1.066  6.011   13.030  1.00 63.33  ? 128 LYS A NZ  1 
ATOM   726  N N   . ASN A 1 92  ? -4.338  4.238   7.159   1.00 23.58  ? 129 ASN A N   1 
ATOM   727  C CA  . ASN A 1 92  ? -5.736  4.136   6.770   1.00 23.36  ? 129 ASN A CA  1 
ATOM   728  C C   . ASN A 1 92  ? -5.914  3.236   5.598   1.00 22.98  ? 129 ASN A C   1 
ATOM   729  O O   . ASN A 1 92  ? -6.861  2.449   5.610   1.00 25.21  ? 129 ASN A O   1 
ATOM   730  C CB  . ASN A 1 92  ? -6.352  5.464   6.394   1.00 29.06  ? 129 ASN A CB  1 
ATOM   731  C CG  . ASN A 1 92  ? -6.526  6.337   7.618   1.00 33.00  ? 129 ASN A CG  1 
ATOM   732  O OD1 . ASN A 1 92  ? -6.630  5.846   8.732   1.00 39.71  ? 129 ASN A OD1 1 
ATOM   733  N ND2 . ASN A 1 92  ? -6.491  7.652   7.569   1.00 36.92  ? 129 ASN A ND2 1 
ATOM   734  N N   . TYR A 1 93  ? -5.003  3.283   4.620   1.00 21.44  ? 130 TYR A N   1 
ATOM   735  C CA  . TYR A 1 93  ? -5.092  2.404   3.477   1.00 22.29  ? 130 TYR A CA  1 
ATOM   736  C C   . TYR A 1 93  ? -4.722  0.945   3.856   1.00 24.45  ? 130 TYR A C   1 
ATOM   737  O O   . TYR A 1 93  ? -5.388  0.027   3.373   1.00 27.04  ? 130 TYR A O   1 
ATOM   738  C CB  . TYR A 1 93  ? -4.176  2.940   2.367   1.00 19.10  ? 130 TYR A CB  1 
ATOM   739  C CG  . TYR A 1 93  ? -4.427  2.252   1.009   1.00 19.14  ? 130 TYR A CG  1 
ATOM   740  C CD1 . TYR A 1 93  ? -5.712  1.798   0.625   1.00 15.72  ? 130 TYR A CD1 1 
ATOM   741  C CD2 . TYR A 1 93  ? -3.344  2.056   0.149   1.00 17.10  ? 130 TYR A CD2 1 
ATOM   742  C CE1 . TYR A 1 93  ? -5.885  1.148   -0.602  1.00 14.12  ? 130 TYR A CE1 1 
ATOM   743  C CE2 . TYR A 1 93  ? -3.517  1.422   -1.080  1.00 13.20  ? 130 TYR A CE2 1 
ATOM   744  C CZ  . TYR A 1 93  ? -4.784  0.965   -1.453  1.00 18.88  ? 130 TYR A CZ  1 
ATOM   745  O OH  . TYR A 1 93  ? -4.930  0.317   -2.689  1.00 20.72  ? 130 TYR A OH  1 
ATOM   746  N N   . TYR A 1 94  ? -3.733  0.643   4.715   1.00 25.07  ? 131 TYR A N   1 
ATOM   747  C CA  . TYR A 1 94  ? -3.391  -0.704  5.160   1.00 23.63  ? 131 TYR A CA  1 
ATOM   748  C C   . TYR A 1 94  ? -4.603  -1.328  5.841   1.00 21.70  ? 131 TYR A C   1 
ATOM   749  O O   . TYR A 1 94  ? -4.975  -2.471  5.579   1.00 19.83  ? 131 TYR A O   1 
ATOM   750  C CB  . TYR A 1 94  ? -2.207  -0.659  6.138   1.00 21.80  ? 131 TYR A CB  1 
ATOM   751  C CG  . TYR A 1 94  ? -1.788  -2.049  6.621   1.00 27.43  ? 131 TYR A CG  1 
ATOM   752  C CD1 . TYR A 1 94  ? -0.879  -2.854  5.894   1.00 25.28  ? 131 TYR A CD1 1 
ATOM   753  C CD2 . TYR A 1 94  ? -2.345  -2.557  7.800   1.00 28.69  ? 131 TYR A CD2 1 
ATOM   754  C CE1 . TYR A 1 94  ? -0.542  -4.142  6.347   1.00 22.48  ? 131 TYR A CE1 1 
ATOM   755  C CE2 . TYR A 1 94  ? -2.025  -3.844  8.256   1.00 24.51  ? 131 TYR A CE2 1 
ATOM   756  C CZ  . TYR A 1 94  ? -1.135  -4.608  7.525   1.00 25.48  ? 131 TYR A CZ  1 
ATOM   757  O OH  . TYR A 1 94  ? -0.855  -5.854  8.015   1.00 30.75  ? 131 TYR A OH  1 
ATOM   758  N N   . THR A 1 95  ? -5.252  -0.572  6.708   1.00 24.45  ? 132 THR A N   1 
ATOM   759  C CA  . THR A 1 95  ? -6.476  -1.006  7.378   1.00 25.50  ? 132 THR A CA  1 
ATOM   760  C C   . THR A 1 95  ? -7.614  -1.279  6.403   1.00 25.09  ? 132 THR A C   1 
ATOM   761  O O   . THR A 1 95  ? -8.273  -2.307  6.527   1.00 27.61  ? 132 THR A O   1 
ATOM   762  C CB  . THR A 1 95  ? -6.894  0.066   8.375   1.00 26.03  ? 132 THR A CB  1 
ATOM   763  O OG1 . THR A 1 95  ? -5.890  0.058   9.365   1.00 27.92  ? 132 THR A OG1 1 
ATOM   764  C CG2 . THR A 1 95  ? -8.231  -0.166  9.016   1.00 29.41  ? 132 THR A CG2 1 
ATOM   765  N N   . ALA A 1 96  ? -7.882  -0.399  5.449   1.00 23.40  ? 133 ALA A N   1 
ATOM   766  C CA  . ALA A 1 96  ? -8.900  -0.649  4.448   1.00 25.25  ? 133 ALA A CA  1 
ATOM   767  C C   . ALA A 1 96  ? -8.685  -2.003  3.732   1.00 25.68  ? 133 ALA A C   1 
ATOM   768  O O   . ALA A 1 96  ? -9.572  -2.866  3.656   1.00 26.19  ? 133 ALA A O   1 
ATOM   769  C CB  . ALA A 1 96  ? -8.855  0.478   3.428   1.00 21.92  ? 133 ALA A CB  1 
ATOM   770  N N   . LEU A 1 97  ? -7.437  -2.193  3.291   1.00 24.26  ? 134 LEU A N   1 
ATOM   771  C CA  . LEU A 1 97  ? -6.948  -3.367  2.600   1.00 21.17  ? 134 LEU A CA  1 
ATOM   772  C C   . LEU A 1 97  ? -7.067  -4.595  3.517   1.00 22.32  ? 134 LEU A C   1 
ATOM   773  O O   . LEU A 1 97  ? -7.587  -5.647  3.106   1.00 19.58  ? 134 LEU A O   1 
ATOM   774  C CB  . LEU A 1 97  ? -5.514  -3.009  2.165   1.00 17.24  ? 134 LEU A CB  1 
ATOM   775  C CG  . LEU A 1 97  ? -5.113  -2.865  0.691   1.00 15.59  ? 134 LEU A CG  1 
ATOM   776  C CD1 . LEU A 1 97  ? -6.191  -2.300  -0.157  1.00 13.99  ? 134 LEU A CD1 1 
ATOM   777  C CD2 . LEU A 1 97  ? -3.894  -2.023  0.641   1.00 12.37  ? 134 LEU A CD2 1 
ATOM   778  N N   . THR A 1 98  ? -6.699  -4.492  4.795   1.00 22.59  ? 135 THR A N   1 
ATOM   779  C CA  . THR A 1 98  ? -6.883  -5.581  5.723   1.00 20.67  ? 135 THR A CA  1 
ATOM   780  C C   . THR A 1 98  ? -8.364  -5.949  5.865   1.00 23.57  ? 135 THR A C   1 
ATOM   781  O O   . THR A 1 98  ? -8.695  -7.136  5.768   1.00 24.45  ? 135 THR A O   1 
ATOM   782  C CB  . THR A 1 98  ? -6.267  -5.130  7.030   1.00 19.93  ? 135 THR A CB  1 
ATOM   783  O OG1 . THR A 1 98  ? -4.870  -4.982  6.839   1.00 23.88  ? 135 THR A OG1 1 
ATOM   784  C CG2 . THR A 1 98  ? -6.494  -6.137  8.103   1.00 18.92  ? 135 THR A CG2 1 
ATOM   785  N N   . GLU A 1 99  ? -9.297  -4.997  6.022   1.00 22.75  ? 136 GLU A N   1 
ATOM   786  C CA  . GLU A 1 99  ? -10.707 -5.297  6.164   1.00 21.97  ? 136 GLU A CA  1 
ATOM   787  C C   . GLU A 1 99  ? -11.248 -5.921  4.913   1.00 21.03  ? 136 GLU A C   1 
ATOM   788  O O   . GLU A 1 99  ? -12.116 -6.794  4.982   1.00 23.41  ? 136 GLU A O   1 
ATOM   789  C CB  . GLU A 1 99  ? -11.510 -4.075  6.420   1.00 25.57  ? 136 GLU A CB  1 
ATOM   790  C CG  . GLU A 1 99  ? -11.197 -3.483  7.771   1.00 34.98  ? 136 GLU A CG  1 
ATOM   791  C CD  . GLU A 1 99  ? -11.625 -2.018  7.938   1.00 43.98  ? 136 GLU A CD  1 
ATOM   792  O OE1 . GLU A 1 99  ? -11.995 -1.358  6.962   1.00 49.46  ? 136 GLU A OE1 1 
ATOM   793  O OE2 . GLU A 1 99  ? -11.569 -1.511  9.060   1.00 48.11  ? 136 GLU A OE2 1 
ATOM   794  N N   . LEU A 1 100 ? -10.755 -5.542  3.747   1.00 23.42  ? 137 LEU A N   1 
ATOM   795  C CA  . LEU A 1 100 ? -11.202 -6.203  2.533   1.00 23.30  ? 137 LEU A CA  1 
ATOM   796  C C   . LEU A 1 100 ? -10.818 -7.692  2.482   1.00 24.99  ? 137 LEU A C   1 
ATOM   797  O O   . LEU A 1 100 ? -11.646 -8.472  1.992   1.00 27.77  ? 137 LEU A O   1 
ATOM   798  C CB  . LEU A 1 100 ? -10.631 -5.522  1.299   1.00 18.67  ? 137 LEU A CB  1 
ATOM   799  C CG  . LEU A 1 100 ? -11.092 -4.151  0.921   1.00 16.42  ? 137 LEU A CG  1 
ATOM   800  C CD1 . LEU A 1 100 ? -10.516 -3.941  -0.478  1.00 13.00  ? 137 LEU A CD1 1 
ATOM   801  C CD2 . LEU A 1 100 ? -12.611 -3.985  1.012   1.00 9.34   ? 137 LEU A CD2 1 
ATOM   802  N N   . ILE A 1 101 ? -9.625  -8.113  2.981   1.00 26.82  ? 138 ILE A N   1 
ATOM   803  C CA  . ILE A 1 101 ? -9.138  -9.516  3.080   1.00 24.26  ? 138 ILE A CA  1 
ATOM   804  C C   . ILE A 1 101 ? -10.044 -10.233 4.083   1.00 25.76  ? 138 ILE A C   1 
ATOM   805  O O   . ILE A 1 101 ? -10.578 -11.318 3.822   1.00 27.54  ? 138 ILE A O   1 
ATOM   806  C CB  . ILE A 1 101 ? -7.626  -9.565  3.563   1.00 20.73  ? 138 ILE A CB  1 
ATOM   807  C CG1 . ILE A 1 101 ? -6.734  -9.061  2.452   1.00 15.60  ? 138 ILE A CG1 1 
ATOM   808  C CG2 . ILE A 1 101 ? -7.170  -10.982 3.860   1.00 19.16  ? 138 ILE A CG2 1 
ATOM   809  C CD1 . ILE A 1 101 ? -5.295  -8.804  2.857   1.00 12.31  ? 138 ILE A CD1 1 
ATOM   810  N N   . ASP A 1 102 ? -10.284 -9.587  5.214   1.00 21.59  ? 139 ASP A N   1 
ATOM   811  C CA  . ASP A 1 102 ? -11.222 -10.091 6.170   1.00 23.61  ? 139 ASP A CA  1 
ATOM   812  C C   . ASP A 1 102 ? -12.598 -10.363 5.646   1.00 25.52  ? 139 ASP A C   1 
ATOM   813  O O   . ASP A 1 102 ? -13.166 -11.379 6.041   1.00 30.82  ? 139 ASP A O   1 
ATOM   814  C CB  . ASP A 1 102 ? -11.356 -9.143  7.286   1.00 22.75  ? 139 ASP A CB  1 
ATOM   815  C CG  . ASP A 1 102 ? -10.096 -9.006  8.127   1.00 23.02  ? 139 ASP A CG  1 
ATOM   816  O OD1 . ASP A 1 102 ? -9.130  -9.765  7.943   1.00 24.39  ? 139 ASP A OD1 1 
ATOM   817  O OD2 . ASP A 1 102 ? -10.097 -8.097  8.964   1.00 28.57  ? 139 ASP A OD2 1 
ATOM   818  N N   . TYR A 1 103 ? -13.145 -9.548  4.753   1.00 24.63  ? 140 TYR A N   1 
ATOM   819  C CA  . TYR A 1 103 ? -14.460 -9.848  4.208   1.00 24.76  ? 140 TYR A CA  1 
ATOM   820  C C   . TYR A 1 103 ? -14.463 -11.021 3.255   1.00 23.53  ? 140 TYR A C   1 
ATOM   821  O O   . TYR A 1 103 ? -15.336 -11.896 3.274   1.00 24.68  ? 140 TYR A O   1 
ATOM   822  C CB  . TYR A 1 103 ? -15.072 -8.676  3.417   1.00 26.26  ? 140 TYR A CB  1 
ATOM   823  C CG  . TYR A 1 103 ? -15.288 -7.442  4.262   1.00 26.68  ? 140 TYR A CG  1 
ATOM   824  C CD1 . TYR A 1 103 ? -15.754 -7.551  5.578   1.00 28.45  ? 140 TYR A CD1 1 
ATOM   825  C CD2 . TYR A 1 103 ? -14.928 -6.196  3.729   1.00 26.16  ? 140 TYR A CD2 1 
ATOM   826  C CE1 . TYR A 1 103 ? -15.839 -6.401  6.358   1.00 30.59  ? 140 TYR A CE1 1 
ATOM   827  C CE2 . TYR A 1 103 ? -15.017 -5.047  4.510   1.00 22.70  ? 140 TYR A CE2 1 
ATOM   828  C CZ  . TYR A 1 103 ? -15.463 -5.169  5.817   1.00 29.12  ? 140 TYR A CZ  1 
ATOM   829  O OH  . TYR A 1 103 ? -15.493 -4.045  6.614   1.00 37.61  ? 140 TYR A OH  1 
ATOM   830  N N   . LEU A 1 104 ? -13.504 -11.040 2.349   1.00 23.42  ? 141 LEU A N   1 
ATOM   831  C CA  . LEU A 1 104 ? -13.447 -12.067 1.327   1.00 20.50  ? 141 LEU A CA  1 
ATOM   832  C C   . LEU A 1 104 ? -13.049 -13.426 1.908   1.00 21.73  ? 141 LEU A C   1 
ATOM   833  O O   . LEU A 1 104 ? -13.325 -14.490 1.341   1.00 23.69  ? 141 LEU A O   1 
ATOM   834  C CB  . LEU A 1 104 ? -12.486 -11.519 0.264   1.00 19.71  ? 141 LEU A CB  1 
ATOM   835  C CG  . LEU A 1 104 ? -13.101 -10.989 -1.045  1.00 25.08  ? 141 LEU A CG  1 
ATOM   836  C CD1 . LEU A 1 104 ? -14.418 -10.247 -0.813  1.00 17.47  ? 141 LEU A CD1 1 
ATOM   837  C CD2 . LEU A 1 104 ? -12.010 -10.200 -1.727  1.00 18.23  ? 141 LEU A CD2 1 
ATOM   838  N N   . ASP A 1 105 ? -12.467 -13.406 3.111   1.00 21.47  ? 142 ASP A N   1 
ATOM   839  C CA  . ASP A 1 105 ? -12.136 -14.602 3.860   1.00 20.05  ? 142 ASP A CA  1 
ATOM   840  C C   . ASP A 1 105 ? -13.351 -15.502 4.078   1.00 21.66  ? 142 ASP A C   1 
ATOM   841  O O   . ASP A 1 105 ? -13.226 -16.741 4.140   1.00 20.44  ? 142 ASP A O   1 
ATOM   842  C CB  . ASP A 1 105 ? -11.539 -14.185 5.192   1.00 17.93  ? 142 ASP A CB  1 
ATOM   843  C CG  . ASP A 1 105 ? -10.050 -13.897 5.199   1.00 17.35  ? 142 ASP A CG  1 
ATOM   844  O OD1 . ASP A 1 105 ? -9.321  -14.326 4.315   1.00 18.18  ? 142 ASP A OD1 1 
ATOM   845  O OD2 . ASP A 1 105 ? -9.587  -13.268 6.138   1.00 21.68  ? 142 ASP A OD2 1 
ATOM   846  N N   . TYR A 1 106 ? -14.521 -14.860 4.191   1.00 23.13  ? 143 TYR A N   1 
ATOM   847  C CA  . TYR A 1 106 ? -15.780 -15.562 4.317   1.00 24.36  ? 143 TYR A CA  1 
ATOM   848  C C   . TYR A 1 106 ? -16.770 -15.162 3.216   1.00 25.40  ? 143 TYR A C   1 
ATOM   849  O O   . TYR A 1 106 ? -17.989 -15.160 3.398   1.00 29.31  ? 143 TYR A O   1 
ATOM   850  C CB  . TYR A 1 106 ? -16.332 -15.312 5.745   1.00 23.36  ? 143 TYR A CB  1 
ATOM   851  C CG  . TYR A 1 106 ? -16.806 -13.928 6.198   1.00 24.86  ? 143 TYR A CG  1 
ATOM   852  C CD1 . TYR A 1 106 ? -15.931 -13.003 6.782   1.00 20.00  ? 143 TYR A CD1 1 
ATOM   853  C CD2 . TYR A 1 106 ? -18.172 -13.631 6.054   1.00 23.01  ? 143 TYR A CD2 1 
ATOM   854  C CE1 . TYR A 1 106 ? -16.436 -11.773 7.213   1.00 20.64  ? 143 TYR A CE1 1 
ATOM   855  C CE2 . TYR A 1 106 ? -18.671 -12.419 6.489   1.00 22.64  ? 143 TYR A CE2 1 
ATOM   856  C CZ  . TYR A 1 106 ? -17.804 -11.488 7.057   1.00 25.08  ? 143 TYR A CZ  1 
ATOM   857  O OH  . TYR A 1 106 ? -18.354 -10.248 7.390   1.00 27.21  ? 143 TYR A OH  1 
ATOM   858  N N   . GLY A 1 107 ? -16.240 -14.781 2.047   1.00 24.15  ? 144 GLY A N   1 
ATOM   859  C CA  . GLY A 1 107 ? -17.022 -14.493 0.864   1.00 21.80  ? 144 GLY A CA  1 
ATOM   860  C C   . GLY A 1 107 ? -17.986 -13.335 1.003   1.00 23.84  ? 144 GLY A C   1 
ATOM   861  O O   . GLY A 1 107 ? -18.932 -13.247 0.226   1.00 25.36  ? 144 GLY A O   1 
ATOM   862  N N   . ASN A 1 108 ? -17.795 -12.387 1.908   1.00 24.67  ? 145 ASN A N   1 
ATOM   863  C CA  . ASN A 1 108 ? -18.697 -11.260 2.037   1.00 23.60  ? 145 ASN A CA  1 
ATOM   864  C C   . ASN A 1 108 ? -18.344 -10.121 1.073   1.00 27.84  ? 145 ASN A C   1 
ATOM   865  O O   . ASN A 1 108 ? -17.695 -9.112  1.422   1.00 28.54  ? 145 ASN A O   1 
ATOM   866  C CB  . ASN A 1 108 ? -18.608 -10.847 3.452   1.00 19.69  ? 145 ASN A CB  1 
ATOM   867  C CG  . ASN A 1 108 ? -19.607 -9.833  3.890   1.00 19.95  ? 145 ASN A CG  1 
ATOM   868  O OD1 . ASN A 1 108 ? -20.391 -9.311  3.120   1.00 24.75  ? 145 ASN A OD1 1 
ATOM   869  N ND2 . ASN A 1 108 ? -19.646 -9.472  5.150   1.00 20.82  ? 145 ASN A ND2 1 
ATOM   870  N N   . THR A 1 109 ? -18.759 -10.309 -0.190  1.00 31.73  ? 146 THR A N   1 
ATOM   871  C CA  . THR A 1 109 ? -18.601 -9.307  -1.257  1.00 33.63  ? 146 THR A CA  1 
ATOM   872  C C   . THR A 1 109 ? -19.470 -8.073  -1.055  1.00 33.87  ? 146 THR A C   1 
ATOM   873  O O   . THR A 1 109 ? -19.092 -6.965  -1.453  1.00 36.62  ? 146 THR A O   1 
ATOM   874  C CB  . THR A 1 109 ? -18.942 -9.891  -2.622  1.00 32.35  ? 146 THR A CB  1 
ATOM   875  O OG1 . THR A 1 109 ? -20.215 -10.500 -2.447  1.00 31.53  ? 146 THR A OG1 1 
ATOM   876  C CG2 . THR A 1 109 ? -17.870 -10.834 -3.165  1.00 26.63  ? 146 THR A CG2 1 
ATOM   877  N N   . GLY A 1 110 ? -20.638 -8.213  -0.418  1.00 34.84  ? 147 GLY A N   1 
ATOM   878  C CA  . GLY A 1 110 ? -21.471 -7.075  -0.080  1.00 31.66  ? 147 GLY A CA  1 
ATOM   879  C C   . GLY A 1 110 ? -20.695 -6.056  0.750   1.00 32.22  ? 147 GLY A C   1 
ATOM   880  O O   . GLY A 1 110 ? -20.683 -4.864  0.430   1.00 34.29  ? 147 GLY A O   1 
ATOM   881  N N   . ALA A 1 111 ? -19.994 -6.506  1.802   1.00 31.28  ? 148 ALA A N   1 
ATOM   882  C CA  . ALA A 1 111 ? -19.201 -5.622  2.642   1.00 27.72  ? 148 ALA A CA  1 
ATOM   883  C C   . ALA A 1 111 ? -17.963 -5.097  1.931   1.00 26.74  ? 148 ALA A C   1 
ATOM   884  O O   . ALA A 1 111 ? -17.570 -3.956  2.194   1.00 28.93  ? 148 ALA A O   1 
ATOM   885  C CB  . ALA A 1 111 ? -18.765 -6.348  3.887   1.00 25.25  ? 148 ALA A CB  1 
ATOM   886  N N   . TYR A 1 112 ? -17.362 -5.905  1.048   1.00 25.41  ? 149 TYR A N   1 
ATOM   887  C CA  . TYR A 1 112 ? -16.237 -5.509  0.227   1.00 25.93  ? 149 TYR A CA  1 
ATOM   888  C C   . TYR A 1 112 ? -16.675 -4.308  -0.581  1.00 25.81  ? 149 TYR A C   1 
ATOM   889  O O   . TYR A 1 112 ? -16.016 -3.273  -0.494  1.00 26.58  ? 149 TYR A O   1 
ATOM   890  C CB  . TYR A 1 112 ? -15.816 -6.666  -0.715  1.00 23.91  ? 149 TYR A CB  1 
ATOM   891  C CG  . TYR A 1 112 ? -14.745 -6.364  -1.778  1.00 25.60  ? 149 TYR A CG  1 
ATOM   892  C CD1 . TYR A 1 112 ? -15.138 -5.817  -2.998  1.00 27.78  ? 149 TYR A CD1 1 
ATOM   893  C CD2 . TYR A 1 112 ? -13.379 -6.589  -1.555  1.00 23.35  ? 149 TYR A CD2 1 
ATOM   894  C CE1 . TYR A 1 112 ? -14.205 -5.482  -3.974  1.00 23.50  ? 149 TYR A CE1 1 
ATOM   895  C CE2 . TYR A 1 112 ? -12.436 -6.258  -2.529  1.00 21.83  ? 149 TYR A CE2 1 
ATOM   896  C CZ  . TYR A 1 112 ? -12.866 -5.699  -3.731  1.00 22.03  ? 149 TYR A CZ  1 
ATOM   897  O OH  . TYR A 1 112 ? -11.981 -5.321  -4.709  1.00 22.74  ? 149 TYR A OH  1 
ATOM   898  N N   . PHE A 1 113 ? -17.784 -4.384  -1.323  1.00 26.72  ? 150 PHE A N   1 
ATOM   899  C CA  . PHE A 1 113 ? -18.211 -3.266  -2.156  1.00 27.06  ? 150 PHE A CA  1 
ATOM   900  C C   . PHE A 1 113 ? -18.672 -2.031  -1.408  1.00 30.30  ? 150 PHE A C   1 
ATOM   901  O O   . PHE A 1 113 ? -18.536 -0.896  -1.869  1.00 34.74  ? 150 PHE A O   1 
ATOM   902  C CB  . PHE A 1 113 ? -19.312 -3.732  -3.086  1.00 24.30  ? 150 PHE A CB  1 
ATOM   903  C CG  . PHE A 1 113 ? -18.712 -4.580  -4.169  1.00 20.36  ? 150 PHE A CG  1 
ATOM   904  C CD1 . PHE A 1 113 ? -17.848 -4.009  -5.075  1.00 19.68  ? 150 PHE A CD1 1 
ATOM   905  C CD2 . PHE A 1 113 ? -18.988 -5.927  -4.224  1.00 21.09  ? 150 PHE A CD2 1 
ATOM   906  C CE1 . PHE A 1 113 ? -17.240 -4.802  -6.042  1.00 24.43  ? 150 PHE A CE1 1 
ATOM   907  C CE2 . PHE A 1 113 ? -18.383 -6.719  -5.192  1.00 25.61  ? 150 PHE A CE2 1 
ATOM   908  C CZ  . PHE A 1 113 ? -17.505 -6.161  -6.104  1.00 22.50  ? 150 PHE A CZ  1 
ATOM   909  N N   . ALA A 1 114 ? -19.220 -2.255  -0.226  1.00 31.87  ? 151 ALA A N   1 
ATOM   910  C CA  . ALA A 1 114 ? -19.634 -1.175  0.635   1.00 31.00  ? 151 ALA A CA  1 
ATOM   911  C C   . ALA A 1 114 ? -18.432 -0.427  1.192   1.00 32.74  ? 151 ALA A C   1 
ATOM   912  O O   . ALA A 1 114 ? -18.599 0.722   1.594   1.00 38.91  ? 151 ALA A O   1 
ATOM   913  C CB  . ALA A 1 114 ? -20.454 -1.721  1.808   1.00 29.73  ? 151 ALA A CB  1 
ATOM   914  N N   . GLN A 1 115 ? -17.210 -0.957  1.287   1.00 32.27  ? 152 GLN A N   1 
ATOM   915  C CA  . GLN A 1 115 ? -16.125 -0.155  1.817   1.00 30.21  ? 152 GLN A CA  1 
ATOM   916  C C   . GLN A 1 115 ? -15.701 0.860   0.736   1.00 31.47  ? 152 GLN A C   1 
ATOM   917  O O   . GLN A 1 115 ? -15.467 0.542   -0.452  1.00 32.82  ? 152 GLN A O   1 
ATOM   918  C CB  . GLN A 1 115 ? -14.965 -1.051  2.198   1.00 29.54  ? 152 GLN A CB  1 
ATOM   919  C CG  . GLN A 1 115 ? -13.908 -0.258  2.942   1.00 33.33  ? 152 GLN A CG  1 
ATOM   920  C CD  . GLN A 1 115 ? -12.611 -1.007  3.160   1.00 34.72  ? 152 GLN A CD  1 
ATOM   921  O OE1 . GLN A 1 115 ? -11.708 -0.977  2.332   1.00 34.53  ? 152 GLN A OE1 1 
ATOM   922  N NE2 . GLN A 1 115 ? -12.426 -1.672  4.271   1.00 35.14  ? 152 GLN A NE2 1 
ATOM   923  N N   . PRO A 1 116 ? -15.559 2.131   1.139   1.00 30.21  ? 153 PRO A N   1 
ATOM   924  C CA  . PRO A 1 116 ? -15.036 3.223   0.311   1.00 29.67  ? 153 PRO A CA  1 
ATOM   925  C C   . PRO A 1 116 ? -13.516 3.184   0.217   1.00 28.64  ? 153 PRO A C   1 
ATOM   926  O O   . PRO A 1 116 ? -12.802 4.129   0.583   1.00 30.38  ? 153 PRO A O   1 
ATOM   927  C CB  . PRO A 1 116 ? -15.571 4.444   1.000   1.00 30.48  ? 153 PRO A CB  1 
ATOM   928  C CG  . PRO A 1 116 ? -15.393 4.057   2.465   1.00 31.44  ? 153 PRO A CG  1 
ATOM   929  C CD  . PRO A 1 116 ? -15.907 2.619   2.473   1.00 29.47  ? 153 PRO A CD  1 
ATOM   930  N N   . THR A 1 117 ? -13.002 2.100   -0.295  1.00 26.88  ? 154 THR A N   1 
ATOM   931  C CA  . THR A 1 117 ? -11.578 1.858   -0.342  1.00 27.36  ? 154 THR A CA  1 
ATOM   932  C C   . THR A 1 117 ? -10.821 2.897   -1.177  1.00 25.41  ? 154 THR A C   1 
ATOM   933  O O   . THR A 1 117 ? -9.793  3.425   -0.732  1.00 24.67  ? 154 THR A O   1 
ATOM   934  C CB  . THR A 1 117 ? -11.444 0.424   -0.891  1.00 27.96  ? 154 THR A CB  1 
ATOM   935  O OG1 . THR A 1 117 ? -12.409 -0.355  -0.198  1.00 28.70  ? 154 THR A OG1 1 
ATOM   936  C CG2 . THR A 1 117 ? -10.065 -0.138  -0.748  1.00 24.60  ? 154 THR A CG2 1 
ATOM   937  N N   . GLN A 1 118 ? -11.351 3.264   -2.357  1.00 22.47  ? 155 GLN A N   1 
ATOM   938  C CA  . GLN A 1 118 ? -10.616 4.106   -3.284  1.00 19.61  ? 155 GLN A CA  1 
ATOM   939  C C   . GLN A 1 118 ? -10.274 5.433   -2.688  1.00 21.75  ? 155 GLN A C   1 
ATOM   940  O O   . GLN A 1 118 ? -9.190  5.946   -2.966  1.00 23.77  ? 155 GLN A O   1 
ATOM   941  C CB  . GLN A 1 118 ? -11.372 4.400   -4.544  1.00 18.20  ? 155 GLN A CB  1 
ATOM   942  C CG  . GLN A 1 118 ? -10.448 4.972   -5.623  1.00 15.40  ? 155 GLN A CG  1 
ATOM   943  C CD  . GLN A 1 118 ? -9.569  3.970   -6.330  1.00 17.82  ? 155 GLN A CD  1 
ATOM   944  O OE1 . GLN A 1 118 ? -9.461  2.811   -5.933  1.00 17.88  ? 155 GLN A OE1 1 
ATOM   945  N NE2 . GLN A 1 118 ? -8.888  4.336   -7.411  1.00 21.27  ? 155 GLN A NE2 1 
ATOM   946  N N   . GLY A 1 119 ? -11.130 5.937   -1.808  1.00 20.41  ? 156 GLY A N   1 
ATOM   947  C CA  . GLY A 1 119 ? -10.867 7.208   -1.170  1.00 21.47  ? 156 GLY A CA  1 
ATOM   948  C C   . GLY A 1 119 ? -9.557  7.181   -0.399  1.00 24.19  ? 156 GLY A C   1 
ATOM   949  O O   . GLY A 1 119 ? -8.769  8.136   -0.384  1.00 25.30  ? 156 GLY A O   1 
ATOM   950  N N   . MET A 1 120 ? -9.303  6.030   0.207   1.00 23.22  ? 157 MET A N   1 
ATOM   951  C CA  . MET A 1 120 ? -8.128  5.862   1.028   1.00 22.48  ? 157 MET A CA  1 
ATOM   952  C C   . MET A 1 120 ? -6.943  5.581   0.191   1.00 19.13  ? 157 MET A C   1 
ATOM   953  O O   . MET A 1 120 ? -5.842  5.989   0.534   1.00 19.87  ? 157 MET A O   1 
ATOM   954  C CB  . MET A 1 120 ? -8.340  4.737   2.016   1.00 27.63  ? 157 MET A CB  1 
ATOM   955  C CG  . MET A 1 120 ? -9.229  5.415   3.018   1.00 29.01  ? 157 MET A CG  1 
ATOM   956  S SD  . MET A 1 120 ? -9.699  4.289   4.313   1.00 47.44  ? 157 MET A SD  1 
ATOM   957  C CE  . MET A 1 120 ? -11.112 3.430   3.655   1.00 43.33  ? 157 MET A CE  1 
ATOM   958  N N   . GLN A 1 121 ? -7.164  4.927   -0.940  1.00 19.57  ? 158 GLN A N   1 
ATOM   959  C CA  . GLN A 1 121 ? -6.089  4.646   -1.863  1.00 16.74  ? 158 GLN A CA  1 
ATOM   960  C C   . GLN A 1 121 ? -5.589  5.971   -2.355  1.00 18.36  ? 158 GLN A C   1 
ATOM   961  O O   . GLN A 1 121 ? -4.405  6.253   -2.349  1.00 23.60  ? 158 GLN A O   1 
ATOM   962  C CB  . GLN A 1 121 ? -6.624  3.818   -3.000  1.00 13.46  ? 158 GLN A CB  1 
ATOM   963  C CG  . GLN A 1 121 ? -5.502  3.523   -3.954  1.00 12.56  ? 158 GLN A CG  1 
ATOM   964  C CD  . GLN A 1 121 ? -5.939  2.670   -5.109  1.00 12.46  ? 158 GLN A CD  1 
ATOM   965  O OE1 . GLN A 1 121 ? -5.852  3.026   -6.284  1.00 18.68  ? 158 GLN A OE1 1 
ATOM   966  N NE2 . GLN A 1 121 ? -6.364  1.483   -4.803  1.00 14.06  ? 158 GLN A NE2 1 
ATOM   967  N N   . ASN A 1 122 ? -6.518  6.816   -2.753  1.00 22.59  ? 159 ASN A N   1 
ATOM   968  C CA  . ASN A 1 122 ? -6.251  8.142   -3.293  1.00 21.84  ? 159 ASN A CA  1 
ATOM   969  C C   . ASN A 1 122 ? -5.544  9.048   -2.311  1.00 22.29  ? 159 ASN A C   1 
ATOM   970  O O   . ASN A 1 122 ? -4.576  9.706   -2.696  1.00 21.95  ? 159 ASN A O   1 
ATOM   971  C CB  . ASN A 1 122 ? -7.560  8.783   -3.716  1.00 20.03  ? 159 ASN A CB  1 
ATOM   972  C CG  . ASN A 1 122 ? -8.212  8.140   -4.944  1.00 19.69  ? 159 ASN A CG  1 
ATOM   973  O OD1 . ASN A 1 122 ? -9.404  8.357   -5.178  1.00 21.19  ? 159 ASN A OD1 1 
ATOM   974  N ND2 . ASN A 1 122 ? -7.591  7.357   -5.808  1.00 17.52  ? 159 ASN A ND2 1 
ATOM   975  N N   . ALA A 1 123 ? -5.953  9.074   -1.033  1.00 20.59  ? 160 ALA A N   1 
ATOM   976  C CA  . ALA A 1 123 ? -5.243  9.854   -0.042  1.00 18.37  ? 160 ALA A CA  1 
ATOM   977  C C   . ALA A 1 123 ? -3.800  9.413   0.117   1.00 20.13  ? 160 ALA A C   1 
ATOM   978  O O   . ALA A 1 123 ? -2.894  10.243  0.107   1.00 25.91  ? 160 ALA A O   1 
ATOM   979  C CB  . ALA A 1 123 ? -5.939  9.741   1.299   1.00 17.20  ? 160 ALA A CB  1 
ATOM   980  N N   . MET A 1 124 ? -3.517  8.121   0.197   1.00 20.30  ? 161 MET A N   1 
ATOM   981  C CA  . MET A 1 124 ? -2.145  7.616   0.224   1.00 19.73  ? 161 MET A CA  1 
ATOM   982  C C   . MET A 1 124 ? -1.405  7.992   -1.039  1.00 18.02  ? 161 MET A C   1 
ATOM   983  O O   . MET A 1 124 ? -0.238  8.387   -1.011  1.00 18.40  ? 161 MET A O   1 
ATOM   984  C CB  . MET A 1 124 ? -2.165  6.110   0.360   1.00 22.10  ? 161 MET A CB  1 
ATOM   985  C CG  . MET A 1 124 ? -0.871  5.284   0.391   1.00 23.97  ? 161 MET A CG  1 
ATOM   986  S SD  . MET A 1 124 ? 0.169   5.652   1.796   1.00 33.44  ? 161 MET A SD  1 
ATOM   987  C CE  . MET A 1 124 ? 1.714   4.907   1.321   1.00 31.09  ? 161 MET A CE  1 
ATOM   988  N N   . GLY A 1 125 ? -2.084  7.949   -2.165  1.00 17.04  ? 162 GLY A N   1 
ATOM   989  C CA  . GLY A 1 125 ? -1.457  8.248   -3.424  1.00 16.36  ? 162 GLY A CA  1 
ATOM   990  C C   . GLY A 1 125 ? -0.952  9.667   -3.447  1.00 22.06  ? 162 GLY A C   1 
ATOM   991  O O   . GLY A 1 125 ? 0.135   9.900   -3.991  1.00 25.83  ? 162 GLY A O   1 
ATOM   992  N N   . GLU A 1 126 ? -1.705  10.598  -2.847  1.00 23.09  ? 163 GLU A N   1 
ATOM   993  C CA  . GLU A 1 126 ? -1.366  12.024  -2.828  1.00 26.65  ? 163 GLU A CA  1 
ATOM   994  C C   . GLU A 1 126 ? -0.296  12.269  -1.787  1.00 23.45  ? 163 GLU A C   1 
ATOM   995  O O   . GLU A 1 126 ? 0.609   13.070  -1.986  1.00 21.85  ? 163 GLU A O   1 
ATOM   996  C CB  . GLU A 1 126 ? -2.623  12.900  -2.531  1.00 31.40  ? 163 GLU A CB  1 
ATOM   997  C CG  . GLU A 1 126 ? -2.452  14.454  -2.553  1.00 50.87  ? 163 GLU A CG  1 
ATOM   998  C CD  . GLU A 1 126 ? -1.765  15.145  -3.777  1.00 65.30  ? 163 GLU A CD  1 
ATOM   999  O OE1 . GLU A 1 126 ? -2.022  14.776  -4.938  1.00 73.87  ? 163 GLU A OE1 1 
ATOM   1000 O OE2 . GLU A 1 126 ? -0.958  16.076  -3.587  1.00 68.74  ? 163 GLU A OE2 1 
ATOM   1001 N N   . ARG A 1 127 ? -0.307  11.514  -0.707  1.00 22.16  ? 164 ARG A N   1 
ATOM   1002 C CA  . ARG A 1 127 ? 0.767   11.559  0.249   1.00 20.80  ? 164 ARG A CA  1 
ATOM   1003 C C   . ARG A 1 127 ? 2.081   11.132  -0.317  1.00 21.37  ? 164 ARG A C   1 
ATOM   1004 O O   . ARG A 1 127 ? 3.120   11.689  -0.031  1.00 22.33  ? 164 ARG A O   1 
ATOM   1005 C CB  . ARG A 1 127 ? 0.387   10.681  1.318   1.00 26.42  ? 164 ARG A CB  1 
ATOM   1006 C CG  . ARG A 1 127 ? -0.058  11.575  2.376   1.00 51.35  ? 164 ARG A CG  1 
ATOM   1007 C CD  . ARG A 1 127 ? -0.988  12.774  1.982   1.00 67.47  ? 164 ARG A CD  1 
ATOM   1008 N NE  . ARG A 1 127 ? -2.327  12.411  1.567   1.00 73.86  ? 164 ARG A NE  1 
ATOM   1009 C CZ  . ARG A 1 127 ? -3.075  13.295  0.939   1.00 74.12  ? 164 ARG A CZ  1 
ATOM   1010 N NH1 . ARG A 1 127 ? -2.600  14.522  0.656   1.00 77.97  ? 164 ARG A NH1 1 
ATOM   1011 N NH2 . ARG A 1 127 ? -4.295  12.901  0.592   1.00 74.33  ? 164 ARG A NH2 1 
ATOM   1012 N N   . PHE A 1 128 ? 2.026   10.094  -1.136  1.00 20.33  ? 165 PHE A N   1 
ATOM   1013 C CA  . PHE A 1 128 ? 3.195   9.541   -1.770  1.00 20.05  ? 165 PHE A CA  1 
ATOM   1014 C C   . PHE A 1 128 ? 3.780   10.583  -2.718  1.00 20.52  ? 165 PHE A C   1 
ATOM   1015 O O   . PHE A 1 128 ? 5.004   10.766  -2.778  1.00 23.66  ? 165 PHE A O   1 
ATOM   1016 C CB  . PHE A 1 128 ? 2.796   8.220   -2.540  1.00 16.78  ? 165 PHE A CB  1 
ATOM   1017 C CG  . PHE A 1 128 ? 3.943   7.530   -3.277  1.00 14.86  ? 165 PHE A CG  1 
ATOM   1018 C CD1 . PHE A 1 128 ? 4.827   6.707   -2.589  1.00 14.78  ? 165 PHE A CD1 1 
ATOM   1019 C CD2 . PHE A 1 128 ? 4.141   7.739   -4.643  1.00 15.28  ? 165 PHE A CD2 1 
ATOM   1020 C CE1 . PHE A 1 128 ? 5.901   6.121   -3.253  1.00 18.41  ? 165 PHE A CE1 1 
ATOM   1021 C CE2 . PHE A 1 128 ? 5.217   7.144   -5.300  1.00 17.75  ? 165 PHE A CE2 1 
ATOM   1022 C CZ  . PHE A 1 128 ? 6.108   6.333   -4.617  1.00 18.09  ? 165 PHE A CZ  1 
ATOM   1023 N N   . ALA A 1 129 ? 2.936   11.267  -3.492  1.00 21.41  ? 166 ALA A N   1 
ATOM   1024 C CA  . ALA A 1 129 ? 3.394   12.259  -4.448  1.00 20.68  ? 166 ALA A CA  1 
ATOM   1025 C C   . ALA A 1 129 ? 3.991   13.447  -3.743  1.00 22.04  ? 166 ALA A C   1 
ATOM   1026 O O   . ALA A 1 129 ? 4.970   14.051  -4.172  1.00 27.45  ? 166 ALA A O   1 
ATOM   1027 C CB  . ALA A 1 129 ? 2.253   12.762  -5.285  1.00 25.55  ? 166 ALA A CB  1 
ATOM   1028 N N   . GLN A 1 130 ? 3.415   13.803  -2.629  1.00 22.18  ? 167 GLN A N   1 
ATOM   1029 C CA  . GLN A 1 130 ? 3.953   14.874  -1.827  1.00 25.96  ? 167 GLN A CA  1 
ATOM   1030 C C   . GLN A 1 130 ? 5.279   14.503  -1.164  1.00 29.01  ? 167 GLN A C   1 
ATOM   1031 O O   . GLN A 1 130 ? 6.206   15.317  -1.133  1.00 31.57  ? 167 GLN A O   1 
ATOM   1032 C CB  . GLN A 1 130 ? 2.937   15.236  -0.777  1.00 27.78  ? 167 GLN A CB  1 
ATOM   1033 C CG  . GLN A 1 130 ? 1.710   15.839  -1.415  1.00 29.85  ? 167 GLN A CG  1 
ATOM   1034 C CD  . GLN A 1 130 ? 0.565   15.982  -0.443  1.00 37.27  ? 167 GLN A CD  1 
ATOM   1035 O OE1 . GLN A 1 130 ? -0.417  16.615  -0.808  1.00 44.46  ? 167 GLN A OE1 1 
ATOM   1036 N NE2 . GLN A 1 130 ? 0.548   15.458  0.781   1.00 39.94  ? 167 GLN A NE2 1 
ATOM   1037 N N   . TYR A 1 131 ? 5.403   13.313  -0.570  1.00 28.36  ? 168 TYR A N   1 
ATOM   1038 C CA  . TYR A 1 131 ? 6.670   12.827  -0.064  1.00 24.28  ? 168 TYR A CA  1 
ATOM   1039 C C   . TYR A 1 131 ? 7.691   12.856  -1.202  1.00 24.68  ? 168 TYR A C   1 
ATOM   1040 O O   . TYR A 1 131 ? 8.771   13.400  -1.025  1.00 26.28  ? 168 TYR A O   1 
ATOM   1041 C CB  . TYR A 1 131 ? 6.484   11.413  0.439   1.00 18.07  ? 168 TYR A CB  1 
ATOM   1042 C CG  . TYR A 1 131 ? 7.746   10.871  1.060   1.00 16.51  ? 168 TYR A CG  1 
ATOM   1043 C CD1 . TYR A 1 131 ? 8.765   10.359  0.248   1.00 16.29  ? 168 TYR A CD1 1 
ATOM   1044 C CD2 . TYR A 1 131 ? 7.893   10.929  2.440   1.00 16.38  ? 168 TYR A CD2 1 
ATOM   1045 C CE1 . TYR A 1 131 ? 9.944   9.907   0.819   1.00 17.74  ? 168 TYR A CE1 1 
ATOM   1046 C CE2 . TYR A 1 131 ? 9.078   10.468  3.026   1.00 18.88  ? 168 TYR A CE2 1 
ATOM   1047 C CZ  . TYR A 1 131 ? 10.097  9.963   2.206   1.00 20.12  ? 168 TYR A CZ  1 
ATOM   1048 O OH  . TYR A 1 131 ? 11.295  9.529   2.758   1.00 20.84  ? 168 TYR A OH  1 
ATOM   1049 N N   . ALA A 1 132 ? 7.406   12.296  -2.371  1.00 25.31  ? 169 ALA A N   1 
ATOM   1050 C CA  . ALA A 1 132 ? 8.357   12.252  -3.440  1.00 25.86  ? 169 ALA A CA  1 
ATOM   1051 C C   . ALA A 1 132 ? 8.693   13.650  -3.861  1.00 29.00  ? 169 ALA A C   1 
ATOM   1052 O O   . ALA A 1 132 ? 9.871   13.922  -4.036  1.00 31.97  ? 169 ALA A O   1 
ATOM   1053 C CB  . ALA A 1 132 ? 7.800   11.485  -4.627  1.00 27.75  ? 169 ALA A CB  1 
ATOM   1054 N N   . LEU A 1 133 ? 7.791   14.614  -3.953  1.00 32.82  ? 170 LEU A N   1 
ATOM   1055 C CA  . LEU A 1 133 ? 8.199   15.977  -4.306  1.00 36.24  ? 170 LEU A CA  1 
ATOM   1056 C C   . LEU A 1 133 ? 9.181   16.527  -3.257  1.00 35.31  ? 170 LEU A C   1 
ATOM   1057 O O   . LEU A 1 133 ? 10.308  16.915  -3.587  1.00 40.48  ? 170 LEU A O   1 
ATOM   1058 C CB  . LEU A 1 133 ? 6.991   16.925  -4.384  1.00 39.64  ? 170 LEU A CB  1 
ATOM   1059 C CG  . LEU A 1 133 ? 6.852   17.884  -5.590  1.00 46.05  ? 170 LEU A CG  1 
ATOM   1060 C CD1 . LEU A 1 133 ? 8.086   18.789  -5.754  1.00 52.63  ? 170 LEU A CD1 1 
ATOM   1061 C CD2 . LEU A 1 133 ? 6.679   17.039  -6.845  1.00 49.84  ? 170 LEU A CD2 1 
ATOM   1062 N N   . SER A 1 134 ? 8.813   16.480  -1.981  1.00 31.18  ? 171 SER A N   1 
ATOM   1063 C CA  . SER A 1 134 ? 9.626   16.959  -0.897  1.00 27.28  ? 171 SER A CA  1 
ATOM   1064 C C   . SER A 1 134 ? 11.000  16.299  -0.845  1.00 27.13  ? 171 SER A C   1 
ATOM   1065 O O   . SER A 1 134 ? 11.994  16.990  -0.644  1.00 30.86  ? 171 SER A O   1 
ATOM   1066 C CB  . SER A 1 134 ? 8.778   16.738  0.341   1.00 26.55  ? 171 SER A CB  1 
ATOM   1067 O OG  . SER A 1 134 ? 9.358   17.072  1.592   1.00 37.48  ? 171 SER A OG  1 
ATOM   1068 N N   . SER A 1 135 ? 11.149  15.018  -1.108  1.00 29.22  ? 172 SER A N   1 
ATOM   1069 C CA  . SER A 1 135 ? 12.443  14.367  -1.077  1.00 35.14  ? 172 SER A CA  1 
ATOM   1070 C C   . SER A 1 135 ? 13.276  14.806  -2.263  1.00 40.89  ? 172 SER A C   1 
ATOM   1071 O O   . SER A 1 135 ? 14.493  14.923  -2.123  1.00 41.94  ? 172 SER A O   1 
ATOM   1072 C CB  . SER A 1 135 ? 12.236  12.844  -1.080  1.00 34.41  ? 172 SER A CB  1 
ATOM   1073 O OG  . SER A 1 135 ? 13.376  12.011  -1.269  1.00 35.49  ? 172 SER A OG  1 
ATOM   1074 N N   . GLU A 1 136 ? 12.698  15.104  -3.437  1.00 48.38  ? 173 GLU A N   1 
ATOM   1075 C CA  . GLU A 1 136 ? 13.463  15.533  -4.601  1.00 53.21  ? 173 GLU A CA  1 
ATOM   1076 C C   . GLU A 1 136 ? 14.082  16.874  -4.267  1.00 52.14  ? 173 GLU A C   1 
ATOM   1077 O O   . GLU A 1 136 ? 15.299  17.058  -4.395  1.00 51.45  ? 173 GLU A O   1 
ATOM   1078 C CB  . GLU A 1 136 ? 12.524  15.613  -5.837  1.00 60.81  ? 173 GLU A CB  1 
ATOM   1079 C CG  . GLU A 1 136 ? 12.547  16.777  -6.871  1.00 73.86  ? 173 GLU A CG  1 
ATOM   1080 C CD  . GLU A 1 136 ? 13.822  17.098  -7.683  1.00 79.25  ? 173 GLU A CD  1 
ATOM   1081 O OE1 . GLU A 1 136 ? 14.074  16.488  -8.725  1.00 80.15  ? 173 GLU A OE1 1 
ATOM   1082 O OE2 . GLU A 1 136 ? 14.546  18.010  -7.287  1.00 81.42  ? 173 GLU A OE2 1 
ATOM   1083 N N   . LYS A 1 137 ? 13.264  17.790  -3.770  1.00 50.04  ? 174 LYS A N   1 
ATOM   1084 C CA  . LYS A 1 137 ? 13.783  19.070  -3.390  1.00 50.64  ? 174 LYS A CA  1 
ATOM   1085 C C   . LYS A 1 137 ? 14.808  18.998  -2.243  1.00 50.53  ? 174 LYS A C   1 
ATOM   1086 O O   . LYS A 1 137 ? 15.757  19.777  -2.281  1.00 53.86  ? 174 LYS A O   1 
ATOM   1087 C CB  . LYS A 1 137 ? 12.597  19.968  -3.052  1.00 52.10  ? 174 LYS A CB  1 
ATOM   1088 C CG  . LYS A 1 137 ? 11.968  19.939  -1.671  1.00 63.56  ? 174 LYS A CG  1 
ATOM   1089 C CD  . LYS A 1 137 ? 11.648  21.373  -1.203  1.00 71.45  ? 174 LYS A CD  1 
ATOM   1090 C CE  . LYS A 1 137 ? 12.978  22.112  -0.921  1.00 78.98  ? 174 LYS A CE  1 
ATOM   1091 N NZ  . LYS A 1 137 ? 12.860  23.468  -0.391  1.00 83.72  ? 174 LYS A NZ  1 
ATOM   1092 N N   . LEU A 1 138 ? 14.769  18.145  -1.207  1.00 47.55  ? 175 LEU A N   1 
ATOM   1093 C CA  . LEU A 1 138 ? 15.865  18.124  -0.239  1.00 42.57  ? 175 LEU A CA  1 
ATOM   1094 C C   . LEU A 1 138 ? 17.059  17.565  -0.985  1.00 47.72  ? 175 LEU A C   1 
ATOM   1095 O O   . LEU A 1 138 ? 18.156  18.063  -0.790  1.00 48.62  ? 175 LEU A O   1 
ATOM   1096 C CB  . LEU A 1 138 ? 15.676  17.191  0.924   1.00 32.46  ? 175 LEU A CB  1 
ATOM   1097 C CG  . LEU A 1 138 ? 15.935  17.643  2.334   1.00 30.96  ? 175 LEU A CG  1 
ATOM   1098 C CD1 . LEU A 1 138 ? 15.993  16.426  3.183   1.00 27.02  ? 175 LEU A CD1 1 
ATOM   1099 C CD2 . LEU A 1 138 ? 17.201  18.422  2.459   1.00 26.29  ? 175 LEU A CD2 1 
ATOM   1100 N N   . TYR A 1 139 ? 16.889  16.575  -1.875  1.00 53.80  ? 176 TYR A N   1 
ATOM   1101 C CA  . TYR A 1 139 ? 17.978  15.891  -2.576  1.00 57.61  ? 176 TYR A CA  1 
ATOM   1102 C C   . TYR A 1 139 ? 18.702  16.870  -3.443  1.00 61.99  ? 176 TYR A C   1 
ATOM   1103 O O   . TYR A 1 139 ? 19.858  16.659  -3.763  1.00 62.68  ? 176 TYR A O   1 
ATOM   1104 C CB  . TYR A 1 139 ? 17.477  14.783  -3.489  1.00 58.35  ? 176 TYR A CB  1 
ATOM   1105 C CG  . TYR A 1 139 ? 18.495  13.670  -3.648  1.00 58.83  ? 176 TYR A CG  1 
ATOM   1106 C CD1 . TYR A 1 139 ? 19.640  13.834  -4.432  1.00 62.22  ? 176 TYR A CD1 1 
ATOM   1107 C CD2 . TYR A 1 139 ? 18.313  12.485  -2.945  1.00 59.37  ? 176 TYR A CD2 1 
ATOM   1108 C CE1 . TYR A 1 139 ? 20.617  12.831  -4.492  1.00 64.36  ? 176 TYR A CE1 1 
ATOM   1109 C CE2 . TYR A 1 139 ? 19.279  11.481  -3.005  1.00 62.28  ? 176 TYR A CE2 1 
ATOM   1110 C CZ  . TYR A 1 139 ? 20.439  11.649  -3.770  1.00 64.55  ? 176 TYR A CZ  1 
ATOM   1111 O OH  . TYR A 1 139 ? 21.458  10.696  -3.717  1.00 64.57  ? 176 TYR A OH  1 
ATOM   1112 N N   . ARG A 1 140 ? 18.021  17.912  -3.882  1.00 67.52  ? 177 ARG A N   1 
ATOM   1113 C CA  . ARG A 1 140 ? 18.677  18.976  -4.601  1.00 71.64  ? 177 ARG A CA  1 
ATOM   1114 C C   . ARG A 1 140 ? 18.651  20.210  -3.685  1.00 71.01  ? 177 ARG A C   1 
ATOM   1115 O O   . ARG A 1 140 ? 17.956  21.237  -3.784  1.00 70.76  ? 177 ARG A O   1 
ATOM   1116 C CB  . ARG A 1 140 ? 17.940  19.182  -5.925  1.00 77.53  ? 177 ARG A CB  1 
ATOM   1117 C CG  . ARG A 1 140 ? 18.109  18.044  -6.915  1.00 82.37  ? 177 ARG A CG  1 
ATOM   1118 C CD  . ARG A 1 140 ? 17.464  18.538  -8.195  1.00 92.48  ? 177 ARG A CD  1 
ATOM   1119 N NE  . ARG A 1 140 ? 17.267  17.502  -9.199  1.00 102.29 ? 177 ARG A NE  1 
ATOM   1120 C CZ  . ARG A 1 140 ? 18.164  17.287  -10.174 1.00 107.81 ? 177 ARG A CZ  1 
ATOM   1121 N NH1 . ARG A 1 140 ? 19.305  17.991  -10.258 1.00 111.64 ? 177 ARG A NH1 1 
ATOM   1122 N NH2 . ARG A 1 140 ? 17.946  16.335  -11.083 1.00 109.02 ? 177 ARG A NH2 1 
ATOM   1123 N N   . ASP A 1 141 ? 19.523  20.005  -2.729  1.00 70.16  ? 178 ASP A N   1 
ATOM   1124 C CA  . ASP A 1 141 ? 19.782  20.938  -1.667  1.00 70.55  ? 178 ASP A CA  1 
ATOM   1125 C C   . ASP A 1 141 ? 20.891  20.275  -0.854  1.00 68.93  ? 178 ASP A C   1 
ATOM   1126 O O   . ASP A 1 141 ? 21.764  20.995  -0.358  1.00 71.60  ? 178 ASP A O   1 
ATOM   1127 C CB  . ASP A 1 141 ? 18.508  21.169  -0.817  1.00 72.72  ? 178 ASP A CB  1 
ATOM   1128 C CG  . ASP A 1 141 ? 18.747  21.843  0.525   1.00 73.69  ? 178 ASP A CG  1 
ATOM   1129 O OD1 . ASP A 1 141 ? 19.613  22.712  0.574   1.00 74.16  ? 178 ASP A OD1 1 
ATOM   1130 O OD2 . ASP A 1 141 ? 18.093  21.487  1.513   1.00 72.35  ? 178 ASP A OD2 1 
ATOM   1131 N N   . ILE A 1 142 ? 20.824  18.953  -0.688  1.00 65.39  ? 179 ILE A N   1 
ATOM   1132 C CA  . ILE A 1 142 ? 21.857  18.161  -0.062  1.00 64.56  ? 179 ILE A CA  1 
ATOM   1133 C C   . ILE A 1 142 ? 23.083  18.155  -0.938  1.00 68.20  ? 179 ILE A C   1 
ATOM   1134 O O   . ILE A 1 142 ? 24.179  18.231  -0.392  1.00 72.25  ? 179 ILE A O   1 
ATOM   1135 C CB  . ILE A 1 142 ? 21.377  16.754  0.127   1.00 60.50  ? 179 ILE A CB  1 
ATOM   1136 C CG1 . ILE A 1 142 ? 20.416  16.857  1.231   1.00 57.83  ? 179 ILE A CG1 1 
ATOM   1137 C CG2 . ILE A 1 142 ? 22.459  15.741  0.462   1.00 60.92  ? 179 ILE A CG2 1 
ATOM   1138 C CD1 . ILE A 1 142 ? 19.685  15.553  1.345   1.00 62.46  ? 179 ILE A CD1 1 
ATOM   1139 O OXT . ILE A 1 142 ? 22.932  18.078  -2.153  1.00 77.72  ? 179 ILE A OXT 1 
HETATM 1140 S S   . SO4 B 2 .   ? -14.358 -1.270  -5.516  1.00 26.95  ? 500 SO4 A S   1 
HETATM 1141 O O1  . SO4 B 2 .   ? -13.505 -2.050  -4.678  1.00 32.31  ? 500 SO4 A O1  1 
HETATM 1142 O O2  . SO4 B 2 .   ? -14.550 -1.927  -6.781  1.00 25.22  ? 500 SO4 A O2  1 
HETATM 1143 O O3  . SO4 B 2 .   ? -13.744 0.002   -5.693  1.00 30.35  ? 500 SO4 A O3  1 
HETATM 1144 O O4  . SO4 B 2 .   ? -15.589 -1.106  -4.813  1.00 31.24  ? 500 SO4 A O4  1 
HETATM 1145 S S   . SO4 C 2 .   ? -11.326 7.248   -8.702  1.00 76.99  ? 502 SO4 A S   1 
HETATM 1146 O O1  . SO4 C 2 .   ? -10.009 6.710   -8.544  1.00 75.53  ? 502 SO4 A O1  1 
HETATM 1147 O O2  . SO4 C 2 .   ? -12.375 6.293   -8.468  1.00 77.27  ? 502 SO4 A O2  1 
HETATM 1148 O O3  . SO4 C 2 .   ? -11.426 7.710   -10.046 1.00 82.30  ? 502 SO4 A O3  1 
HETATM 1149 O O4  . SO4 C 2 .   ? -11.506 8.331   -7.781  1.00 79.26  ? 502 SO4 A O4  1 
HETATM 1150 O O   . HOH D 3 .   ? 14.405  -0.157  -2.452  1.00 38.65  ? 600 HOH A O   1 
HETATM 1151 O O   . HOH D 3 .   ? 11.602  9.863   5.535   1.00 25.22  ? 601 HOH A O   1 
HETATM 1152 O O   . HOH D 3 .   ? 14.117  11.518  5.397   1.00 22.02  ? 602 HOH A O   1 
HETATM 1153 O O   . HOH D 3 .   ? 11.476  7.191   6.961   1.00 20.87  ? 603 HOH A O   1 
HETATM 1154 O O   . HOH D 3 .   ? -12.974 -4.346  -7.029  1.00 25.41  ? 604 HOH A O   1 
HETATM 1155 O O   . HOH D 3 .   ? -14.250 -1.551  -1.939  1.00 26.27  ? 605 HOH A O   1 
HETATM 1156 O O   . HOH D 3 .   ? -9.455  -4.420  -4.121  1.00 20.04  ? 606 HOH A O   1 
HETATM 1157 O O   . HOH D 3 .   ? -5.211  6.718   3.110   1.00 15.94  ? 607 HOH A O   1 
HETATM 1158 O O   . HOH D 3 .   ? -6.368  8.381   4.777   1.00 29.28  ? 608 HOH A O   1 
HETATM 1159 O O   . HOH D 3 .   ? -0.085  -7.895  6.364   1.00 24.44  ? 609 HOH A O   1 
HETATM 1160 O O   . HOH D 3 .   ? 3.045   12.976  2.356   1.00 24.18  ? 610 HOH A O   1 
HETATM 1161 O O   . HOH D 3 .   ? -1.478  -9.854  5.130   1.00 27.96  ? 611 HOH A O   1 
HETATM 1162 O O   . HOH D 3 .   ? 6.459   7.280   8.218   1.00 30.16  ? 614 HOH A O   1 
HETATM 1163 O O   . HOH D 3 .   ? 14.417  -4.383  1.256   1.00 20.13  ? 615 HOH A O   1 
HETATM 1164 O O   . HOH D 3 .   ? 9.163   -7.975  -1.349  1.00 30.02  ? 616 HOH A O   1 
HETATM 1165 O O   . HOH D 3 .   ? -3.992  -9.239  6.051   1.00 35.97  ? 617 HOH A O   1 
HETATM 1166 O O   . HOH D 3 .   ? -6.748  -13.113 6.704   1.00 30.03  ? 618 HOH A O   1 
HETATM 1167 O O   . HOH D 3 .   ? 8.010   -2.367  -6.437  1.00 24.48  ? 619 HOH A O   1 
HETATM 1168 O O   . HOH D 3 .   ? 5.935   -3.447  -7.737  1.00 18.69  ? 620 HOH A O   1 
HETATM 1169 O O   . HOH D 3 .   ? -5.479  6.007   -6.529  1.00 13.58  ? 621 HOH A O   1 
HETATM 1170 O O   . HOH D 3 .   ? -7.174  3.076   10.406  1.00 49.98  ? 623 HOH A O   1 
HETATM 1171 O O   . HOH D 3 .   ? -9.147  2.799   7.344   1.00 40.09  ? 624 HOH A O   1 
HETATM 1172 O O   . HOH D 3 .   ? -16.626 -8.974  9.080   1.00 32.27  ? 625 HOH A O   1 
HETATM 1173 O O   . HOH D 3 .   ? 9.249   7.666   8.472   1.00 23.60  ? 626 HOH A O   1 
HETATM 1174 O O   . HOH D 3 .   ? 13.316  9.911   0.573   1.00 32.06  ? 627 HOH A O   1 
HETATM 1175 O O   . HOH D 3 .   ? -14.745 -21.008 -1.038  1.00 47.52  ? 628 HOH A O   1 
HETATM 1176 O O   . HOH D 3 .   ? -7.796  -17.668 1.702   1.00 35.95  ? 629 HOH A O   1 
HETATM 1177 O O   . HOH D 3 .   ? -7.282  -21.119 2.244   1.00 24.00  ? 630 HOH A O   1 
HETATM 1178 O O   . HOH D 3 .   ? -5.907  -21.672 0.026   1.00 28.69  ? 631 HOH A O   1 
HETATM 1179 O O   . HOH D 3 .   ? 1.065   -8.749  -7.810  1.00 24.11  ? 634 HOH A O   1 
HETATM 1180 O O   . HOH D 3 .   ? 0.871   -11.281 -7.188  1.00 45.34  ? 635 HOH A O   1 
HETATM 1181 O O   . HOH D 3 .   ? 8.072   17.407  5.435   1.00 18.49  ? 636 HOH A O   1 
HETATM 1182 O O   . HOH D 3 .   ? 10.008  6.775   11.099  1.00 34.24  ? 637 HOH A O   1 
HETATM 1183 O O   . HOH D 3 .   ? -13.711 1.970   -3.365  1.00 21.84  ? 638 HOH A O   1 
HETATM 1184 O O   . HOH D 3 .   ? -17.886 -2.284  4.375   1.00 44.58  ? 640 HOH A O   1 
HETATM 1185 O O   . HOH D 3 .   ? 15.755  10.137  -4.008  1.00 43.33  ? 641 HOH A O   1 
HETATM 1186 O O   . HOH D 3 .   ? 10.338  8.641   -7.125  1.00 52.18  ? 642 HOH A O   1 
HETATM 1187 O O   . HOH D 3 .   ? 11.021  5.397   -6.636  0.50 23.78  ? 643 HOH A O   1 
HETATM 1188 O O   . HOH D 3 .   ? 11.748  0.517   -5.071  1.00 25.40  ? 646 HOH A O   1 
HETATM 1189 O O   . HOH D 3 .   ? 16.145  0.469   -0.676  1.00 54.22  ? 647 HOH A O   1 
HETATM 1190 O O   . HOH D 3 .   ? 15.069  5.858   -4.641  1.00 51.25  ? 648 HOH A O   1 
HETATM 1191 O O   . HOH D 3 .   ? 12.570  -1.936  -1.125  1.00 40.41  ? 649 HOH A O   1 
HETATM 1192 O O   . HOH D 3 .   ? 9.118   -7.670  8.993   1.00 36.42  ? 650 HOH A O   1 
HETATM 1193 O O   . HOH D 3 .   ? 5.044   -5.245  10.508  1.00 39.20  ? 651 HOH A O   1 
HETATM 1194 O O   . HOH D 3 .   ? 4.475   -12.422 2.691   1.00 41.66  ? 652 HOH A O   1 
HETATM 1195 O O   . HOH D 3 .   ? 4.653   -8.253  7.379   1.00 39.85  ? 653 HOH A O   1 
HETATM 1196 O O   . HOH D 3 .   ? 0.577   -14.160 4.349   1.00 33.39  ? 655 HOH A O   1 
HETATM 1197 O O   . HOH D 3 .   ? -1.474  -9.418  -4.710  1.00 34.22  ? 656 HOH A O   1 
HETATM 1198 O O   . HOH D 3 .   ? -1.309  -7.652  -8.389  1.00 25.98  ? 657 HOH A O   1 
HETATM 1199 O O   . HOH D 3 .   ? -5.945  -19.440 3.942   1.00 38.45  ? 658 HOH A O   1 
HETATM 1200 O O   . HOH D 3 .   ? 1.492   9.245   12.573  1.00 54.41  ? 661 HOH A O   1 
HETATM 1201 O O   . HOH D 3 .   ? -4.294  7.448   10.112  1.00 53.12  ? 662 HOH A O   1 
HETATM 1202 O O   . HOH D 3 .   ? 2.125   -2.312  8.906   1.00 24.12  ? 663 HOH A O   1 
HETATM 1203 O O   . HOH D 3 .   ? 4.914   -2.420  8.984   1.00 39.80  ? 664 HOH A O   1 
HETATM 1204 O O   . HOH D 3 .   ? 8.093   11.682  10.988  1.00 39.48  ? 665 HOH A O   1 
HETATM 1205 O O   . HOH D 3 .   ? 10.348  11.500  12.615  1.00 59.67  ? 666 HOH A O   1 
HETATM 1206 O O   . HOH D 3 .   ? 6.412   9.379   11.451  1.00 45.67  ? 668 HOH A O   1 
HETATM 1207 O O   . HOH D 3 .   ? -3.410  7.803   -6.247  1.00 31.86  ? 670 HOH A O   1 
HETATM 1208 O O   . HOH D 3 .   ? 6.580   19.425  4.038   1.00 42.63  ? 672 HOH A O   1 
HETATM 1209 O O   . HOH D 3 .   ? -12.767 6.766   1.911   1.00 32.34  ? 673 HOH A O   1 
HETATM 1210 O O   . HOH D 3 .   ? -14.629 7.972   -0.476  1.00 48.80  ? 674 HOH A O   1 
HETATM 1211 O O   . HOH D 3 .   ? -14.317 5.679   -1.752  1.00 25.89  ? 675 HOH A O   1 
HETATM 1212 O O   . HOH D 3 .   ? -17.932 2.725   -2.038  1.00 54.18  ? 676 HOH A O   1 
HETATM 1213 O O   . HOH D 3 .   ? -9.474  10.794  -0.814  1.00 31.35  ? 680 HOH A O   1 
HETATM 1214 O O   . HOH D 3 .   ? -11.289 1.325   6.285   1.00 37.72  ? 681 HOH A O   1 
HETATM 1215 O O   . HOH D 3 .   ? -15.387 -1.288  5.422   1.00 52.91  ? 682 HOH A O   1 
HETATM 1216 O O   . HOH D 3 .   ? 8.887   19.882  2.258   1.00 51.86  ? 684 HOH A O   1 
HETATM 1217 O O   . HOH D 3 .   ? 2.630   16.053  9.340   1.00 41.40  ? 686 HOH A O   1 
HETATM 1218 O O   . HOH D 3 .   ? 15.676  22.676  0.645   1.00 38.68  ? 687 HOH A O   1 
HETATM 1219 O O   . HOH D 3 .   ? -3.401  -7.078  8.152   1.00 39.79  ? 688 HOH A O   1 
HETATM 1220 O O   . HOH D 3 .   ? 9.988   0.248   12.092  1.00 31.59  ? 691 HOH A O   1 
HETATM 1221 O O   . HOH D 3 .   ? -19.197 -15.249 -1.895  1.00 44.69  ? 693 HOH A O   1 
HETATM 1222 O O   . HOH D 3 .   ? -8.684  -20.723 -5.992  1.00 27.17  ? 694 HOH A O   1 
HETATM 1223 O O   . HOH D 3 .   ? -10.798 10.673  -3.493  1.00 40.57  ? 698 HOH A O   1 
HETATM 1224 O O   . HOH D 3 .   ? -21.998 -8.712  6.624   1.00 62.21  ? 700 HOH A O   1 
HETATM 1225 O O   . HOH D 3 .   ? 11.635  -5.097  7.597   1.00 55.12  ? 701 HOH A O   1 
HETATM 1226 O O   . HOH D 3 .   ? -2.454  -20.034 -2.893  1.00 38.97  ? 702 HOH A O   1 
HETATM 1227 O O   . HOH D 3 .   ? 6.277   -11.278 4.502   1.00 48.00  ? 703 HOH A O   1 
HETATM 1228 O O   . HOH D 3 .   ? 6.567   -6.878  9.166   1.00 34.59  ? 704 HOH A O   1 
HETATM 1229 O O   . HOH D 3 .   ? -0.258  -12.227 6.311   1.00 67.76  ? 705 HOH A O   1 
HETATM 1230 O O   . HOH D 3 .   ? -4.841  11.400  8.362   1.00 58.58  ? 708 HOH A O   1 
HETATM 1231 O O   . HOH D 3 .   ? 13.014  -5.505  4.951   1.00 53.98  ? 709 HOH A O   1 
HETATM 1232 O O   . HOH D 3 .   ? 1.509   -4.855  9.923   1.00 59.83  ? 712 HOH A O   1 
HETATM 1233 O O   . HOH D 3 .   ? -22.194 -8.444  -3.197  1.00 39.45  ? 716 HOH A O   1 
HETATM 1234 O O   . HOH D 3 .   ? -22.734 -5.607  -4.389  1.00 43.60  ? 717 HOH A O   1 
HETATM 1235 O O   . HOH D 3 .   ? -22.598 -4.147  -1.824  1.00 42.15  ? 718 HOH A O   1 
HETATM 1236 O O   . HOH D 3 .   ? 0.934   8.772   -6.810  1.00 38.25  ? 719 HOH A O   1 
HETATM 1237 O O   . HOH D 3 .   ? -22.342 -10.810 0.479   1.00 38.66  ? 722 HOH A O   1 
HETATM 1238 O O   . HOH D 3 .   ? 14.214  -4.570  -1.229  1.00 31.45  ? 725 HOH A O   1 
HETATM 1239 O O   . HOH D 3 .   ? 11.576  11.198  -4.361  1.00 55.60  ? 726 HOH A O   1 
HETATM 1240 O O   . HOH D 3 .   ? -13.261 -6.249  -8.850  1.00 39.57  ? 727 HOH A O   1 
HETATM 1241 O O   . HOH D 3 .   ? -21.251 -13.154 -3.065  1.00 41.49  ? 729 HOH A O   1 
HETATM 1242 O O   . HOH D 3 .   ? -2.968  -15.959 -7.742  1.00 44.62  ? 730 HOH A O   1 
HETATM 1243 O O   . HOH D 3 .   ? -7.480  -8.323  10.964  1.00 55.77  ? 732 HOH A O   1 
HETATM 1244 O O   . HOH D 3 .   ? 2.031   -8.504  8.227   1.00 51.96  ? 735 HOH A O   1 
HETATM 1245 O O   . HOH D 3 .   ? -4.200  -22.058 -3.376  1.00 50.50  ? 738 HOH A O   1 
HETATM 1246 O O   . HOH D 3 .   ? -14.675 -23.987 -1.063  1.00 53.74  ? 739 HOH A O   1 
HETATM 1247 O O   . HOH D 3 .   ? 5.588   -11.218 7.094   1.00 55.97  ? 740 HOH A O   1 
HETATM 1248 O O   . HOH D 3 .   ? -17.549 -17.397 -2.846  1.00 48.64  ? 741 HOH A O   1 
HETATM 1249 O O   . HOH D 3 .   ? -15.624 4.179   -3.393  1.00 36.77  ? 743 HOH A O   1 
HETATM 1250 O O   . HOH D 3 .   ? -10.047 -18.333 -13.309 1.00 56.25  ? 744 HOH A O   1 
HETATM 1251 O O   . HOH D 3 .   ? 1.626   -11.530 8.366   1.00 56.60  ? 745 HOH A O   1 
HETATM 1252 O O   . HOH D 3 .   ? 3.256   -13.845 4.687   1.00 54.82  ? 746 HOH A O   1 
HETATM 1253 O O   . HOH D 3 .   ? -1.126  14.858  8.402   1.00 46.38  ? 747 HOH A O   1 
HETATM 1254 O O   . HOH D 3 .   ? 7.485   7.062   12.003  1.00 64.48  ? 748 HOH A O   1 
HETATM 1255 O O   . HOH D 3 .   ? 5.371   13.855  -6.714  1.00 49.88  ? 749 HOH A O   1 
HETATM 1256 O O   . HOH D 3 .   ? -11.789 -16.978 -19.985 1.00 64.29  ? 751 HOH A O   1 
HETATM 1257 O O   . HOH D 3 .   ? -23.221 -9.084  3.220   1.00 57.66  ? 755 HOH A O   1 
# 
